data_8UCO
#
_entry.id   8UCO
#
_cell.length_a   1.00
_cell.length_b   1.00
_cell.length_c   1.00
_cell.angle_alpha   90.00
_cell.angle_beta   90.00
_cell.angle_gamma   90.00
#
_symmetry.space_group_name_H-M   'P 1'
#
loop_
_entity.id
_entity.type
_entity.pdbx_description
1 polymer 'Synaptic vesicular amine transporter'
2 polymer 'Cytochrome c oxidase subunit 1'
3 polymer 'Cytochrome c oxidase subunit 2'
4 polymer 'Cytochrome c oxidase subunit 3'
5 polymer 'Cytochrome c oxidase subunit 4'
6 polymer 'Cytochrome c oxidase subunit 5'
7 polymer 'Cytochrome c oxidase subunit 6'
8 polymer 'Cytochrome c oxidase subunit 7'
9 polymer 'Cytochrome c oxidase subunit 8'
10 polymer 'Cytochrome c oxidase subunit 9'
11 non-polymer (2S)-1-phenylpropan-2-amine
12 non-polymer 'COPPER (II) ION'
13 non-polymer HEME-A
14 non-polymer 'DINUCLEAR COPPER ION'
15 non-polymer PHOSPHATIDYLETHANOLAMINE
16 non-polymer 'ZINC ION'
#
loop_
_entity_poly.entity_id
_entity_poly.type
_entity_poly.pdbx_seq_one_letter_code
_entity_poly.pdbx_strand_id
1 'polypeptide(L)'
;MALSELALVRWLQESRRSRKLILFIVFLALLLDNMLLTVVVPIIPSYLYSIKHEKNATEIQTARPVHTASISDSFQSIFS
YYDNSTMVTGNATRDLTLHQTATQHMVTNASAVPSDCPSEDKDLLNENVQVGLLFASKATVQLITNPFIGLLTNRIGYPI
PIFAGFCIMFVSTIMFAFSSSYAFLLIARSLQGIGSSCSSVAGMGMLASVYTDDEERGNVMGIALGGLAMGVLVGPPFGS
VLYEFVGKTAPFLVLAALVLLDGAIQLFVLQPSRVQPESQKGTPLTTLLKDPYILIAAGSICFANMGIAMLEPALPIWMM
ETMCSRKWQLGVAFLPASISYLIGTNIFGILAHKMGRWLCALLGMIIVGVSILCIPFAKNIYGLIAPNFGVGFAIGMVDS
SMMPIMGYLVDLRHVSVYGSVYAIADVAFCMGYAIGPSAGGAIAKAIGFPWLMTIIGIIDILFAPLCFFLRSPPAKEEKM
AILMDHNCPIKTKMYTQNNIQSYPIGEDEESESD
;
A
2 'polypeptide(L)'
;MNYINRWLFSTNAKDIAVLYFIFALFCGLLGSIMSLILRLELSAPGNQILMGNHQLFNVVATAHAVLMVFFLVMPAAIGF
FGNYLLPLMIGASDMSFARLNNISFWLLPPALVSLLASALIENGAGTGWTVYPPLAGVQSHSGPSVDLAIFALHLTSISS
LLGAINFITTTLNMRTIGMTMSKLPLFVWAVVFTSILLLLSLPVLSAGVTLLLLDRNFNTSFFEPAGGGDPILYQHLFWF
FGHPEVYILIIPGFGIISHIVSTYSKKPVFGAIGMVYAMGSIGFLGLLVWSHHMYTVGLDVDSRAYFTSATMVIAVPTGI
KIFSWLATLYGGSIRYTTPMLYAFAFLFLFTVGGLSGVVLSNASLDIAFHDTYYVIGHFHYVLSLGAVFSLFAGYYYWSP
LITGLYYNNNLANIQFWLLFIGTNVTFFPMHFLGLNGMPRRIPDYPDAFAGWNAISSFGSLISIISVILFAYVIYDQLVN
GLTNKQLSTNSLFKNPDFIESNIIFNDNSIKSSSIDFLLTSPPLPHTFNTPAIQS
;
a
3 'polypeptide(L)'
;DVPTPWGIFFQDSATPNMEGIIELHNNIMFYLVLILTFVSYILYTIIYNYSNATIVHKYMNHGQLIEIVWTTLPAVILLI
IAFPSFILLYLCDEVISPAMTIKAIGLQWYWKYEYSDFINDDGEIVEFESYVIPEELLEDGQLRLLDVDASVVVPVDTHI
RFIVSSADVIHDFCVPALGVKVDASPGRLNQTSALIQREGVYYGQCSELCGVMHSAMPIKIEAVSLYEFINWLDEQ
;
b
4 'polypeptide(L)'
;MRIQNRENLQLFPFHLVTNSPWPLTTSLALMSLALTLGLTMHGYIGNHLWLFLAISLVLSSIFLWVRDVVIEGTYLGDHT
IAVRKGLNIGFMLFVLSEILIFAALFWSYFHSAMGPTIEIGCQWPPVGITSIKPTELPLLNTIILLASGATVTWAHHSIL
YKDRQGTLVGLFITTLLIILFVGCQVLEYTWATFTIADSVFGSIFYAGTGLHFIHMVMLIVMLAICYARMYFYHFTSNHH
LGLETTILYLHVLDIIWLFLYIVFYWWG
;
c
5 'polypeptide(L)'
;QFKTATSIAEVEGLENLVGPGAKTGTVPTDLEQATGLERYELLGKLEGIEVFDETPLEAVRKGTMKDPILIDSYDDYRYV
GCTGVPADSHNIEWLKPTTEKNARCWECGSVYKLNFL
;
d
6 'polypeptide(L)'
;NATVTNLEKRWEDLPETDQKDIISQLSERQKLPWKDLTLSEKKAAWYISFGEWGPRRPVHTKEDKLYIFWGTVIGIVISA
TIFGAFRYNRNVPKTMNREWQAASDEYLKSKNAEPFTGYSQIQS
;
e
7 'polypeptide(L)'
;EETYEEFSQRYEKEFDEAYDLFEVQRVLNNCFSYDIVPSPAVIGKALNACRRVNDYATAVRVFEGLKHKVETKEQYDAYL
EELKDVREELGIDLKEELFP
;
f
8 'polypeptide(L)' TATEKIIELQKFYQSTNKPIYAAHPRSKYYLIPYFGLLGVSVAATLFYTGRACFGIKD g
9 'polypeptide(L)' DVGPYSNLPFKVKNRRVPYAVPHFLFFAIGMGIPFFACYVQLKRSGSI h
10 'polypeptide(L)' SLTRIQGSVKRRILTDISVGLTLGFGFASYWWWGVHKPTVAHRENYYIELAKKKKA i
#
loop_
_chem_comp.id
_chem_comp.type
_chem_comp.name
_chem_comp.formula
1WE non-polymer (2S)-1-phenylpropan-2-amine 'C9 H13 N'
CU non-polymer 'COPPER (II) ION' 'Cu 2'
CUA non-polymer 'DINUCLEAR COPPER ION' Cu2
HEA non-polymer HEME-A 'C49 H56 Fe N4 O6'
PTY non-polymer PHOSPHATIDYLETHANOLAMINE 'C40 H80 N O8 P'
ZN non-polymer 'ZINC ION' 'Zn 2'
#
# COMPACT_ATOMS: atom_id res chain seq x y z
N SER A 18 -23.74 -1.71 22.01
CA SER A 18 -23.75 -2.09 23.42
C SER A 18 -22.60 -1.45 24.17
N ARG A 19 -21.94 -2.21 25.03
CA ARG A 19 -20.87 -1.66 25.85
C ARG A 19 -19.68 -1.16 25.03
N LYS A 20 -19.30 -1.89 23.99
CA LYS A 20 -18.19 -1.48 23.15
C LYS A 20 -18.48 -0.18 22.42
N LEU A 21 -19.72 -0.01 21.97
CA LEU A 21 -20.10 1.22 21.28
C LEU A 21 -20.00 2.42 22.20
N ILE A 22 -20.36 2.24 23.47
CA ILE A 22 -20.31 3.34 24.42
C ILE A 22 -18.86 3.81 24.47
N LEU A 23 -17.91 2.89 24.46
CA LEU A 23 -16.49 3.26 24.44
C LEU A 23 -16.04 4.04 23.20
N PHE A 24 -16.47 3.62 22.02
CA PHE A 24 -16.05 4.29 20.79
C PHE A 24 -16.42 5.75 20.85
N ILE A 25 -17.58 6.06 21.38
CA ILE A 25 -18.07 7.43 21.50
C ILE A 25 -17.18 8.24 22.42
N VAL A 26 -16.78 7.64 23.55
CA VAL A 26 -15.88 8.35 24.46
C VAL A 26 -14.53 8.60 23.80
N PHE A 27 -14.05 7.65 23.01
CA PHE A 27 -12.81 7.83 22.27
C PHE A 27 -12.88 9.02 21.34
N LEU A 28 -13.96 9.11 20.55
CA LEU A 28 -14.11 10.22 19.63
C LEU A 28 -14.21 11.55 20.37
N ALA A 29 -15.03 11.58 21.43
CA ALA A 29 -15.23 12.83 22.17
C ALA A 29 -13.92 13.30 22.81
N LEU A 30 -13.18 12.38 23.41
CA LEU A 30 -11.95 12.77 24.08
C LEU A 30 -10.85 13.12 23.08
N LEU A 31 -10.88 12.49 21.90
CA LEU A 31 -9.95 12.86 20.84
C LEU A 31 -10.20 14.28 20.34
N LEU A 32 -11.48 14.64 20.22
CA LEU A 32 -11.83 15.92 19.60
C LEU A 32 -11.24 17.10 20.36
N ASP A 33 -11.31 17.07 21.69
CA ASP A 33 -10.88 18.22 22.49
C ASP A 33 -9.39 18.50 22.29
N ASN A 34 -8.55 17.47 22.37
CA ASN A 34 -7.13 17.68 22.16
C ASN A 34 -6.80 17.98 20.70
N MET A 35 -7.60 17.47 19.76
CA MET A 35 -7.41 17.84 18.37
C MET A 35 -7.65 19.34 18.18
N LEU A 36 -8.68 19.88 18.83
CA LEU A 36 -8.93 21.32 18.77
C LEU A 36 -7.82 22.09 19.49
N LEU A 37 -7.29 21.56 20.59
CA LEU A 37 -6.21 22.24 21.33
C LEU A 37 -5.08 22.56 20.40
N THR A 38 -4.62 21.56 19.68
CA THR A 38 -3.54 21.75 18.73
C THR A 38 -3.89 22.67 17.58
N VAL A 39 -5.13 22.60 17.10
CA VAL A 39 -5.49 23.40 15.93
C VAL A 39 -5.41 24.91 16.13
N VAL A 40 -5.74 25.41 17.33
CA VAL A 40 -5.78 26.87 17.57
C VAL A 40 -6.79 27.47 16.59
N VAL A 41 -6.40 28.52 15.86
CA VAL A 41 -7.29 29.14 14.87
C VAL A 41 -8.76 29.14 15.29
N LEU A 133 -3.75 30.49 23.38
CA LEU A 133 -4.38 31.64 22.77
C LEU A 133 -5.84 31.33 22.67
N LEU A 134 -6.28 30.97 21.48
CA LEU A 134 -7.68 30.58 21.33
C LEU A 134 -7.84 29.33 22.19
N PHE A 135 -6.82 28.46 22.20
CA PHE A 135 -6.87 27.29 23.07
C PHE A 135 -6.88 27.68 24.55
N ALA A 136 -6.15 28.73 24.89
CA ALA A 136 -6.15 29.20 26.28
C ALA A 136 -7.56 29.61 26.61
N SER A 137 -8.20 30.27 25.67
CA SER A 137 -9.55 30.67 25.91
C SER A 137 -10.47 29.47 26.06
N LYS A 138 -10.28 28.45 25.23
CA LYS A 138 -11.17 27.29 25.26
C LYS A 138 -11.12 26.57 26.59
N ALA A 139 -9.95 26.43 27.15
CA ALA A 139 -9.80 25.73 28.42
C ALA A 139 -10.49 26.38 29.61
N THR A 140 -10.39 27.70 29.73
CA THR A 140 -11.00 28.36 30.84
C THR A 140 -12.44 28.12 30.68
N VAL A 141 -12.90 28.14 29.43
CA VAL A 141 -14.33 28.02 29.19
C VAL A 141 -14.80 26.71 29.74
N GLN A 142 -14.00 25.68 29.57
CA GLN A 142 -14.36 24.38 30.06
C GLN A 142 -14.51 24.31 31.57
N LEU A 143 -13.62 24.97 32.30
CA LEU A 143 -13.65 24.97 33.77
C LEU A 143 -14.89 25.58 34.24
N ILE A 144 -15.27 26.63 33.56
CA ILE A 144 -16.42 27.33 33.99
C ILE A 144 -17.66 26.49 33.90
N THR A 145 -17.84 25.76 32.81
CA THR A 145 -19.09 25.01 32.61
C THR A 145 -19.11 23.55 33.03
N ASN A 146 -17.97 22.98 33.36
CA ASN A 146 -17.93 21.62 33.79
C ASN A 146 -18.72 21.32 35.06
N PRO A 147 -18.65 22.19 36.06
CA PRO A 147 -19.34 21.78 37.28
C PRO A 147 -20.78 21.55 37.05
N PHE A 148 -21.40 22.33 36.19
CA PHE A 148 -22.83 22.23 36.01
C PHE A 148 -23.25 20.88 35.57
N ILE A 149 -22.42 20.18 34.82
CA ILE A 149 -22.85 18.91 34.25
C ILE A 149 -23.24 17.87 35.28
N GLY A 150 -22.75 17.99 36.49
CA GLY A 150 -23.14 17.07 37.53
C GLY A 150 -24.63 17.09 37.78
N LEU A 151 -25.24 18.26 37.81
CA LEU A 151 -26.68 18.32 37.94
C LEU A 151 -27.37 17.68 36.74
N LEU A 152 -26.91 18.01 35.53
CA LEU A 152 -27.55 17.48 34.30
C LEU A 152 -27.44 16.00 34.13
N THR A 153 -26.27 15.45 34.44
CA THR A 153 -26.09 14.04 34.27
C THR A 153 -27.01 13.28 35.18
N ASN A 154 -27.18 13.74 36.41
CA ASN A 154 -27.98 12.97 37.34
C ASN A 154 -29.41 12.91 36.91
N ARG A 155 -29.93 14.02 36.40
CA ARG A 155 -31.36 14.05 36.05
C ARG A 155 -31.72 13.61 34.62
N ILE A 156 -31.28 14.33 33.60
CA ILE A 156 -31.53 13.93 32.21
C ILE A 156 -30.81 12.65 31.82
N GLY A 157 -29.57 12.49 32.24
CA GLY A 157 -28.79 11.34 31.87
C GLY A 157 -27.71 11.79 30.90
N TYR A 158 -26.81 10.90 30.50
CA TYR A 158 -25.72 11.19 29.55
C TYR A 158 -26.13 11.22 28.09
N PRO A 159 -26.90 10.25 27.55
CA PRO A 159 -26.99 10.12 26.08
C PRO A 159 -27.53 11.34 25.35
N ILE A 160 -28.48 12.07 25.93
CA ILE A 160 -28.97 13.29 25.28
C ILE A 160 -27.87 14.33 25.16
N PRO A 161 -27.16 14.71 26.24
CA PRO A 161 -26.04 15.65 26.07
C PRO A 161 -24.93 15.15 25.17
N ILE A 162 -24.67 13.83 25.16
CA ILE A 162 -23.49 13.32 24.47
C ILE A 162 -23.54 13.65 22.98
N PHE A 163 -24.66 13.33 22.33
CA PHE A 163 -24.74 13.56 20.88
C PHE A 163 -24.99 15.03 20.57
N ALA A 164 -25.61 15.76 21.49
CA ALA A 164 -25.81 17.18 21.27
C ALA A 164 -24.48 17.93 21.26
N GLY A 165 -23.53 17.49 22.08
CA GLY A 165 -22.22 18.13 22.10
C GLY A 165 -21.53 18.07 20.74
N PHE A 166 -21.69 16.96 20.03
CA PHE A 166 -21.04 16.81 18.73
C PHE A 166 -21.62 17.80 17.71
N CYS A 167 -22.94 17.97 17.69
CA CYS A 167 -23.52 18.91 16.73
C CYS A 167 -23.21 20.35 17.12
N ILE A 168 -23.11 20.63 18.43
CA ILE A 168 -22.67 21.96 18.84
C ILE A 168 -21.25 22.22 18.38
N MET A 169 -20.39 21.20 18.46
CA MET A 169 -19.03 21.34 17.95
C MET A 169 -19.02 21.59 16.45
N PHE A 170 -19.89 20.88 15.72
CA PHE A 170 -19.97 21.06 14.27
C PHE A 170 -20.42 22.47 13.91
N VAL A 171 -21.43 22.99 14.61
CA VAL A 171 -21.88 24.35 14.32
C VAL A 171 -20.81 25.36 14.74
N SER A 172 -20.04 25.03 15.78
CA SER A 172 -18.92 25.90 16.17
C SER A 172 -17.87 25.99 15.07
N THR A 173 -17.49 24.84 14.49
CA THR A 173 -16.49 24.88 13.42
C THR A 173 -17.08 25.53 12.16
N ILE A 174 -18.39 25.39 11.95
CA ILE A 174 -19.03 26.12 10.87
C ILE A 174 -18.93 27.62 11.09
N MET A 175 -19.10 28.06 12.35
CA MET A 175 -18.90 29.47 12.67
C MET A 175 -17.45 29.89 12.45
N PHE A 176 -16.51 29.00 12.75
CA PHE A 176 -15.11 29.25 12.41
C PHE A 176 -14.96 29.53 10.92
N ALA A 177 -15.57 28.68 10.08
CA ALA A 177 -15.46 28.86 8.63
C ALA A 177 -16.12 30.16 8.18
N PHE A 178 -17.26 30.50 8.78
CA PHE A 178 -18.02 31.66 8.31
C PHE A 178 -17.29 32.97 8.58
N SER A 179 -16.81 33.17 9.80
CA SER A 179 -16.29 34.45 10.25
C SER A 179 -14.81 34.34 10.59
N SER A 180 -14.02 35.27 10.08
CA SER A 180 -12.59 35.34 10.38
C SER A 180 -12.25 36.35 11.45
N SER A 181 -13.24 37.04 12.01
CA SER A 181 -12.97 38.04 13.04
C SER A 181 -12.44 37.39 14.31
N TYR A 182 -11.54 38.10 15.00
CA TYR A 182 -10.92 37.56 16.20
C TYR A 182 -11.95 37.33 17.29
N ALA A 183 -12.90 38.26 17.46
CA ALA A 183 -13.96 38.06 18.44
C ALA A 183 -14.82 36.85 18.08
N PHE A 184 -15.14 36.68 16.79
CA PHE A 184 -15.89 35.52 16.37
C PHE A 184 -15.11 34.23 16.62
N LEU A 185 -13.79 34.27 16.39
CA LEU A 185 -12.97 33.10 16.69
C LEU A 185 -12.98 32.77 18.18
N LEU A 186 -12.92 33.80 19.03
CA LEU A 186 -12.99 33.57 20.47
C LEU A 186 -14.32 32.98 20.89
N ILE A 187 -15.42 33.49 20.31
CA ILE A 187 -16.74 32.95 20.63
C ILE A 187 -16.85 31.51 20.14
N ALA A 188 -16.29 31.22 18.97
CA ALA A 188 -16.30 29.85 18.46
C ALA A 188 -15.52 28.93 19.38
N ARG A 189 -14.36 29.37 19.87
CA ARG A 189 -13.61 28.57 20.83
C ARG A 189 -14.40 28.37 22.12
N SER A 190 -15.13 29.40 22.56
CA SER A 190 -15.93 29.27 23.78
C SER A 190 -17.03 28.22 23.62
N LEU A 191 -17.79 28.30 22.52
CA LEU A 191 -18.83 27.31 22.28
C LEU A 191 -18.23 25.92 22.08
N GLN A 192 -17.08 25.85 21.41
CA GLN A 192 -16.41 24.58 21.18
C GLN A 192 -15.99 23.95 22.50
N GLY A 193 -15.46 24.76 23.42
CA GLY A 193 -15.10 24.26 24.73
C GLY A 193 -16.31 23.84 25.55
N ILE A 194 -17.42 24.57 25.42
CA ILE A 194 -18.65 24.18 26.10
C ILE A 194 -19.09 22.78 25.63
N GLY A 195 -19.13 22.58 24.32
CA GLY A 195 -19.50 21.28 23.79
C GLY A 195 -18.52 20.20 24.20
N SER A 196 -17.23 20.52 24.21
CA SER A 196 -16.22 19.55 24.62
C SER A 196 -16.41 19.15 26.07
N SER A 197 -16.66 20.12 26.95
CA SER A 197 -16.86 19.81 28.36
C SER A 197 -18.08 18.93 28.56
N CYS A 198 -19.19 19.29 27.92
CA CYS A 198 -20.40 18.49 28.06
C CYS A 198 -20.18 17.07 27.56
N SER A 199 -19.56 16.92 26.38
CA SER A 199 -19.33 15.60 25.82
C SER A 199 -18.40 14.77 26.70
N SER A 200 -17.31 15.36 27.18
CA SER A 200 -16.36 14.62 27.99
C SER A 200 -17.00 14.15 29.31
N VAL A 201 -17.71 15.06 30.00
CA VAL A 201 -18.33 14.69 31.26
C VAL A 201 -19.38 13.60 31.05
N ALA A 202 -20.24 13.78 30.04
CA ALA A 202 -21.28 12.79 29.80
C ALA A 202 -20.71 11.44 29.39
N GLY A 203 -19.66 11.45 28.56
CA GLY A 203 -19.04 10.20 28.16
C GLY A 203 -18.39 9.46 29.31
N MET A 204 -17.66 10.18 30.16
CA MET A 204 -17.06 9.55 31.33
C MET A 204 -18.13 8.96 32.24
N GLY A 205 -19.19 9.71 32.51
CA GLY A 205 -20.25 9.20 33.35
C GLY A 205 -20.93 7.97 32.77
N MET A 206 -21.23 8.01 31.47
CA MET A 206 -21.93 6.88 30.84
C MET A 206 -21.04 5.64 30.80
N LEU A 207 -19.76 5.81 30.47
CA LEU A 207 -18.87 4.67 30.43
C LEU A 207 -18.67 4.08 31.82
N ALA A 208 -18.65 4.94 32.84
CA ALA A 208 -18.62 4.43 34.21
C ALA A 208 -19.90 3.67 34.53
N SER A 209 -21.04 4.17 34.06
CA SER A 209 -22.31 3.52 34.36
C SER A 209 -22.38 2.14 33.74
N VAL A 210 -21.92 2.00 32.50
CA VAL A 210 -22.06 0.72 31.79
C VAL A 210 -21.23 -0.36 32.45
N TYR A 211 -19.96 -0.07 32.77
CA TYR A 211 -19.06 -1.05 33.36
C TYR A 211 -19.07 -0.89 34.88
N THR A 212 -19.91 -1.70 35.52
CA THR A 212 -20.02 -1.63 36.98
C THR A 212 -18.75 -2.12 37.66
N ASP A 213 -18.22 -3.26 37.20
CA ASP A 213 -17.05 -3.85 37.84
C ASP A 213 -15.83 -2.95 37.68
N ASP A 214 -15.00 -2.91 38.71
CA ASP A 214 -13.85 -2.01 38.72
C ASP A 214 -12.83 -2.38 37.64
N GLU A 215 -12.55 -3.68 37.50
CA GLU A 215 -11.51 -4.11 36.56
C GLU A 215 -11.87 -3.78 35.13
N GLU A 216 -13.14 -4.00 34.75
CA GLU A 216 -13.57 -3.63 33.41
C GLU A 216 -13.46 -2.13 33.18
N ARG A 217 -13.78 -1.34 34.21
CA ARG A 217 -13.62 0.11 34.11
C ARG A 217 -12.17 0.48 33.86
N GLY A 218 -11.25 -0.14 34.61
CA GLY A 218 -9.84 0.13 34.38
C GLY A 218 -9.39 -0.28 33.00
N ASN A 219 -9.97 -1.36 32.47
CA ASN A 219 -9.65 -1.78 31.11
C ASN A 219 -10.10 -0.75 30.09
N VAL A 220 -11.32 -0.21 30.26
CA VAL A 220 -11.90 0.65 29.24
C VAL A 220 -11.33 2.07 29.31
N MET A 221 -10.92 2.51 30.51
CA MET A 221 -10.46 3.89 30.65
C MET A 221 -9.22 4.15 29.81
N GLY A 222 -8.32 3.17 29.71
CA GLY A 222 -7.13 3.35 28.91
C GLY A 222 -7.43 3.56 27.44
N ILE A 223 -8.32 2.72 26.89
CA ILE A 223 -8.70 2.86 25.48
C ILE A 223 -9.42 4.18 25.27
N ALA A 224 -10.22 4.61 26.26
CA ALA A 224 -10.89 5.90 26.14
C ALA A 224 -9.87 7.04 26.09
N LEU A 225 -8.95 7.08 27.04
CA LEU A 225 -7.94 8.13 27.09
C LEU A 225 -6.97 8.07 25.92
N GLY A 226 -6.89 6.94 25.21
CA GLY A 226 -6.05 6.89 24.03
C GLY A 226 -6.42 7.92 22.98
N GLY A 227 -7.72 8.18 22.82
CA GLY A 227 -8.14 9.23 21.90
C GLY A 227 -7.66 10.60 22.33
N LEU A 228 -7.48 10.80 23.64
CA LEU A 228 -6.95 12.05 24.14
C LEU A 228 -5.57 12.34 23.54
N ALA A 229 -4.73 11.31 23.45
CA ALA A 229 -3.43 11.48 22.80
C ALA A 229 -3.58 11.51 21.28
N MET A 230 -4.50 10.72 20.74
CA MET A 230 -4.66 10.62 19.29
C MET A 230 -5.06 11.97 18.69
N GLY A 231 -5.86 12.74 19.41
CA GLY A 231 -6.28 14.04 18.92
C GLY A 231 -5.11 15.00 18.73
N VAL A 232 -4.06 14.84 19.54
CA VAL A 232 -2.90 15.70 19.42
C VAL A 232 -2.23 15.52 18.07
N LEU A 233 -1.99 14.27 17.67
CA LEU A 233 -1.31 14.00 16.41
C LEU A 233 -2.23 14.17 15.21
N VAL A 234 -3.51 13.83 15.36
CA VAL A 234 -4.38 13.70 14.19
C VAL A 234 -4.65 15.06 13.57
N GLY A 235 -4.98 16.07 14.39
CA GLY A 235 -5.43 17.34 13.86
C GLY A 235 -4.71 18.61 14.29
N PRO A 236 -3.38 18.62 14.35
CA PRO A 236 -2.69 19.88 14.68
C PRO A 236 -2.95 20.95 13.62
N PRO A 237 -2.66 20.68 12.33
CA PRO A 237 -3.14 21.61 11.29
C PRO A 237 -4.48 21.16 10.72
N PHE A 238 -5.50 21.10 11.55
CA PHE A 238 -6.78 20.55 11.11
C PHE A 238 -7.59 21.61 10.36
N GLY A 239 -7.94 21.30 9.12
CA GLY A 239 -8.70 22.27 8.33
C GLY A 239 -7.94 23.54 8.04
N SER A 240 -6.69 23.41 7.60
CA SER A 240 -5.86 24.58 7.34
C SER A 240 -6.42 25.42 6.19
N VAL A 241 -5.75 26.53 5.92
CA VAL A 241 -6.19 27.50 4.92
C VAL A 241 -6.32 26.84 3.56
N LEU A 242 -5.35 26.01 3.18
CA LEU A 242 -5.43 25.30 1.93
C LEU A 242 -6.51 24.22 1.99
N TYR A 243 -7.21 24.03 0.87
CA TYR A 243 -8.28 23.05 0.81
C TYR A 243 -7.78 21.62 0.92
N GLU A 244 -6.49 21.39 0.64
CA GLU A 244 -5.95 20.04 0.66
C GLU A 244 -6.07 19.40 2.03
N PHE A 245 -5.91 20.19 3.10
CA PHE A 245 -6.06 19.65 4.44
C PHE A 245 -7.51 19.27 4.73
N VAL A 246 -8.46 20.06 4.26
CA VAL A 246 -9.86 19.70 4.39
C VAL A 246 -10.15 18.40 3.65
N GLY A 247 -9.60 18.26 2.44
CA GLY A 247 -9.76 17.02 1.70
C GLY A 247 -9.15 15.83 2.41
N LYS A 248 -7.98 16.00 3.02
CA LYS A 248 -7.34 14.89 3.71
C LYS A 248 -8.10 14.51 4.98
N THR A 249 -8.69 15.49 5.67
CA THR A 249 -9.43 15.20 6.88
C THR A 249 -10.87 14.79 6.63
N ALA A 250 -11.35 14.90 5.39
CA ALA A 250 -12.70 14.43 5.07
C ALA A 250 -12.93 12.96 5.38
N PRO A 251 -12.05 12.03 5.00
CA PRO A 251 -12.32 10.60 5.29
C PRO A 251 -12.50 10.28 6.76
N PHE A 252 -11.71 10.91 7.63
CA PHE A 252 -11.86 10.63 9.06
C PHE A 252 -13.15 11.22 9.61
N LEU A 253 -13.55 12.39 9.11
CA LEU A 253 -14.83 12.96 9.49
C LEU A 253 -15.98 12.04 9.10
N VAL A 254 -15.88 11.43 7.91
CA VAL A 254 -16.93 10.50 7.47
C VAL A 254 -17.00 9.30 8.40
N LEU A 255 -15.85 8.78 8.83
CA LEU A 255 -15.84 7.65 9.74
C LEU A 255 -16.48 8.02 11.07
N ALA A 256 -16.14 9.21 11.59
CA ALA A 256 -16.76 9.67 12.82
C ALA A 256 -18.27 9.78 12.68
N ALA A 257 -18.73 10.31 11.55
CA ALA A 257 -20.17 10.43 11.32
C ALA A 257 -20.85 9.07 11.28
N LEU A 258 -20.23 8.09 10.61
CA LEU A 258 -20.86 6.78 10.52
C LEU A 258 -20.93 6.09 11.87
N VAL A 259 -19.87 6.19 12.68
CA VAL A 259 -19.92 5.56 13.99
C VAL A 259 -20.92 6.26 14.90
N LEU A 260 -21.01 7.60 14.80
CA LEU A 260 -22.04 8.31 15.56
C LEU A 260 -23.44 7.92 15.12
N LEU A 261 -23.64 7.69 13.82
CA LEU A 261 -24.93 7.23 13.34
C LEU A 261 -25.26 5.85 13.89
N ASP A 262 -24.26 4.98 14.02
CA ASP A 262 -24.47 3.69 14.67
C ASP A 262 -24.92 3.88 16.12
N GLY A 263 -24.27 4.79 16.83
CA GLY A 263 -24.69 5.08 18.19
C GLY A 263 -26.13 5.58 18.26
N ALA A 264 -26.49 6.47 17.34
CA ALA A 264 -27.86 6.99 17.31
C ALA A 264 -28.87 5.88 17.04
N ILE A 265 -28.56 4.98 16.13
CA ILE A 265 -29.47 3.86 15.86
C ILE A 265 -29.64 3.00 17.09
N GLN A 266 -28.53 2.70 17.78
CA GLN A 266 -28.64 1.83 18.97
C GLN A 266 -29.47 2.50 20.06
N LEU A 267 -29.12 3.73 20.44
CA LEU A 267 -29.70 4.30 21.65
C LEU A 267 -31.15 4.73 21.45
N PHE A 268 -31.47 5.35 20.31
CA PHE A 268 -32.76 6.00 20.13
C PHE A 268 -33.75 5.16 19.32
N VAL A 269 -33.39 4.78 18.10
CA VAL A 269 -34.35 4.11 17.22
C VAL A 269 -34.71 2.74 17.75
N LEU A 270 -33.73 1.97 18.18
CA LEU A 270 -33.95 0.62 18.68
C LEU A 270 -33.87 0.61 20.19
N GLN A 271 -34.49 -0.41 20.79
CA GLN A 271 -34.41 -0.56 22.23
C GLN A 271 -32.99 -0.97 22.63
N PRO A 272 -32.35 -0.24 23.54
CA PRO A 272 -30.98 -0.54 23.98
C PRO A 272 -30.88 -1.85 24.75
N SER A 279 -31.04 9.77 42.45
CA SER A 279 -31.07 10.33 43.79
C SER A 279 -30.36 11.68 43.83
N GLN A 280 -29.72 11.96 44.96
CA GLN A 280 -28.99 13.21 45.17
C GLN A 280 -27.55 12.91 45.56
N LYS A 281 -26.62 13.68 45.02
CA LYS A 281 -25.22 13.51 45.40
C LYS A 281 -24.96 14.23 46.73
N GLY A 282 -24.19 13.58 47.60
CA GLY A 282 -23.75 14.20 48.84
C GLY A 282 -22.29 14.56 48.74
N THR A 283 -21.74 15.05 49.85
CA THR A 283 -20.30 15.34 49.93
C THR A 283 -19.91 16.38 48.88
N PRO A 284 -20.24 17.65 49.10
CA PRO A 284 -19.96 18.69 48.10
C PRO A 284 -18.49 18.75 47.71
N LEU A 285 -18.22 19.57 46.70
CA LEU A 285 -16.89 19.65 46.13
C LEU A 285 -15.86 20.09 47.17
N THR A 286 -16.17 21.12 47.95
CA THR A 286 -15.28 21.51 49.04
C THR A 286 -15.25 20.45 50.12
N THR A 287 -16.42 19.91 50.47
CA THR A 287 -16.47 18.80 51.42
C THR A 287 -15.71 17.59 50.89
N LEU A 288 -15.80 17.34 49.59
CA LEU A 288 -15.03 16.27 48.98
C LEU A 288 -13.53 16.54 49.11
N LEU A 289 -13.13 17.80 48.93
CA LEU A 289 -11.72 18.15 49.11
C LEU A 289 -11.28 17.92 50.54
N LYS A 290 -12.19 18.12 51.51
CA LYS A 290 -11.85 17.90 52.91
C LYS A 290 -11.36 16.48 53.15
N ASP A 291 -11.86 15.52 52.39
CA ASP A 291 -11.28 14.19 52.41
C ASP A 291 -9.90 14.23 51.76
N PRO A 292 -8.85 13.83 52.45
CA PRO A 292 -7.50 13.96 51.87
C PRO A 292 -7.27 13.06 50.68
N TYR A 293 -7.89 11.88 50.64
CA TYR A 293 -7.67 10.96 49.53
C TYR A 293 -8.13 11.55 48.21
N ILE A 294 -9.28 12.22 48.22
CA ILE A 294 -9.79 12.85 47.01
C ILE A 294 -8.81 13.91 46.51
N LEU A 295 -8.32 14.75 47.44
CA LEU A 295 -7.39 15.80 47.05
C LEU A 295 -6.12 15.21 46.47
N ILE A 296 -5.58 14.16 47.10
CA ILE A 296 -4.34 13.56 46.62
C ILE A 296 -4.53 12.98 45.23
N ALA A 297 -5.58 12.17 45.06
CA ALA A 297 -5.81 11.51 43.78
C ALA A 297 -6.06 12.51 42.66
N ALA A 298 -6.87 13.53 42.94
CA ALA A 298 -7.14 14.54 41.91
C ALA A 298 -5.89 15.36 41.60
N GLY A 299 -5.10 15.71 42.62
CA GLY A 299 -4.01 16.64 42.41
C GLY A 299 -2.81 16.00 41.75
N SER A 300 -2.66 14.68 41.90
CA SER A 300 -1.51 14.01 41.29
C SER A 300 -1.53 14.17 39.77
N ILE A 301 -2.69 13.98 39.15
CA ILE A 301 -2.81 14.16 37.71
C ILE A 301 -2.49 15.60 37.34
N CYS A 302 -2.97 16.56 38.14
CA CYS A 302 -2.74 17.96 37.83
C CYS A 302 -1.26 18.30 37.86
N PHE A 303 -0.54 17.82 38.87
CA PHE A 303 0.89 18.06 38.93
C PHE A 303 1.61 17.42 37.75
N ALA A 304 1.24 16.18 37.43
CA ALA A 304 1.91 15.47 36.34
C ALA A 304 1.72 16.18 35.00
N ASN A 305 0.50 16.66 34.73
CA ASN A 305 0.28 17.41 33.50
C ASN A 305 0.96 18.76 33.53
N MET A 306 0.94 19.43 34.70
CA MET A 306 1.51 20.77 34.80
C MET A 306 3.00 20.76 34.50
N GLY A 307 3.71 19.74 34.98
CA GLY A 307 5.14 19.68 34.72
C GLY A 307 5.47 19.64 33.24
N ILE A 308 4.84 18.74 32.49
CA ILE A 308 5.12 18.64 31.07
C ILE A 308 4.60 19.86 30.33
N ALA A 309 3.46 20.40 30.75
CA ALA A 309 2.90 21.56 30.06
C ALA A 309 3.84 22.76 30.18
N MET A 310 4.45 22.94 31.34
CA MET A 310 5.45 23.99 31.48
C MET A 310 6.74 23.64 30.75
N LEU A 311 7.07 22.34 30.66
CA LEU A 311 8.28 21.93 29.96
C LEU A 311 8.20 22.23 28.46
N GLU A 312 7.03 22.01 27.85
CA GLU A 312 6.93 22.04 26.39
C GLU A 312 7.33 23.36 25.75
N PRO A 313 6.80 24.51 26.17
CA PRO A 313 7.12 25.74 25.43
C PRO A 313 8.58 26.15 25.51
N ALA A 314 9.19 26.05 26.69
CA ALA A 314 10.56 26.54 26.87
C ALA A 314 11.58 25.58 26.26
N LEU A 315 11.20 24.32 26.05
CA LEU A 315 12.16 23.32 25.57
C LEU A 315 12.76 23.64 24.21
N PRO A 316 11.98 23.98 23.17
CA PRO A 316 12.60 24.24 21.87
C PRO A 316 13.61 25.38 21.87
N ILE A 317 13.37 26.42 22.68
CA ILE A 317 14.33 27.52 22.77
C ILE A 317 15.65 27.04 23.36
N TRP A 318 15.58 26.22 24.41
CA TRP A 318 16.78 25.68 25.05
C TRP A 318 17.40 24.58 24.20
N GLY A 331 8.54 20.45 18.77
CA GLY A 331 7.43 19.65 18.30
C GLY A 331 7.86 18.27 17.81
N VAL A 332 9.00 18.22 17.12
CA VAL A 332 9.50 16.93 16.62
C VAL A 332 9.86 16.02 17.79
N ALA A 333 10.47 16.56 18.84
CA ALA A 333 10.81 15.76 20.01
C ALA A 333 9.56 15.23 20.70
N PHE A 334 8.52 16.05 20.77
CA PHE A 334 7.29 15.65 21.46
C PHE A 334 6.53 14.56 20.71
N LEU A 335 6.87 14.30 19.45
CA LEU A 335 6.15 13.29 18.68
C LEU A 335 6.24 11.89 19.28
N PRO A 336 7.42 11.39 19.69
CA PRO A 336 7.46 10.06 20.33
C PRO A 336 6.62 9.97 21.59
N ALA A 337 6.46 11.09 22.31
CA ALA A 337 5.66 11.07 23.52
C ALA A 337 4.20 10.72 23.22
N SER A 338 3.72 11.04 22.02
CA SER A 338 2.34 10.68 21.67
C SER A 338 2.15 9.17 21.65
N ILE A 339 3.10 8.44 21.04
CA ILE A 339 3.02 6.98 21.01
C ILE A 339 3.26 6.42 22.41
N SER A 340 4.18 7.02 23.15
CA SER A 340 4.48 6.54 24.50
C SER A 340 3.25 6.63 25.39
N TYR A 341 2.51 7.74 25.31
CA TYR A 341 1.30 7.89 26.10
C TYR A 341 0.26 6.84 25.73
N LEU A 342 0.10 6.56 24.44
CA LEU A 342 -0.86 5.56 24.02
C LEU A 342 -0.50 4.18 24.57
N ILE A 343 0.78 3.81 24.45
CA ILE A 343 1.21 2.50 24.93
C ILE A 343 1.02 2.39 26.44
N GLY A 344 1.44 3.42 27.17
CA GLY A 344 1.31 3.39 28.62
C GLY A 344 -0.14 3.32 29.07
N THR A 345 -1.00 4.12 28.45
CA THR A 345 -2.42 4.13 28.82
C THR A 345 -3.06 2.79 28.52
N ASN A 346 -2.71 2.18 27.39
CA ASN A 346 -3.28 0.87 27.06
C ASN A 346 -2.82 -0.19 28.05
N ILE A 347 -1.54 -0.21 28.38
CA ILE A 347 -1.02 -1.31 29.19
C ILE A 347 -1.42 -1.16 30.65
N PHE A 348 -1.28 0.04 31.21
CA PHE A 348 -1.42 0.18 32.65
C PHE A 348 -2.88 0.06 33.10
N GLY A 349 -3.83 0.31 32.20
CA GLY A 349 -5.22 0.08 32.55
C GLY A 349 -5.49 -1.37 32.93
N ILE A 350 -4.89 -2.31 32.18
CA ILE A 350 -4.97 -3.72 32.55
C ILE A 350 -4.07 -4.02 33.75
N LEU A 351 -2.88 -3.41 33.77
CA LEU A 351 -1.88 -3.79 34.77
C LEU A 351 -2.28 -3.40 36.19
N ALA A 352 -3.00 -2.29 36.33
CA ALA A 352 -3.15 -1.64 37.64
C ALA A 352 -3.87 -2.52 38.64
N HIS A 353 -4.92 -3.22 38.21
CA HIS A 353 -5.72 -4.01 39.14
C HIS A 353 -4.88 -5.12 39.79
N LYS A 354 -4.09 -5.82 38.97
CA LYS A 354 -3.25 -6.90 39.51
C LYS A 354 -2.07 -6.33 40.30
N MET A 355 -1.39 -5.34 39.74
CA MET A 355 -0.18 -4.83 40.38
C MET A 355 -0.49 -4.03 41.64
N GLY A 356 -1.59 -3.29 41.64
CA GLY A 356 -1.86 -2.33 42.70
C GLY A 356 -1.82 -0.92 42.16
N ARG A 357 -2.97 -0.24 42.19
CA ARG A 357 -3.10 1.03 41.48
C ARG A 357 -2.21 2.11 42.09
N TRP A 358 -2.08 2.12 43.42
CA TRP A 358 -1.29 3.17 44.06
C TRP A 358 0.18 3.05 43.71
N LEU A 359 0.67 1.81 43.54
CA LEU A 359 2.08 1.61 43.24
C LEU A 359 2.45 2.18 41.88
N CYS A 360 1.58 2.00 40.88
CA CYS A 360 1.85 2.55 39.55
C CYS A 360 1.94 4.06 39.59
N ALA A 361 1.03 4.71 40.33
CA ALA A 361 1.09 6.16 40.47
C ALA A 361 2.35 6.58 41.21
N LEU A 362 2.73 5.84 42.25
CA LEU A 362 3.91 6.18 43.03
C LEU A 362 5.16 6.13 42.16
N LEU A 363 5.27 5.12 41.30
CA LEU A 363 6.40 5.08 40.37
C LEU A 363 6.30 6.19 39.33
N GLY A 364 5.10 6.41 38.78
CA GLY A 364 4.96 7.33 37.67
C GLY A 364 5.26 8.76 38.04
N MET A 365 4.73 9.21 39.18
CA MET A 365 4.96 10.59 39.57
C MET A 365 6.43 10.86 39.84
N ILE A 366 7.12 9.91 40.46
CA ILE A 366 8.54 10.10 40.74
C ILE A 366 9.34 10.08 39.44
N ILE A 367 8.94 9.24 38.48
CA ILE A 367 9.61 9.23 37.18
C ILE A 367 9.40 10.57 36.47
N VAL A 368 8.18 11.11 36.54
CA VAL A 368 7.91 12.41 35.92
C VAL A 368 8.76 13.49 36.57
N GLY A 369 8.86 13.46 37.90
CA GLY A 369 9.68 14.44 38.59
C GLY A 369 11.15 14.33 38.21
N VAL A 370 11.66 13.11 38.10
CA VAL A 370 13.06 12.90 37.73
C VAL A 370 13.32 13.44 36.32
N SER A 371 12.41 13.12 35.38
CA SER A 371 12.59 13.59 34.01
C SER A 371 12.48 15.10 33.92
N ILE A 372 11.52 15.69 34.63
CA ILE A 372 11.26 17.13 34.52
C ILE A 372 12.38 17.93 35.18
N LEU A 373 12.91 17.44 36.32
CA LEU A 373 13.91 18.21 37.04
C LEU A 373 15.17 18.39 36.21
N CYS A 374 15.60 17.35 35.50
CA CYS A 374 16.77 17.44 34.64
C CYS A 374 16.42 18.12 33.32
N PRO A 387 13.95 11.52 25.85
CA PRO A 387 13.41 12.14 27.07
C PRO A 387 11.91 12.38 26.99
N ASN A 388 11.43 12.81 25.82
CA ASN A 388 9.99 13.05 25.66
C ASN A 388 9.19 11.76 25.81
N PHE A 389 9.72 10.66 25.26
CA PHE A 389 9.02 9.39 25.34
C PHE A 389 8.85 8.94 26.78
N GLY A 390 9.90 9.10 27.59
CA GLY A 390 9.80 8.71 28.98
C GLY A 390 8.78 9.54 29.73
N VAL A 391 8.74 10.84 29.47
CA VAL A 391 7.75 11.71 30.09
C VAL A 391 6.34 11.28 29.69
N GLY A 392 6.14 10.97 28.41
CA GLY A 392 4.84 10.49 27.97
C GLY A 392 4.44 9.18 28.61
N PHE A 393 5.38 8.25 28.74
CA PHE A 393 5.06 6.96 29.33
C PHE A 393 4.73 7.10 30.80
N ALA A 394 5.46 7.97 31.53
CA ALA A 394 5.12 8.22 32.92
C ALA A 394 3.78 8.93 33.06
N ILE A 395 3.46 9.81 32.10
CA ILE A 395 2.15 10.44 32.10
C ILE A 395 1.06 9.40 31.90
N GLY A 396 1.29 8.43 31.02
CA GLY A 396 0.35 7.34 30.88
C GLY A 396 0.18 6.55 32.17
N MET A 397 1.30 6.29 32.86
CA MET A 397 1.25 5.69 34.19
C MET A 397 0.29 6.44 35.10
N VAL A 398 0.53 7.74 35.27
CA VAL A 398 -0.22 8.53 36.24
C VAL A 398 -1.69 8.59 35.85
N ASP A 399 -1.98 8.80 34.56
CA ASP A 399 -3.37 8.94 34.14
C ASP A 399 -4.14 7.64 34.34
N SER A 400 -3.58 6.52 33.87
CA SER A 400 -4.30 5.25 34.02
C SER A 400 -4.42 4.85 35.47
N SER A 401 -3.46 5.24 36.32
CA SER A 401 -3.53 4.88 37.73
C SER A 401 -4.55 5.74 38.47
N MET A 402 -4.69 7.00 38.05
CA MET A 402 -5.45 7.94 38.89
C MET A 402 -6.90 8.06 38.44
N MET A 403 -7.19 7.89 37.14
CA MET A 403 -8.56 8.08 36.70
C MET A 403 -9.51 7.04 37.28
N PRO A 404 -9.35 5.74 37.03
CA PRO A 404 -10.31 4.76 37.57
C PRO A 404 -10.38 4.74 39.09
N ILE A 405 -9.30 5.08 39.79
CA ILE A 405 -9.28 4.93 41.25
C ILE A 405 -10.25 5.89 41.91
N MET A 406 -10.57 7.01 41.24
CA MET A 406 -11.45 8.00 41.84
C MET A 406 -12.85 7.44 42.06
N GLY A 407 -13.36 6.71 41.07
CA GLY A 407 -14.68 6.11 41.21
C GLY A 407 -14.74 5.10 42.34
N TYR A 408 -13.62 4.44 42.61
CA TYR A 408 -13.57 3.50 43.73
C TYR A 408 -13.82 4.21 45.05
N LEU A 409 -13.13 5.34 45.28
CA LEU A 409 -13.35 6.10 46.50
C LEU A 409 -14.78 6.61 46.58
N VAL A 410 -15.31 7.10 45.46
CA VAL A 410 -16.68 7.61 45.48
C VAL A 410 -17.66 6.51 45.81
N ASP A 411 -17.48 5.33 45.23
CA ASP A 411 -18.39 4.21 45.49
C ASP A 411 -18.28 3.75 46.94
N LEU A 412 -17.05 3.69 47.46
CA LEU A 412 -16.86 3.16 48.81
C LEU A 412 -17.36 4.12 49.87
N ARG A 413 -16.87 5.36 49.87
CA ARG A 413 -17.05 6.25 51.01
C ARG A 413 -18.03 7.38 50.73
N HIS A 414 -18.74 7.32 49.60
CA HIS A 414 -19.66 8.38 49.23
C HIS A 414 -20.87 7.76 48.55
N VAL A 415 -21.71 8.61 47.96
CA VAL A 415 -22.90 8.12 47.26
C VAL A 415 -22.48 7.34 46.02
N SER A 416 -23.36 6.44 45.57
CA SER A 416 -23.09 5.60 44.41
C SER A 416 -23.43 6.38 43.14
N VAL A 417 -22.62 7.39 42.85
CA VAL A 417 -22.82 8.27 41.72
C VAL A 417 -21.52 8.39 40.94
N TYR A 418 -21.56 8.06 39.65
CA TYR A 418 -20.36 8.16 38.82
C TYR A 418 -20.26 9.52 38.14
N GLY A 419 -21.41 10.14 37.82
CA GLY A 419 -21.39 11.31 36.95
C GLY A 419 -20.73 12.51 37.57
N SER A 420 -20.93 12.73 38.87
CA SER A 420 -20.49 13.97 39.49
C SER A 420 -18.99 13.99 39.71
N VAL A 421 -18.39 12.82 39.96
CA VAL A 421 -17.01 12.79 40.43
C VAL A 421 -16.04 13.24 39.36
N TYR A 422 -16.31 12.90 38.09
CA TYR A 422 -15.34 13.16 37.04
C TYR A 422 -15.12 14.66 36.81
N ALA A 423 -16.05 15.49 37.30
CA ALA A 423 -15.91 16.93 37.13
C ALA A 423 -14.66 17.46 37.79
N ILE A 424 -14.32 16.95 38.98
CA ILE A 424 -13.12 17.41 39.67
C ILE A 424 -11.88 17.09 38.85
N ALA A 425 -11.81 15.86 38.33
CA ALA A 425 -10.67 15.47 37.52
C ALA A 425 -10.57 16.32 36.26
N ASP A 426 -11.70 16.52 35.58
CA ASP A 426 -11.69 17.31 34.36
C ASP A 426 -11.29 18.75 34.64
N VAL A 427 -11.75 19.31 35.75
CA VAL A 427 -11.33 20.65 36.14
C VAL A 427 -9.83 20.69 36.36
N ALA A 428 -9.28 19.64 36.97
CA ALA A 428 -7.83 19.58 37.14
C ALA A 428 -7.12 19.56 35.80
N PHE A 429 -7.57 18.71 34.87
CA PHE A 429 -6.96 18.63 33.54
C PHE A 429 -6.97 19.99 32.86
N CYS A 430 -8.14 20.63 32.80
CA CYS A 430 -8.24 21.89 32.05
C CYS A 430 -7.46 23.01 32.74
N MET A 431 -7.53 23.07 34.08
CA MET A 431 -6.88 24.16 34.80
C MET A 431 -5.37 24.06 34.72
N GLY A 432 -4.84 22.82 34.69
CA GLY A 432 -3.40 22.66 34.59
C GLY A 432 -2.82 23.27 33.33
N TYR A 433 -3.49 23.07 32.19
CA TYR A 433 -2.98 23.58 30.93
C TYR A 433 -3.39 25.04 30.71
N ALA A 434 -4.55 25.43 31.23
CA ALA A 434 -5.02 26.80 31.03
C ALA A 434 -4.15 27.80 31.78
N ILE A 435 -3.87 27.52 33.05
CA ILE A 435 -3.09 28.42 33.90
C ILE A 435 -1.80 27.71 34.28
N GLY A 436 -0.67 28.34 33.99
CA GLY A 436 0.62 27.79 34.34
C GLY A 436 1.63 27.76 33.20
N PRO A 437 1.21 27.42 31.98
CA PRO A 437 2.14 27.56 30.84
C PRO A 437 2.64 28.97 30.64
N SER A 438 1.77 29.98 30.81
CA SER A 438 2.22 31.36 30.72
C SER A 438 3.18 31.69 31.86
N ALA A 439 2.87 31.23 33.07
CA ALA A 439 3.77 31.44 34.20
C ALA A 439 5.10 30.73 33.98
N GLY A 440 5.07 29.51 33.44
CA GLY A 440 6.30 28.81 33.15
C GLY A 440 7.14 29.52 32.10
N GLY A 441 6.50 30.03 31.05
CA GLY A 441 7.24 30.80 30.05
C GLY A 441 7.83 32.07 30.63
N ALA A 442 7.08 32.76 31.49
CA ALA A 442 7.61 33.97 32.13
C ALA A 442 8.80 33.65 33.01
N ILE A 443 8.72 32.55 33.78
CA ILE A 443 9.84 32.14 34.62
C ILE A 443 11.06 31.80 33.77
N ALA A 444 10.84 31.10 32.66
CA ALA A 444 11.93 30.78 31.75
C ALA A 444 12.54 32.06 31.18
N LYS A 445 13.87 32.09 31.11
CA LYS A 445 14.71 33.20 30.66
C LYS A 445 14.78 34.32 31.71
N ALA A 446 14.01 34.24 32.80
CA ALA A 446 14.15 35.17 33.92
C ALA A 446 14.99 34.56 35.03
N ILE A 447 14.59 33.39 35.54
CA ILE A 447 15.45 32.58 36.39
C ILE A 447 16.18 31.51 35.59
N GLY A 448 15.92 31.41 34.30
CA GLY A 448 16.54 30.44 33.44
C GLY A 448 15.69 29.19 33.28
N PHE A 449 15.77 28.61 32.08
CA PHE A 449 15.11 27.34 31.82
C PHE A 449 15.58 26.22 32.75
N PRO A 450 16.89 26.03 32.97
CA PRO A 450 17.31 24.98 33.92
C PRO A 450 16.75 25.14 35.32
N TRP A 451 16.64 26.37 35.83
CA TRP A 451 16.14 26.55 37.19
C TRP A 451 14.63 26.33 37.26
N LEU A 452 13.88 26.77 36.24
CA LEU A 452 12.45 26.47 36.19
C LEU A 452 12.22 24.97 36.13
N MET A 453 12.96 24.27 35.27
CA MET A 453 12.84 22.82 35.19
C MET A 453 13.25 22.17 36.51
N THR A 454 14.25 22.74 37.18
CA THR A 454 14.69 22.19 38.47
C THR A 454 13.58 22.32 39.51
N ILE A 455 12.93 23.47 39.59
CA ILE A 455 11.88 23.65 40.58
C ILE A 455 10.68 22.75 40.27
N ILE A 456 10.33 22.63 38.99
CA ILE A 456 9.21 21.76 38.61
C ILE A 456 9.53 20.30 38.93
N GLY A 457 10.76 19.87 38.62
CA GLY A 457 11.15 18.52 38.95
C GLY A 457 11.20 18.28 40.44
N ILE A 458 11.62 19.29 41.21
CA ILE A 458 11.67 19.16 42.66
C ILE A 458 10.28 18.95 43.22
N ILE A 459 9.32 19.78 42.79
CA ILE A 459 7.96 19.63 43.30
C ILE A 459 7.38 18.29 42.86
N ASP A 460 7.61 17.89 41.61
CA ASP A 460 7.07 16.62 41.12
C ASP A 460 7.66 15.44 41.88
N ILE A 461 8.97 15.45 42.13
CA ILE A 461 9.61 14.39 42.90
C ILE A 461 9.06 14.36 44.32
N LEU A 462 8.82 15.53 44.92
CA LEU A 462 8.26 15.55 46.26
C LEU A 462 6.79 15.16 46.31
N PHE A 463 6.08 15.20 45.17
CA PHE A 463 4.68 14.77 45.18
C PHE A 463 4.57 13.27 45.40
N ALA A 464 5.64 12.51 45.18
CA ALA A 464 5.56 11.06 45.30
C ALA A 464 5.16 10.56 46.68
N PRO A 465 5.72 11.07 47.78
CA PRO A 465 5.33 10.53 49.10
C PRO A 465 3.84 10.65 49.40
N LEU A 466 3.18 11.69 48.91
CA LEU A 466 1.76 11.86 49.19
C LEU A 466 0.93 10.75 48.57
N CYS A 467 1.32 10.29 47.37
CA CYS A 467 0.53 9.31 46.63
C CYS A 467 0.45 7.96 47.33
N PHE A 468 1.34 7.69 48.29
CA PHE A 468 1.31 6.41 48.99
C PHE A 468 0.01 6.23 49.77
N PHE A 469 -0.61 7.32 50.20
CA PHE A 469 -1.83 7.22 51.00
C PHE A 469 -3.02 6.70 50.20
N LEU A 470 -2.91 6.64 48.88
CA LEU A 470 -4.03 6.22 48.04
C LEU A 470 -4.24 4.71 48.02
N ARG A 471 -3.49 3.94 48.80
CA ARG A 471 -3.58 2.49 48.74
C ARG A 471 -4.94 1.99 49.20
N SER A 472 -5.41 2.45 50.36
CA SER A 472 -6.67 2.00 50.92
C SER A 472 -7.41 3.18 51.53
N PRO A 473 -8.73 3.22 51.37
CA PRO A 473 -9.53 4.28 51.99
C PRO A 473 -10.10 3.80 53.32
N PRO A 474 -10.45 4.72 54.22
CA PRO A 474 -11.02 4.33 55.50
C PRO A 474 -12.46 3.87 55.36
N ALA A 475 -12.94 3.16 56.38
CA ALA A 475 -14.32 2.72 56.40
C ALA A 475 -15.27 3.92 56.48
N LYS A 476 -16.39 3.82 55.78
CA LYS A 476 -17.37 4.90 55.76
C LYS A 476 -18.67 4.46 55.09
N MET B 1 35.80 -12.26 -17.65
CA MET B 1 35.73 -11.69 -16.32
C MET B 1 35.00 -10.36 -16.32
N ASN B 2 35.04 -9.65 -17.45
CA ASN B 2 34.25 -8.43 -17.58
C ASN B 2 32.76 -8.72 -17.52
N TYR B 3 32.34 -9.90 -17.98
CA TYR B 3 30.96 -10.31 -17.82
C TYR B 3 30.61 -10.46 -16.35
N ILE B 4 31.47 -11.13 -15.58
CA ILE B 4 31.13 -11.47 -14.20
C ILE B 4 31.07 -10.23 -13.31
N ASN B 5 31.97 -9.27 -13.49
CA ASN B 5 32.00 -8.07 -12.68
C ASN B 5 30.94 -7.06 -13.07
N ARG B 6 30.03 -7.41 -13.97
CA ARG B 6 29.15 -6.42 -14.57
C ARG B 6 27.70 -6.85 -14.58
N TRP B 7 27.40 -8.15 -14.55
CA TRP B 7 26.07 -8.75 -14.50
C TRP B 7 25.91 -9.81 -13.42
N LEU B 8 26.97 -10.16 -12.69
CA LEU B 8 26.87 -10.94 -11.47
C LEU B 8 27.33 -10.19 -10.23
N PHE B 9 28.51 -9.57 -10.26
CA PHE B 9 28.98 -8.71 -9.17
C PHE B 9 28.68 -7.27 -9.59
N SER B 10 27.43 -6.87 -9.43
CA SER B 10 26.98 -5.61 -10.01
C SER B 10 26.66 -4.59 -8.94
N THR B 11 26.75 -3.33 -9.35
CA THR B 11 26.44 -2.18 -8.49
C THR B 11 25.55 -1.15 -9.17
N ASN B 12 25.52 -1.07 -10.49
CA ASN B 12 24.67 -0.14 -11.19
C ASN B 12 23.21 -0.52 -11.02
N ALA B 13 22.37 0.48 -10.77
CA ALA B 13 20.96 0.23 -10.48
C ALA B 13 20.15 -0.11 -11.73
N LYS B 14 20.58 0.37 -12.91
CA LYS B 14 19.82 0.12 -14.12
C LYS B 14 20.14 -1.22 -14.78
N ASP B 15 21.18 -1.92 -14.29
CA ASP B 15 21.51 -3.24 -14.79
C ASP B 15 20.87 -4.35 -13.95
N ILE B 16 20.16 -4.00 -12.88
CA ILE B 16 19.42 -4.99 -12.11
C ILE B 16 17.95 -5.01 -12.49
N ALA B 17 17.42 -3.89 -13.00
CA ALA B 17 16.05 -3.85 -13.45
C ALA B 17 15.82 -4.81 -14.61
N VAL B 18 16.80 -4.94 -15.50
CA VAL B 18 16.67 -5.85 -16.64
C VAL B 18 16.56 -7.29 -16.15
N LEU B 19 17.35 -7.65 -15.14
CA LEU B 19 17.28 -9.01 -14.61
C LEU B 19 15.96 -9.26 -13.90
N TYR B 20 15.44 -8.25 -13.18
CA TYR B 20 14.10 -8.36 -12.63
C TYR B 20 13.06 -8.61 -13.71
N PHE B 21 13.16 -7.89 -14.84
CA PHE B 21 12.22 -8.10 -15.93
C PHE B 21 12.28 -9.53 -16.46
N ILE B 22 13.49 -10.03 -16.67
CA ILE B 22 13.63 -11.39 -17.22
C ILE B 22 13.13 -12.43 -16.23
N PHE B 23 13.31 -12.21 -14.94
CA PHE B 23 12.74 -13.13 -13.95
C PHE B 23 11.21 -13.07 -13.95
N ALA B 24 10.65 -11.87 -14.04
CA ALA B 24 9.21 -11.70 -13.98
C ALA B 24 8.52 -12.38 -15.16
N LEU B 25 9.09 -12.28 -16.36
CA LEU B 25 8.48 -12.94 -17.51
C LEU B 25 8.36 -14.44 -17.30
N PHE B 26 9.46 -15.07 -16.86
CA PHE B 26 9.48 -16.51 -16.60
C PHE B 26 8.42 -16.90 -15.57
N CYS B 27 8.45 -16.21 -14.42
CA CYS B 27 7.55 -16.58 -13.34
C CYS B 27 6.10 -16.19 -13.62
N GLY B 28 5.83 -15.38 -14.63
CA GLY B 28 4.46 -15.11 -15.01
C GLY B 28 3.95 -16.13 -16.00
N LEU B 29 4.83 -16.57 -16.92
CA LEU B 29 4.46 -17.62 -17.84
C LEU B 29 4.10 -18.90 -17.10
N LEU B 30 4.89 -19.25 -16.08
CA LEU B 30 4.60 -20.45 -15.31
C LEU B 30 3.21 -20.39 -14.68
N GLY B 31 2.90 -19.28 -14.01
CA GLY B 31 1.62 -19.17 -13.34
C GLY B 31 0.45 -19.13 -14.30
N SER B 32 0.62 -18.48 -15.45
CA SER B 32 -0.45 -18.46 -16.44
C SER B 32 -0.75 -19.87 -16.95
N ILE B 33 0.30 -20.68 -17.17
CA ILE B 33 0.05 -22.05 -17.59
C ILE B 33 -0.63 -22.86 -16.50
N MET B 34 -0.26 -22.62 -15.24
CA MET B 34 -0.96 -23.32 -14.16
C MET B 34 -2.43 -22.93 -14.11
N SER B 35 -2.73 -21.65 -14.37
CA SER B 35 -4.12 -21.22 -14.44
C SER B 35 -4.85 -21.90 -15.58
N LEU B 36 -4.20 -22.06 -16.74
CA LEU B 36 -4.83 -22.79 -17.84
C LEU B 36 -5.13 -24.23 -17.44
N ILE B 37 -4.20 -24.88 -16.74
CA ILE B 37 -4.47 -26.23 -16.24
C ILE B 37 -5.68 -26.21 -15.32
N LEU B 38 -5.82 -25.16 -14.51
CA LEU B 38 -6.99 -25.04 -13.65
C LEU B 38 -8.28 -24.95 -14.47
N ARG B 39 -8.27 -24.15 -15.53
CA ARG B 39 -9.50 -23.91 -16.28
C ARG B 39 -9.84 -25.03 -17.26
N LEU B 40 -8.89 -25.89 -17.60
CA LEU B 40 -9.19 -27.05 -18.44
C LEU B 40 -9.72 -28.23 -17.64
N GLU B 41 -9.74 -28.14 -16.31
CA GLU B 41 -10.37 -29.15 -15.47
C GLU B 41 -11.76 -28.74 -15.03
N LEU B 42 -12.03 -27.45 -14.90
CA LEU B 42 -13.37 -26.94 -14.64
C LEU B 42 -14.07 -26.53 -15.93
N SER B 43 -14.10 -27.43 -16.90
CA SER B 43 -14.74 -27.17 -18.18
C SER B 43 -16.10 -27.83 -18.31
N ALA B 44 -16.17 -29.13 -18.09
CA ALA B 44 -17.44 -29.85 -18.03
C ALA B 44 -17.39 -30.77 -16.82
N PRO B 45 -18.55 -31.18 -16.31
CA PRO B 45 -18.56 -32.01 -15.09
C PRO B 45 -17.87 -33.34 -15.31
N GLY B 46 -17.13 -33.79 -14.30
CA GLY B 46 -16.44 -35.05 -14.33
C GLY B 46 -14.98 -34.87 -13.97
N ASN B 47 -14.20 -35.90 -14.24
CA ASN B 47 -12.75 -35.90 -14.01
C ASN B 47 -12.07 -35.96 -15.38
N GLN B 48 -11.59 -34.82 -15.86
CA GLN B 48 -11.18 -34.69 -17.26
C GLN B 48 -9.68 -34.87 -17.48
N ILE B 49 -8.86 -34.01 -16.88
CA ILE B 49 -7.43 -34.04 -17.18
C ILE B 49 -6.64 -34.68 -16.04
N LEU B 50 -6.68 -34.06 -14.87
CA LEU B 50 -6.19 -34.74 -13.67
C LEU B 50 -7.17 -35.86 -13.34
N MET B 51 -6.70 -37.10 -13.45
CA MET B 51 -7.60 -38.23 -13.62
C MET B 51 -8.57 -38.37 -12.46
N GLY B 52 -8.06 -38.40 -11.24
CA GLY B 52 -8.96 -38.46 -10.11
C GLY B 52 -8.40 -37.74 -8.90
N ASN B 53 -7.29 -37.05 -9.08
CA ASN B 53 -6.51 -36.51 -7.98
C ASN B 53 -7.09 -35.17 -7.57
N HIS B 54 -7.67 -35.11 -6.38
CA HIS B 54 -8.14 -33.83 -5.84
C HIS B 54 -7.01 -33.08 -5.14
N GLN B 55 -6.08 -33.79 -4.55
CA GLN B 55 -4.73 -33.27 -4.46
C GLN B 55 -4.18 -33.16 -5.89
N LEU B 56 -3.21 -32.27 -6.08
CA LEU B 56 -2.68 -31.83 -7.37
C LEU B 56 -3.62 -30.85 -8.03
N PHE B 57 -4.81 -30.61 -7.50
CA PHE B 57 -5.61 -29.45 -7.89
C PHE B 57 -5.44 -28.30 -6.92
N ASN B 58 -5.26 -28.59 -5.64
CA ASN B 58 -4.97 -27.54 -4.67
C ASN B 58 -3.53 -27.07 -4.77
N VAL B 59 -2.61 -27.98 -5.11
CA VAL B 59 -1.23 -27.59 -5.36
C VAL B 59 -1.14 -26.59 -6.51
N VAL B 60 -1.91 -26.83 -7.57
CA VAL B 60 -1.91 -25.93 -8.71
C VAL B 60 -2.42 -24.56 -8.31
N ALA B 61 -3.50 -24.51 -7.53
CA ALA B 61 -4.05 -23.23 -7.12
C ALA B 61 -3.08 -22.46 -6.23
N THR B 62 -2.47 -23.15 -5.26
CA THR B 62 -1.52 -22.48 -4.37
C THR B 62 -0.32 -21.95 -5.15
N ALA B 63 0.22 -22.77 -6.05
CA ALA B 63 1.36 -22.33 -6.84
C ALA B 63 1.00 -21.19 -7.79
N HIS B 64 -0.19 -21.22 -8.40
CA HIS B 64 -0.63 -20.12 -9.25
C HIS B 64 -0.76 -18.83 -8.46
N ALA B 65 -1.25 -18.91 -7.22
CA ALA B 65 -1.35 -17.72 -6.39
C ALA B 65 0.02 -17.17 -6.05
N VAL B 66 0.92 -18.03 -5.57
CA VAL B 66 2.21 -17.56 -5.08
C VAL B 66 3.09 -17.06 -6.21
N LEU B 67 3.14 -17.80 -7.33
CA LEU B 67 4.01 -17.42 -8.44
C LEU B 67 3.59 -16.10 -9.07
N MET B 68 2.36 -15.67 -8.86
CA MET B 68 1.83 -14.53 -9.58
C MET B 68 1.41 -13.38 -8.68
N VAL B 69 1.47 -13.54 -7.37
CA VAL B 69 1.38 -12.42 -6.44
C VAL B 69 2.75 -11.99 -5.94
N PHE B 70 3.66 -12.95 -5.75
CA PHE B 70 4.95 -12.69 -5.15
C PHE B 70 6.10 -12.68 -6.14
N PHE B 71 5.99 -13.40 -7.26
CA PHE B 71 7.10 -13.51 -8.20
C PHE B 71 6.87 -12.81 -9.52
N LEU B 72 5.71 -12.20 -9.74
CA LEU B 72 5.46 -11.46 -10.99
C LEU B 72 5.19 -9.99 -10.75
N VAL B 73 4.27 -9.63 -9.85
CA VAL B 73 3.81 -8.24 -9.79
C VAL B 73 4.80 -7.38 -9.02
N MET B 74 5.25 -7.83 -7.84
CA MET B 74 6.22 -7.03 -7.09
C MET B 74 7.55 -6.88 -7.82
N PRO B 75 8.20 -7.95 -8.29
CA PRO B 75 9.43 -7.76 -9.05
C PRO B 75 9.27 -6.92 -10.31
N ALA B 76 8.10 -6.95 -10.94
CA ALA B 76 7.89 -6.17 -12.15
C ALA B 76 7.62 -4.71 -11.85
N ALA B 77 6.93 -4.41 -10.75
CA ALA B 77 6.43 -3.06 -10.49
C ALA B 77 7.27 -2.27 -9.51
N ILE B 78 8.00 -2.91 -8.60
CA ILE B 78 8.84 -2.20 -7.64
C ILE B 78 10.30 -2.46 -7.98
N GLY B 79 10.56 -3.56 -8.66
CA GLY B 79 11.91 -3.87 -9.09
C GLY B 79 12.27 -3.28 -10.43
N PHE B 80 11.45 -3.52 -11.45
CA PHE B 80 11.77 -3.07 -12.80
C PHE B 80 11.54 -1.57 -12.96
N PHE B 81 10.43 -1.05 -12.45
CA PHE B 81 10.09 0.35 -12.68
C PHE B 81 10.51 1.27 -11.55
N GLY B 82 10.83 0.74 -10.37
CA GLY B 82 11.32 1.57 -9.30
C GLY B 82 12.81 1.80 -9.41
N ASN B 83 13.57 0.71 -9.50
CA ASN B 83 15.03 0.79 -9.55
C ASN B 83 15.52 1.55 -10.78
N TYR B 84 14.75 1.54 -11.86
CA TYR B 84 15.21 2.15 -13.10
C TYR B 84 14.78 3.60 -13.22
N LEU B 85 13.64 3.96 -12.64
CA LEU B 85 13.05 5.27 -12.89
C LEU B 85 13.17 6.23 -11.72
N LEU B 86 13.15 5.73 -10.48
CA LEU B 86 13.23 6.63 -9.33
C LEU B 86 14.52 7.45 -9.30
N PRO B 87 15.70 6.85 -9.43
CA PRO B 87 16.93 7.66 -9.47
C PRO B 87 16.97 8.67 -10.58
N LEU B 88 16.49 8.33 -11.78
CA LEU B 88 16.53 9.28 -12.88
C LEU B 88 15.54 10.41 -12.67
N MET B 89 14.38 10.11 -12.10
CA MET B 89 13.41 11.16 -11.81
C MET B 89 13.93 12.12 -10.75
N ILE B 90 14.61 11.62 -9.72
CA ILE B 90 15.08 12.51 -8.66
C ILE B 90 16.49 13.04 -8.89
N GLY B 91 17.15 12.65 -9.96
CA GLY B 91 18.45 13.19 -10.28
C GLY B 91 19.62 12.54 -9.56
N ALA B 92 19.48 11.29 -9.13
CA ALA B 92 20.53 10.58 -8.43
C ALA B 92 21.20 9.59 -9.38
N SER B 93 22.54 9.60 -9.37
CA SER B 93 23.29 8.72 -10.26
C SER B 93 23.03 7.25 -9.93
N ASP B 94 23.03 6.91 -8.65
CA ASP B 94 22.72 5.56 -8.20
C ASP B 94 22.02 5.65 -6.86
N MET B 95 21.64 4.50 -6.32
CA MET B 95 20.97 4.49 -5.03
C MET B 95 22.00 4.50 -3.90
N SER B 96 21.50 4.72 -2.68
CA SER B 96 22.40 4.86 -1.54
C SER B 96 23.12 3.56 -1.20
N PHE B 97 22.45 2.42 -1.30
CA PHE B 97 23.01 1.13 -0.92
C PHE B 97 22.91 0.18 -2.11
N ALA B 98 23.97 0.09 -2.89
CA ALA B 98 23.92 -0.69 -4.13
C ALA B 98 23.97 -2.19 -3.86
N ARG B 99 24.85 -2.62 -2.94
CA ARG B 99 24.98 -4.04 -2.65
C ARG B 99 23.68 -4.61 -2.08
N LEU B 100 22.92 -3.79 -1.36
CA LEU B 100 21.62 -4.26 -0.87
C LEU B 100 20.64 -4.47 -2.02
N ASN B 101 20.68 -3.62 -3.06
CA ASN B 101 19.88 -3.86 -4.24
C ASN B 101 20.27 -5.18 -4.92
N ASN B 102 21.58 -5.43 -5.01
CA ASN B 102 22.03 -6.68 -5.62
C ASN B 102 21.54 -7.88 -4.84
N ILE B 103 21.60 -7.82 -3.52
CA ILE B 103 21.09 -8.95 -2.72
C ILE B 103 19.58 -9.07 -2.84
N SER B 104 18.89 -7.94 -2.98
CA SER B 104 17.44 -7.97 -3.16
C SER B 104 17.06 -8.72 -4.41
N PHE B 105 17.83 -8.52 -5.50
CA PHE B 105 17.60 -9.35 -6.67
C PHE B 105 17.92 -10.80 -6.37
N TRP B 106 19.12 -11.06 -5.84
CA TRP B 106 19.64 -12.42 -5.87
C TRP B 106 18.99 -13.33 -4.84
N LEU B 107 18.18 -12.82 -3.93
CA LEU B 107 17.49 -13.71 -3.01
C LEU B 107 16.32 -14.45 -3.65
N LEU B 108 15.87 -14.04 -4.83
CA LEU B 108 14.64 -14.56 -5.44
C LEU B 108 14.82 -15.91 -6.14
N PRO B 109 15.82 -16.10 -6.99
CA PRO B 109 16.03 -17.41 -7.62
C PRO B 109 16.25 -18.51 -6.60
N PRO B 110 16.96 -18.25 -5.50
CA PRO B 110 16.97 -19.23 -4.41
C PRO B 110 15.60 -19.50 -3.80
N ALA B 111 14.65 -18.58 -3.93
CA ALA B 111 13.32 -18.79 -3.40
C ALA B 111 12.40 -19.55 -4.34
N LEU B 112 12.55 -19.37 -5.65
CA LEU B 112 11.71 -20.12 -6.59
C LEU B 112 12.07 -21.60 -6.61
N VAL B 113 13.34 -21.94 -6.33
CA VAL B 113 13.75 -23.33 -6.29
C VAL B 113 13.00 -24.07 -5.20
N SER B 114 12.86 -23.46 -4.03
CA SER B 114 12.12 -24.09 -2.93
C SER B 114 10.66 -24.31 -3.30
N LEU B 115 10.03 -23.33 -3.93
CA LEU B 115 8.63 -23.47 -4.32
C LEU B 115 8.45 -24.57 -5.36
N LEU B 116 9.35 -24.66 -6.33
CA LEU B 116 9.24 -25.72 -7.32
C LEU B 116 9.59 -27.08 -6.73
N ALA B 117 10.40 -27.11 -5.67
CA ALA B 117 10.74 -28.36 -5.01
C ALA B 117 9.72 -28.79 -3.98
N SER B 118 8.78 -27.92 -3.62
CA SER B 118 7.69 -28.33 -2.74
C SER B 118 6.55 -28.95 -3.50
N ALA B 119 6.64 -29.04 -4.82
CA ALA B 119 5.61 -29.64 -5.64
C ALA B 119 6.07 -30.94 -6.29
N LEU B 120 7.24 -31.45 -5.93
CA LEU B 120 7.76 -32.68 -6.51
C LEU B 120 8.22 -33.72 -5.50
N ILE B 121 8.40 -33.37 -4.22
CA ILE B 121 9.06 -34.28 -3.29
C ILE B 121 8.08 -35.23 -2.62
N GLU B 122 6.80 -34.93 -2.64
CA GLU B 122 5.76 -35.76 -2.02
C GLU B 122 4.44 -35.21 -2.54
N ASN B 123 3.33 -35.56 -1.88
CA ASN B 123 2.01 -35.15 -2.34
C ASN B 123 1.90 -33.65 -2.58
N GLY B 124 2.59 -32.84 -1.80
CA GLY B 124 2.72 -31.42 -2.10
C GLY B 124 2.16 -30.56 -1.01
N ALA B 125 1.92 -29.30 -1.35
CA ALA B 125 1.37 -28.31 -0.41
C ALA B 125 0.10 -27.74 -1.02
N GLY B 126 -1.00 -28.46 -0.83
CA GLY B 126 -2.31 -27.99 -1.25
C GLY B 126 -3.09 -27.32 -0.14
N THR B 127 -2.53 -26.30 0.48
CA THR B 127 -3.18 -25.60 1.57
C THR B 127 -3.81 -24.27 1.15
N GLY B 128 -3.68 -23.89 -0.10
CA GLY B 128 -4.11 -22.58 -0.54
C GLY B 128 -3.06 -21.53 -0.31
N TRP B 129 -3.31 -20.35 -0.87
CA TRP B 129 -2.41 -19.22 -0.68
C TRP B 129 -2.29 -18.85 0.80
N THR B 130 -3.41 -18.84 1.50
CA THR B 130 -3.43 -18.61 2.94
C THR B 130 -3.30 -19.94 3.64
N VAL B 131 -2.16 -20.16 4.31
CA VAL B 131 -1.82 -21.46 4.88
C VAL B 131 -2.45 -21.52 6.27
N TYR B 132 -3.69 -22.02 6.33
CA TYR B 132 -4.37 -22.05 7.62
C TYR B 132 -3.81 -23.16 8.52
N PRO B 133 -3.82 -22.95 9.83
CA PRO B 133 -3.00 -23.75 10.74
C PRO B 133 -3.48 -25.19 10.87
N PRO B 134 -4.75 -25.45 11.22
CA PRO B 134 -5.11 -26.84 11.57
C PRO B 134 -5.06 -27.78 10.39
N LEU B 135 -5.10 -27.28 9.16
CA LEU B 135 -4.93 -28.10 7.97
C LEU B 135 -3.48 -28.29 7.59
N ALA B 136 -2.65 -27.26 7.72
CA ALA B 136 -1.22 -27.37 7.42
C ALA B 136 -0.45 -27.83 8.65
N GLY B 137 -0.94 -28.91 9.24
CA GLY B 137 -0.26 -29.54 10.36
C GLY B 137 0.53 -30.74 9.88
N VAL B 138 0.73 -31.72 10.76
CA VAL B 138 1.42 -32.94 10.40
C VAL B 138 0.47 -34.13 10.31
N GLN B 139 -0.84 -33.88 10.35
CA GLN B 139 -1.82 -34.93 10.20
C GLN B 139 -2.38 -35.01 8.79
N SER B 140 -2.50 -33.88 8.11
CA SER B 140 -2.95 -33.82 6.73
C SER B 140 -1.81 -33.63 5.74
N HIS B 141 -0.83 -32.80 6.08
CA HIS B 141 0.33 -32.54 5.24
C HIS B 141 1.58 -32.97 6.01
N SER B 142 2.01 -34.20 5.78
CA SER B 142 3.18 -34.78 6.45
C SER B 142 4.28 -34.96 5.40
N GLY B 143 5.18 -33.98 5.32
CA GLY B 143 6.27 -34.01 4.38
C GLY B 143 7.01 -32.70 4.33
N PRO B 144 8.10 -32.66 3.58
CA PRO B 144 8.90 -31.44 3.46
C PRO B 144 8.34 -30.46 2.43
N SER B 145 7.03 -30.28 2.43
CA SER B 145 6.36 -29.52 1.39
C SER B 145 5.85 -28.18 1.88
N VAL B 146 5.11 -28.15 2.98
CA VAL B 146 4.65 -26.87 3.52
C VAL B 146 5.84 -26.08 4.07
N ASP B 147 6.81 -26.78 4.67
CA ASP B 147 7.97 -26.10 5.22
C ASP B 147 8.78 -25.41 4.13
N LEU B 148 9.02 -26.11 3.02
CA LEU B 148 9.76 -25.53 1.91
C LEU B 148 9.00 -24.41 1.22
N ALA B 149 7.69 -24.33 1.42
CA ALA B 149 6.92 -23.22 0.88
C ALA B 149 6.87 -22.04 1.82
N ILE B 150 6.99 -22.27 3.13
CA ILE B 150 7.14 -21.16 4.06
C ILE B 150 8.51 -20.50 3.95
N PHE B 151 9.54 -21.26 3.57
CA PHE B 151 10.87 -20.69 3.38
C PHE B 151 11.00 -19.93 2.08
N ALA B 152 10.03 -20.02 1.18
CA ALA B 152 10.00 -19.16 0.01
C ALA B 152 9.27 -17.85 0.26
N LEU B 153 8.54 -17.74 1.36
CA LEU B 153 7.95 -16.49 1.79
C LEU B 153 8.81 -15.73 2.80
N HIS B 154 9.87 -16.36 3.30
CA HIS B 154 10.84 -15.67 4.13
C HIS B 154 11.85 -14.89 3.31
N LEU B 155 12.39 -15.52 2.25
CA LEU B 155 13.41 -14.86 1.44
C LEU B 155 12.84 -13.66 0.68
N THR B 156 11.64 -13.81 0.13
CA THR B 156 10.99 -12.70 -0.55
C THR B 156 10.74 -11.54 0.40
N SER B 157 10.40 -11.84 1.65
CA SER B 157 10.21 -10.78 2.65
C SER B 157 11.49 -10.00 2.89
N ILE B 158 12.63 -10.70 2.98
CA ILE B 158 13.91 -10.03 3.15
C ILE B 158 14.20 -9.13 1.97
N SER B 159 13.98 -9.65 0.76
CA SER B 159 14.22 -8.86 -0.45
C SER B 159 13.38 -7.59 -0.46
N SER B 160 12.08 -7.72 -0.18
CA SER B 160 11.21 -6.57 -0.22
C SER B 160 11.56 -5.56 0.87
N LEU B 161 11.90 -6.03 2.06
CA LEU B 161 12.27 -5.12 3.14
C LEU B 161 13.51 -4.32 2.78
N LEU B 162 14.53 -4.99 2.26
CA LEU B 162 15.76 -4.30 1.88
C LEU B 162 15.50 -3.29 0.77
N GLY B 163 14.73 -3.67 -0.24
CA GLY B 163 14.41 -2.73 -1.31
C GLY B 163 13.64 -1.51 -0.82
N ALA B 164 12.66 -1.72 0.06
CA ALA B 164 11.87 -0.60 0.55
C ALA B 164 12.71 0.35 1.37
N ILE B 165 13.58 -0.18 2.23
CA ILE B 165 14.45 0.65 3.04
C ILE B 165 15.38 1.45 2.14
N ASN B 166 15.89 0.82 1.08
CA ASN B 166 16.73 1.51 0.12
C ASN B 166 15.99 2.67 -0.53
N PHE B 167 14.73 2.43 -0.95
CA PHE B 167 13.97 3.48 -1.62
C PHE B 167 13.72 4.66 -0.69
N ILE B 168 13.30 4.39 0.54
CA ILE B 168 13.02 5.48 1.47
C ILE B 168 14.28 6.28 1.75
N THR B 169 15.41 5.60 1.98
CA THR B 169 16.62 6.35 2.30
C THR B 169 17.25 7.02 1.07
N THR B 170 16.87 6.62 -0.14
CA THR B 170 17.39 7.30 -1.32
C THR B 170 16.55 8.53 -1.68
N THR B 171 15.24 8.43 -1.52
CA THR B 171 14.38 9.55 -1.91
C THR B 171 14.47 10.72 -0.96
N LEU B 172 15.14 10.58 0.18
CA LEU B 172 15.23 11.66 1.15
C LEU B 172 16.50 12.49 0.98
N ASN B 173 17.68 11.87 1.04
CA ASN B 173 18.93 12.62 1.10
C ASN B 173 19.73 12.56 -0.20
N MET B 174 19.13 12.13 -1.30
CA MET B 174 19.87 11.96 -2.55
C MET B 174 19.14 12.62 -3.71
N ARG B 175 18.73 13.87 -3.53
CA ARG B 175 18.02 14.62 -4.55
C ARG B 175 18.92 15.68 -5.15
N THR B 176 18.42 16.35 -6.18
CA THR B 176 19.20 17.30 -6.97
C THR B 176 19.26 18.66 -6.28
N ILE B 177 19.71 19.67 -7.03
CA ILE B 177 20.00 20.98 -6.47
C ILE B 177 18.75 21.65 -5.93
N GLY B 178 17.64 21.58 -6.66
CA GLY B 178 16.48 22.36 -6.26
C GLY B 178 15.19 21.60 -6.10
N MET B 179 15.25 20.30 -5.90
CA MET B 179 14.06 19.46 -5.73
C MET B 179 13.74 19.35 -4.25
N THR B 180 12.75 20.09 -3.80
CA THR B 180 12.21 19.90 -2.47
C THR B 180 11.17 18.78 -2.49
N MET B 181 10.78 18.30 -1.31
CA MET B 181 9.84 17.19 -1.27
C MET B 181 8.40 17.66 -1.40
N SER B 182 8.17 18.55 -2.35
CA SER B 182 6.84 18.87 -2.83
C SER B 182 6.82 19.07 -4.33
N LYS B 183 7.98 18.97 -4.99
CA LYS B 183 8.10 19.05 -6.43
C LYS B 183 8.42 17.71 -7.07
N LEU B 184 8.31 16.62 -6.30
CA LEU B 184 8.60 15.30 -6.82
C LEU B 184 7.48 14.84 -7.77
N PRO B 185 7.80 14.00 -8.74
CA PRO B 185 6.74 13.39 -9.55
C PRO B 185 5.94 12.38 -8.74
N LEU B 186 4.84 11.92 -9.33
CA LEU B 186 3.90 11.09 -8.59
C LEU B 186 4.37 9.65 -8.46
N PHE B 187 5.14 9.15 -9.42
CA PHE B 187 5.65 7.79 -9.31
C PHE B 187 6.56 7.61 -8.09
N VAL B 188 7.38 8.62 -7.81
CA VAL B 188 8.25 8.57 -6.65
C VAL B 188 7.43 8.51 -5.36
N TRP B 189 6.36 9.30 -5.30
CA TRP B 189 5.48 9.25 -4.13
C TRP B 189 4.86 7.88 -3.97
N ALA B 190 4.43 7.26 -5.08
CA ALA B 190 3.85 5.93 -5.02
C ALA B 190 4.84 4.92 -4.47
N VAL B 191 6.08 4.96 -4.95
CA VAL B 191 7.09 4.03 -4.46
C VAL B 191 7.35 4.26 -2.97
N VAL B 192 7.39 5.51 -2.54
CA VAL B 192 7.64 5.80 -1.13
C VAL B 192 6.52 5.25 -0.25
N PHE B 193 5.27 5.45 -0.66
CA PHE B 193 4.15 4.97 0.14
C PHE B 193 4.11 3.45 0.21
N THR B 194 4.33 2.78 -0.93
CA THR B 194 4.38 1.33 -0.90
C THR B 194 5.53 0.83 -0.04
N SER B 195 6.65 1.54 -0.01
CA SER B 195 7.76 1.14 0.84
C SER B 195 7.44 1.29 2.32
N ILE B 196 6.74 2.36 2.69
CA ILE B 196 6.34 2.51 4.09
C ILE B 196 5.41 1.39 4.52
N LEU B 197 4.45 1.05 3.67
CA LEU B 197 3.56 -0.06 4.00
C LEU B 197 4.33 -1.38 4.10
N LEU B 198 5.32 -1.57 3.22
CA LEU B 198 6.16 -2.76 3.32
C LEU B 198 6.90 -2.82 4.65
N LEU B 199 7.43 -1.70 5.11
CA LEU B 199 8.10 -1.71 6.41
C LEU B 199 7.14 -2.05 7.53
N LEU B 200 5.94 -1.47 7.52
CA LEU B 200 5.04 -1.69 8.65
C LEU B 200 4.24 -2.98 8.59
N SER B 201 4.30 -3.74 7.49
CA SER B 201 3.43 -4.90 7.36
C SER B 201 4.11 -6.27 7.33
N LEU B 202 5.41 -6.36 7.02
CA LEU B 202 6.05 -7.66 6.79
C LEU B 202 6.42 -8.43 8.06
N PRO B 203 6.95 -7.77 9.09
CA PRO B 203 7.31 -8.52 10.32
C PRO B 203 6.16 -9.31 10.93
N VAL B 204 4.93 -8.85 10.81
CA VAL B 204 3.79 -9.61 11.33
C VAL B 204 3.67 -10.93 10.58
N LEU B 205 3.81 -10.89 9.25
CA LEU B 205 3.79 -12.12 8.47
C LEU B 205 4.92 -13.05 8.86
N SER B 206 6.12 -12.49 9.07
CA SER B 206 7.24 -13.33 9.47
C SER B 206 6.97 -14.02 10.80
N ALA B 207 6.42 -13.28 11.77
CA ALA B 207 6.09 -13.87 13.06
C ALA B 207 5.08 -14.99 12.91
N GLY B 208 4.02 -14.74 12.14
CA GLY B 208 2.98 -15.76 11.97
C GLY B 208 3.50 -17.03 11.33
N VAL B 209 4.25 -16.90 10.24
CA VAL B 209 4.73 -18.09 9.54
C VAL B 209 5.77 -18.84 10.38
N THR B 210 6.64 -18.11 11.09
CA THR B 210 7.64 -18.78 11.92
C THR B 210 6.98 -19.52 13.08
N LEU B 211 5.96 -18.92 13.70
CA LEU B 211 5.24 -19.61 14.75
C LEU B 211 4.57 -20.87 14.21
N LEU B 212 4.00 -20.80 13.01
CA LEU B 212 3.41 -21.98 12.41
C LEU B 212 4.46 -23.06 12.17
N LEU B 213 5.65 -22.67 11.71
CA LEU B 213 6.72 -23.64 11.49
C LEU B 213 7.13 -24.31 12.79
N LEU B 214 7.24 -23.54 13.85
CA LEU B 214 7.58 -24.11 15.16
C LEU B 214 6.49 -25.07 15.62
N ASP B 215 5.22 -24.72 15.39
CA ASP B 215 4.15 -25.63 15.75
C ASP B 215 4.22 -26.94 14.97
N ARG B 216 4.55 -26.85 13.68
CA ARG B 216 4.65 -28.06 12.87
C ARG B 216 5.79 -28.96 13.32
N ASN B 217 6.97 -28.38 13.57
CA ASN B 217 8.19 -29.19 13.67
C ASN B 217 8.73 -29.34 15.08
N PHE B 218 8.23 -28.60 16.07
CA PHE B 218 8.76 -28.67 17.41
C PHE B 218 7.69 -28.79 18.48
N ASN B 219 6.44 -29.09 18.09
CA ASN B 219 5.28 -29.25 18.97
C ASN B 219 5.22 -28.19 20.07
N THR B 220 4.99 -26.95 19.64
CA THR B 220 4.91 -25.81 20.55
C THR B 220 3.50 -25.49 21.01
N SER B 221 2.48 -25.85 20.24
CA SER B 221 1.07 -25.66 20.62
C SER B 221 0.70 -24.18 20.70
N PHE B 222 1.02 -23.44 19.63
CA PHE B 222 0.50 -22.08 19.48
C PHE B 222 -0.94 -22.10 19.01
N PHE B 223 -1.23 -22.91 17.98
CA PHE B 223 -2.51 -22.93 17.30
C PHE B 223 -3.24 -24.24 17.52
N GLU B 224 -2.91 -24.99 18.56
CA GLU B 224 -3.56 -26.25 18.86
C GLU B 224 -4.50 -26.09 20.04
N PRO B 225 -5.79 -26.35 19.88
CA PRO B 225 -6.75 -26.12 20.97
C PRO B 225 -6.71 -27.15 22.08
N ALA B 226 -5.82 -28.14 22.01
CA ALA B 226 -5.67 -29.11 23.08
C ALA B 226 -4.62 -28.69 24.10
N GLY B 227 -4.03 -27.51 23.93
CA GLY B 227 -3.06 -27.01 24.86
C GLY B 227 -3.37 -25.60 25.31
N GLY B 228 -4.38 -24.98 24.69
CA GLY B 228 -4.84 -23.69 25.13
C GLY B 228 -4.79 -22.60 24.06
N GLY B 229 -4.64 -22.99 22.80
CA GLY B 229 -4.52 -22.04 21.72
C GLY B 229 -5.79 -21.93 20.89
N ASP B 230 -5.77 -20.97 19.97
CA ASP B 230 -6.87 -20.74 19.05
C ASP B 230 -6.32 -20.58 17.63
N PRO B 231 -6.87 -21.28 16.65
CA PRO B 231 -6.45 -21.06 15.26
C PRO B 231 -6.70 -19.64 14.78
N ILE B 232 -7.74 -18.98 15.28
CA ILE B 232 -8.17 -17.69 14.76
C ILE B 232 -7.06 -16.65 14.87
N LEU B 233 -6.20 -16.80 15.88
CA LEU B 233 -5.07 -15.88 16.05
C LEU B 233 -4.24 -15.79 14.78
N TYR B 234 -3.95 -16.94 14.16
CA TYR B 234 -3.19 -16.95 12.93
C TYR B 234 -3.84 -16.06 11.88
N GLN B 235 -5.17 -16.16 11.77
CA GLN B 235 -5.89 -15.35 10.79
C GLN B 235 -5.58 -13.88 10.97
N HIS B 236 -5.62 -13.40 12.23
CA HIS B 236 -5.26 -12.02 12.50
C HIS B 236 -3.87 -11.73 12.01
N LEU B 237 -2.89 -12.54 12.44
CA LEU B 237 -1.51 -12.30 12.06
C LEU B 237 -1.29 -12.45 10.56
N PHE B 238 -2.20 -13.11 9.85
CA PHE B 238 -2.05 -13.11 8.41
C PHE B 238 -2.62 -11.85 7.80
N TRP B 239 -3.82 -11.45 8.21
CA TRP B 239 -4.52 -10.44 7.44
C TRP B 239 -4.05 -9.02 7.75
N PHE B 240 -3.35 -8.81 8.85
CA PHE B 240 -2.64 -7.55 9.03
C PHE B 240 -1.63 -7.34 7.91
N PHE B 241 -1.05 -8.42 7.40
CA PHE B 241 -0.26 -8.33 6.18
C PHE B 241 -1.13 -8.43 4.93
N GLY B 242 -2.27 -9.10 5.03
CA GLY B 242 -3.04 -9.39 3.83
C GLY B 242 -3.57 -8.16 3.14
N HIS B 243 -4.12 -7.22 3.91
CA HIS B 243 -4.76 -6.08 3.26
C HIS B 243 -3.79 -4.99 2.82
N PRO B 244 -2.76 -4.65 3.60
CA PRO B 244 -1.73 -3.76 3.04
C PRO B 244 -1.15 -4.30 1.75
N GLU B 245 -0.99 -5.62 1.69
CA GLU B 245 -0.43 -6.28 0.52
C GLU B 245 -1.20 -5.93 -0.74
N VAL B 246 -2.53 -6.04 -0.69
CA VAL B 246 -3.33 -5.80 -1.89
C VAL B 246 -3.25 -4.37 -2.36
N TYR B 247 -2.73 -3.45 -1.55
CA TYR B 247 -2.53 -2.09 -2.02
C TYR B 247 -1.14 -1.89 -2.58
N ILE B 248 -0.16 -2.64 -2.06
CA ILE B 248 1.20 -2.58 -2.60
C ILE B 248 1.23 -2.98 -4.05
N LEU B 249 0.25 -3.77 -4.49
CA LEU B 249 0.21 -4.20 -5.88
C LEU B 249 -0.48 -3.19 -6.80
N ILE B 250 -1.15 -2.17 -6.25
CA ILE B 250 -1.96 -1.30 -7.10
C ILE B 250 -1.43 0.13 -7.08
N ILE B 251 -0.82 0.53 -5.96
CA ILE B 251 -0.33 1.91 -5.84
C ILE B 251 0.74 2.22 -6.87
N PRO B 252 1.76 1.39 -7.08
CA PRO B 252 2.71 1.68 -8.16
C PRO B 252 2.07 1.71 -9.53
N GLY B 253 0.96 0.99 -9.73
CA GLY B 253 0.22 1.10 -10.97
C GLY B 253 -0.35 2.48 -11.19
N PHE B 254 -0.98 3.04 -10.13
CA PHE B 254 -1.66 4.33 -10.23
C PHE B 254 -0.77 5.40 -10.82
N GLY B 255 0.44 5.54 -10.26
CA GLY B 255 1.35 6.57 -10.72
C GLY B 255 1.64 6.47 -12.21
N ILE B 256 1.83 5.24 -12.70
CA ILE B 256 2.11 5.04 -14.11
C ILE B 256 1.02 5.67 -14.96
N ILE B 257 -0.24 5.39 -14.61
CA ILE B 257 -1.36 5.88 -15.40
C ILE B 257 -1.33 7.40 -15.47
N SER B 258 -0.98 8.04 -14.34
CA SER B 258 -0.93 9.50 -14.29
C SER B 258 -0.04 10.05 -15.39
N HIS B 259 1.17 9.48 -15.51
CA HIS B 259 2.11 9.98 -16.50
C HIS B 259 1.52 9.86 -17.90
N ILE B 260 0.88 8.73 -18.18
CA ILE B 260 0.32 8.51 -19.50
C ILE B 260 -0.79 9.53 -19.77
N VAL B 261 -1.66 9.76 -18.79
CA VAL B 261 -2.77 10.68 -19.05
C VAL B 261 -2.27 12.10 -19.16
N SER B 262 -1.04 12.38 -18.72
CA SER B 262 -0.52 13.72 -18.88
C SER B 262 0.29 13.88 -20.16
N THR B 263 0.56 12.80 -20.89
CA THR B 263 1.36 12.89 -22.11
C THR B 263 0.48 12.96 -23.36
N TYR B 264 -0.34 11.94 -23.58
CA TYR B 264 -1.14 11.86 -24.78
C TYR B 264 -2.39 12.71 -24.69
N SER B 265 -2.72 13.21 -23.51
CA SER B 265 -3.68 14.30 -23.33
C SER B 265 -2.86 15.47 -22.81
N LYS B 266 -2.50 16.39 -23.70
CA LYS B 266 -1.44 17.37 -23.43
C LYS B 266 -1.95 18.40 -22.43
N LYS B 267 -2.02 17.96 -21.17
CA LYS B 267 -2.53 18.80 -20.09
C LYS B 267 -1.88 18.36 -18.80
N PRO B 268 -1.55 19.27 -17.89
CA PRO B 268 -1.02 18.86 -16.59
C PRO B 268 -2.08 18.16 -15.77
N VAL B 269 -1.62 17.37 -14.81
CA VAL B 269 -2.54 16.57 -14.01
C VAL B 269 -3.38 17.49 -13.13
N PHE B 270 -4.69 17.23 -13.10
CA PHE B 270 -5.62 18.04 -12.34
C PHE B 270 -5.45 17.74 -10.86
N GLY B 271 -4.94 18.71 -10.10
CA GLY B 271 -4.80 18.54 -8.66
C GLY B 271 -3.74 17.53 -8.25
N ALA B 272 -2.46 17.86 -8.48
CA ALA B 272 -1.39 16.96 -8.08
C ALA B 272 -1.34 16.77 -6.57
N ILE B 273 -1.46 17.87 -5.82
CA ILE B 273 -1.44 17.78 -4.36
C ILE B 273 -2.61 16.95 -3.88
N GLY B 274 -3.76 17.09 -4.54
CA GLY B 274 -4.90 16.25 -4.18
C GLY B 274 -4.60 14.78 -4.34
N MET B 275 -3.85 14.41 -5.37
CA MET B 275 -3.56 13.01 -5.59
C MET B 275 -2.52 12.48 -4.62
N VAL B 276 -1.54 13.30 -4.24
CA VAL B 276 -0.60 12.84 -3.23
C VAL B 276 -1.31 12.62 -1.90
N TYR B 277 -2.20 13.54 -1.52
CA TYR B 277 -2.95 13.34 -0.28
C TYR B 277 -3.89 12.14 -0.38
N ALA B 278 -4.48 11.91 -1.55
CA ALA B 278 -5.37 10.77 -1.73
C ALA B 278 -4.61 9.45 -1.57
N MET B 279 -3.41 9.35 -2.15
CA MET B 279 -2.61 8.14 -1.96
C MET B 279 -2.23 7.96 -0.51
N GLY B 280 -1.88 9.05 0.17
CA GLY B 280 -1.55 8.94 1.59
C GLY B 280 -2.71 8.42 2.41
N SER B 281 -3.92 8.93 2.17
CA SER B 281 -5.08 8.47 2.92
C SER B 281 -5.42 7.02 2.59
N ILE B 282 -5.33 6.64 1.31
CA ILE B 282 -5.60 5.27 0.91
C ILE B 282 -4.64 4.32 1.60
N GLY B 283 -3.37 4.69 1.68
CA GLY B 283 -2.41 3.85 2.38
C GLY B 283 -2.68 3.77 3.87
N PHE B 284 -2.99 4.89 4.51
CA PHE B 284 -3.14 4.88 5.96
C PHE B 284 -4.39 4.12 6.40
N LEU B 285 -5.50 4.30 5.68
CA LEU B 285 -6.71 3.56 6.02
C LEU B 285 -6.69 2.12 5.57
N GLY B 286 -5.60 1.69 4.95
CA GLY B 286 -5.42 0.31 4.57
C GLY B 286 -4.83 -0.56 5.64
N LEU B 287 -4.44 0.02 6.77
CA LEU B 287 -3.93 -0.75 7.90
C LEU B 287 -4.96 -0.91 9.01
N LEU B 288 -6.01 -0.11 9.00
CA LEU B 288 -7.02 -0.15 10.05
C LEU B 288 -8.20 -1.06 9.72
N VAL B 289 -8.18 -1.74 8.58
CA VAL B 289 -9.28 -2.61 8.17
C VAL B 289 -8.71 -3.93 7.66
N TRP B 290 -8.76 -4.96 8.50
CA TRP B 290 -8.26 -6.28 8.13
C TRP B 290 -9.19 -7.40 8.54
N SER B 291 -10.33 -7.11 9.16
CA SER B 291 -11.23 -8.13 9.67
C SER B 291 -12.48 -8.30 8.83
N HIS B 292 -12.55 -7.68 7.66
CA HIS B 292 -13.62 -8.06 6.74
C HIS B 292 -13.26 -9.31 5.97
N HIS B 293 -12.06 -9.83 6.15
CA HIS B 293 -11.71 -11.13 5.64
C HIS B 293 -12.21 -12.25 6.54
N MET B 294 -12.58 -11.93 7.78
CA MET B 294 -13.18 -12.88 8.70
C MET B 294 -14.43 -12.27 9.31
N TYR B 295 -15.55 -12.40 8.58
CA TYR B 295 -16.87 -12.04 9.07
C TYR B 295 -17.68 -13.24 9.55
N THR B 296 -17.31 -14.44 9.13
CA THR B 296 -18.08 -15.64 9.45
C THR B 296 -17.51 -16.45 10.60
N VAL B 297 -16.43 -15.97 11.22
CA VAL B 297 -15.79 -16.74 12.28
C VAL B 297 -16.43 -16.54 13.64
N GLY B 298 -17.36 -15.60 13.77
CA GLY B 298 -18.05 -15.42 15.02
C GLY B 298 -17.64 -14.18 15.78
N LEU B 299 -17.45 -13.08 15.06
CA LEU B 299 -17.05 -11.83 15.69
C LEU B 299 -18.23 -11.20 16.41
N ASP B 300 -17.93 -10.21 17.25
CA ASP B 300 -18.96 -9.52 17.99
C ASP B 300 -19.86 -8.74 17.04
N VAL B 301 -21.00 -8.28 17.57
CA VAL B 301 -21.91 -7.46 16.79
C VAL B 301 -21.53 -6.00 16.82
N ASP B 302 -20.66 -5.59 17.74
CA ASP B 302 -20.18 -4.23 17.82
C ASP B 302 -18.84 -4.03 17.13
N SER B 303 -18.18 -5.11 16.70
CA SER B 303 -16.96 -5.01 15.92
C SER B 303 -17.20 -5.10 14.42
N ARG B 304 -18.33 -5.68 14.01
CA ARG B 304 -18.68 -5.67 12.60
C ARG B 304 -19.03 -4.27 12.12
N ALA B 305 -19.67 -3.48 12.99
CA ALA B 305 -20.09 -2.14 12.59
C ALA B 305 -18.88 -1.25 12.30
N TYR B 306 -17.85 -1.31 13.15
CA TYR B 306 -16.67 -0.50 12.91
C TYR B 306 -16.00 -0.87 11.60
N PHE B 307 -15.88 -2.17 11.33
CA PHE B 307 -15.18 -2.62 10.13
C PHE B 307 -15.99 -2.38 8.86
N THR B 308 -17.32 -2.42 8.96
CA THR B 308 -18.13 -2.07 7.80
C THR B 308 -18.19 -0.57 7.57
N SER B 309 -17.95 0.22 8.61
CA SER B 309 -17.88 1.67 8.42
C SER B 309 -16.51 2.10 7.91
N ALA B 310 -15.45 1.42 8.34
CA ALA B 310 -14.09 1.80 7.97
C ALA B 310 -13.66 1.24 6.63
N THR B 311 -14.43 0.34 6.03
CA THR B 311 -14.09 -0.16 4.70
C THR B 311 -14.68 0.69 3.59
N MET B 312 -15.87 1.25 3.81
CA MET B 312 -16.51 2.06 2.79
C MET B 312 -15.86 3.43 2.63
N VAL B 313 -15.17 3.92 3.66
CA VAL B 313 -14.59 5.27 3.60
C VAL B 313 -13.45 5.34 2.59
N ILE B 314 -12.85 4.20 2.21
CA ILE B 314 -11.78 4.23 1.22
C ILE B 314 -12.27 4.69 -0.14
N ALA B 315 -13.58 4.60 -0.40
CA ALA B 315 -14.08 4.95 -1.73
C ALA B 315 -13.90 6.44 -2.03
N VAL B 316 -13.80 7.27 -0.99
CA VAL B 316 -13.64 8.71 -1.22
C VAL B 316 -12.33 9.04 -1.93
N PRO B 317 -11.16 8.68 -1.40
CA PRO B 317 -9.90 9.03 -2.08
C PRO B 317 -9.76 8.43 -3.48
N THR B 318 -10.18 7.18 -3.65
CA THR B 318 -10.11 6.58 -4.98
C THR B 318 -11.03 7.27 -5.96
N GLY B 319 -12.22 7.68 -5.50
CA GLY B 319 -13.08 8.48 -6.34
C GLY B 319 -12.42 9.79 -6.72
N ILE B 320 -11.70 10.40 -5.78
CA ILE B 320 -10.97 11.63 -6.08
C ILE B 320 -9.98 11.39 -7.21
N LYS B 321 -9.23 10.29 -7.13
CA LYS B 321 -8.25 9.99 -8.17
C LYS B 321 -8.92 9.76 -9.53
N ILE B 322 -10.00 8.98 -9.56
CA ILE B 322 -10.66 8.68 -10.83
C ILE B 322 -11.23 9.94 -11.46
N PHE B 323 -11.91 10.76 -10.66
CA PHE B 323 -12.48 12.00 -11.16
C PHE B 323 -11.39 12.96 -11.63
N SER B 324 -10.26 12.99 -10.93
CA SER B 324 -9.15 13.83 -11.37
C SER B 324 -8.60 13.37 -12.72
N TRP B 325 -8.54 12.06 -12.93
CA TRP B 325 -8.06 11.57 -14.24
C TRP B 325 -9.03 11.95 -15.36
N LEU B 326 -10.33 11.82 -15.13
CA LEU B 326 -11.29 12.25 -16.14
C LEU B 326 -11.16 13.76 -16.39
N ALA B 327 -10.96 14.54 -15.33
CA ALA B 327 -10.78 15.97 -15.48
C ALA B 327 -9.55 16.30 -16.30
N THR B 328 -8.45 15.58 -16.10
CA THR B 328 -7.24 15.88 -16.86
C THR B 328 -7.36 15.44 -18.31
N LEU B 329 -8.15 14.42 -18.59
CA LEU B 329 -8.38 14.07 -19.99
C LEU B 329 -9.45 14.91 -20.65
N TYR B 330 -10.22 15.70 -19.89
CA TYR B 330 -11.36 16.40 -20.47
C TYR B 330 -10.99 17.38 -21.57
N GLY B 331 -10.30 18.47 -21.23
CA GLY B 331 -10.14 19.54 -22.18
C GLY B 331 -9.12 19.28 -23.27
N GLY B 332 -8.12 18.44 -22.99
CA GLY B 332 -6.98 18.32 -23.87
C GLY B 332 -7.23 17.45 -25.07
N SER B 333 -6.18 17.33 -25.88
CA SER B 333 -6.20 16.53 -27.09
C SER B 333 -5.75 15.10 -26.80
N ILE B 334 -6.41 14.14 -27.45
CA ILE B 334 -6.15 12.72 -27.21
C ILE B 334 -5.74 12.08 -28.52
N ARG B 335 -4.65 11.32 -28.49
CA ARG B 335 -4.18 10.53 -29.61
C ARG B 335 -3.98 9.10 -29.14
N TYR B 336 -4.55 8.15 -29.87
CA TYR B 336 -4.72 6.78 -29.36
C TYR B 336 -3.52 5.91 -29.74
N THR B 337 -2.47 6.03 -28.95
CA THR B 337 -1.34 5.12 -29.00
C THR B 337 -1.62 3.90 -28.13
N THR B 338 -0.70 2.95 -28.15
CA THR B 338 -0.91 1.70 -27.43
C THR B 338 -0.86 1.84 -25.89
N PRO B 339 -0.11 2.79 -25.30
CA PRO B 339 -0.25 2.98 -23.85
C PRO B 339 -1.56 3.65 -23.46
N MET B 340 -2.04 4.60 -24.27
CA MET B 340 -3.28 5.27 -23.94
C MET B 340 -4.46 4.31 -23.98
N LEU B 341 -4.40 3.29 -24.82
CA LEU B 341 -5.46 2.29 -24.84
C LEU B 341 -5.55 1.55 -23.51
N TYR B 342 -4.41 1.13 -22.97
CA TYR B 342 -4.40 0.50 -21.66
C TYR B 342 -4.84 1.48 -20.57
N ALA B 343 -4.45 2.75 -20.68
CA ALA B 343 -4.89 3.74 -19.71
C ALA B 343 -6.41 3.87 -19.72
N PHE B 344 -7.02 3.91 -20.90
CA PHE B 344 -8.48 3.98 -20.99
C PHE B 344 -9.13 2.73 -20.43
N ALA B 345 -8.60 1.55 -20.77
CA ALA B 345 -9.20 0.31 -20.29
C ALA B 345 -9.05 0.13 -18.79
N PHE B 346 -8.02 0.73 -18.18
CA PHE B 346 -7.87 0.70 -16.73
C PHE B 346 -9.00 1.42 -16.03
N LEU B 347 -9.36 2.63 -16.49
CA LEU B 347 -10.30 3.49 -15.79
C LEU B 347 -11.69 2.89 -15.69
N PHE B 348 -12.08 2.02 -16.60
CA PHE B 348 -13.41 1.42 -16.57
C PHE B 348 -13.41 0.07 -15.87
N LEU B 349 -12.45 -0.79 -16.18
CA LEU B 349 -12.40 -2.11 -15.58
C LEU B 349 -12.09 -2.06 -14.09
N PHE B 350 -11.16 -1.19 -13.68
CA PHE B 350 -10.91 -1.05 -12.24
C PHE B 350 -12.15 -0.56 -11.51
N THR B 351 -12.89 0.37 -12.12
CA THR B 351 -14.11 0.85 -11.49
C THR B 351 -15.15 -0.26 -11.35
N VAL B 352 -15.31 -1.07 -12.40
CA VAL B 352 -16.27 -2.16 -12.34
C VAL B 352 -15.87 -3.18 -11.28
N GLY B 353 -14.56 -3.41 -11.13
CA GLY B 353 -14.11 -4.35 -10.12
C GLY B 353 -14.16 -3.83 -8.71
N GLY B 354 -13.95 -2.53 -8.53
CA GLY B 354 -13.96 -1.94 -7.21
C GLY B 354 -15.35 -1.64 -6.70
N LEU B 355 -16.31 -1.43 -7.60
CA LEU B 355 -17.69 -1.27 -7.18
C LEU B 355 -18.27 -2.56 -6.62
N SER B 356 -17.69 -3.70 -6.98
CA SER B 356 -18.04 -4.95 -6.31
C SER B 356 -17.54 -4.98 -4.87
N GLY B 357 -16.54 -4.16 -4.54
CA GLY B 357 -16.03 -4.15 -3.19
C GLY B 357 -17.00 -3.59 -2.17
N VAL B 358 -17.73 -2.54 -2.55
CA VAL B 358 -18.67 -1.91 -1.63
C VAL B 358 -19.85 -2.80 -1.30
N VAL B 359 -20.11 -3.83 -2.10
CA VAL B 359 -21.17 -4.79 -1.79
C VAL B 359 -20.71 -5.86 -0.82
N LEU B 360 -19.42 -6.18 -0.81
CA LEU B 360 -18.88 -7.23 0.05
C LEU B 360 -18.36 -6.70 1.38
N SER B 361 -18.35 -5.38 1.58
CA SER B 361 -17.90 -4.83 2.84
C SER B 361 -18.97 -4.90 3.92
N ASN B 362 -20.23 -4.95 3.52
CA ASN B 362 -21.31 -5.08 4.49
C ASN B 362 -21.26 -6.46 5.15
N ALA B 363 -21.28 -6.46 6.48
CA ALA B 363 -21.26 -7.73 7.20
C ALA B 363 -22.56 -8.49 7.01
N SER B 364 -23.66 -7.78 6.76
CA SER B 364 -24.93 -8.45 6.54
C SER B 364 -24.92 -9.24 5.22
N LEU B 365 -24.33 -8.67 4.18
CA LEU B 365 -24.33 -9.31 2.87
C LEU B 365 -23.23 -10.34 2.71
N ASP B 366 -22.15 -10.28 3.47
CA ASP B 366 -21.06 -11.22 3.27
C ASP B 366 -21.46 -12.64 3.66
N ILE B 367 -22.57 -12.80 4.37
CA ILE B 367 -23.14 -14.11 4.63
C ILE B 367 -23.60 -14.82 3.36
N ALA B 368 -23.87 -14.06 2.29
CA ALA B 368 -24.32 -14.65 1.04
C ALA B 368 -23.25 -14.69 -0.05
N PHE B 369 -22.07 -14.12 0.18
CA PHE B 369 -21.03 -14.07 -0.84
C PHE B 369 -19.67 -14.59 -0.39
N HIS B 370 -19.53 -15.02 0.86
CA HIS B 370 -18.23 -15.49 1.33
C HIS B 370 -17.98 -16.92 0.85
N ASP B 371 -16.73 -17.20 0.48
CA ASP B 371 -16.35 -18.49 -0.08
C ASP B 371 -17.18 -18.82 -1.32
N THR B 372 -17.20 -17.89 -2.26
CA THR B 372 -17.97 -18.05 -3.48
C THR B 372 -17.27 -17.27 -4.58
N TYR B 373 -17.55 -17.64 -5.84
CA TYR B 373 -16.83 -17.03 -6.95
C TYR B 373 -17.15 -15.56 -7.19
N TYR B 374 -18.08 -14.96 -6.45
CA TYR B 374 -18.23 -13.50 -6.51
C TYR B 374 -16.94 -12.82 -6.11
N VAL B 375 -16.25 -13.35 -5.08
CA VAL B 375 -14.98 -12.77 -4.66
C VAL B 375 -13.92 -12.90 -5.74
N ILE B 376 -13.90 -14.07 -6.40
CA ILE B 376 -12.93 -14.31 -7.46
C ILE B 376 -13.13 -13.32 -8.61
N GLY B 377 -14.39 -13.16 -9.03
CA GLY B 377 -14.67 -12.18 -10.05
C GLY B 377 -14.36 -10.76 -9.61
N HIS B 378 -14.54 -10.47 -8.32
CA HIS B 378 -14.20 -9.16 -7.80
C HIS B 378 -12.72 -8.86 -7.94
N PHE B 379 -11.88 -9.78 -7.47
CA PHE B 379 -10.48 -9.41 -7.39
C PHE B 379 -9.70 -9.67 -8.66
N HIS B 380 -10.26 -10.42 -9.62
CA HIS B 380 -9.58 -10.50 -10.90
C HIS B 380 -9.76 -9.23 -11.73
N TYR B 381 -10.85 -8.48 -11.52
CA TYR B 381 -11.03 -7.25 -12.28
C TYR B 381 -10.06 -6.18 -11.81
N VAL B 382 -9.71 -6.20 -10.52
CA VAL B 382 -8.77 -5.22 -9.98
C VAL B 382 -7.32 -5.68 -10.06
N LEU B 383 -7.06 -6.98 -10.15
CA LEU B 383 -5.69 -7.49 -10.25
C LEU B 383 -5.29 -7.80 -11.68
N SER B 384 -6.05 -8.66 -12.36
CA SER B 384 -5.67 -9.04 -13.72
C SER B 384 -5.93 -7.91 -14.71
N LEU B 385 -6.84 -7.00 -14.38
CA LEU B 385 -7.15 -5.87 -15.25
C LEU B 385 -6.76 -4.52 -14.67
N GLY B 386 -6.23 -4.48 -13.46
CA GLY B 386 -5.78 -3.22 -12.87
C GLY B 386 -4.28 -3.13 -12.73
N ALA B 387 -3.63 -4.23 -12.37
CA ALA B 387 -2.19 -4.24 -12.21
C ALA B 387 -1.47 -4.67 -13.49
N VAL B 388 -1.95 -5.74 -14.12
CA VAL B 388 -1.28 -6.22 -15.33
C VAL B 388 -1.44 -5.23 -16.47
N PHE B 389 -2.58 -4.55 -16.54
CA PHE B 389 -2.76 -3.51 -17.54
C PHE B 389 -1.78 -2.37 -17.33
N SER B 390 -1.56 -1.98 -16.07
CA SER B 390 -0.57 -0.94 -15.78
C SER B 390 0.82 -1.39 -16.16
N LEU B 391 1.14 -2.66 -15.92
CA LEU B 391 2.45 -3.17 -16.30
C LEU B 391 2.64 -3.13 -17.81
N PHE B 392 1.62 -3.53 -18.56
CA PHE B 392 1.72 -3.51 -20.02
C PHE B 392 1.84 -2.08 -20.54
N ALA B 393 1.08 -1.15 -19.95
CA ALA B 393 1.20 0.26 -20.31
C ALA B 393 2.60 0.78 -20.03
N GLY B 394 3.16 0.42 -18.88
CA GLY B 394 4.52 0.86 -18.56
C GLY B 394 5.55 0.31 -19.52
N TYR B 395 5.42 -0.96 -19.88
CA TYR B 395 6.34 -1.54 -20.85
C TYR B 395 6.26 -0.82 -22.18
N TYR B 396 5.05 -0.69 -22.72
CA TYR B 396 4.89 -0.03 -24.01
C TYR B 396 5.25 1.44 -23.97
N TYR B 397 5.27 2.05 -22.78
CA TYR B 397 5.63 3.45 -22.65
C TYR B 397 7.14 3.65 -22.57
N TRP B 398 7.83 2.84 -21.77
CA TRP B 398 9.23 3.09 -21.45
C TRP B 398 10.22 2.15 -22.15
N SER B 399 9.76 1.17 -22.93
CA SER B 399 10.71 0.27 -23.58
C SER B 399 11.62 0.97 -24.59
N PRO B 400 11.12 1.82 -25.49
CA PRO B 400 12.03 2.48 -26.44
C PRO B 400 13.08 3.36 -25.78
N LEU B 401 12.76 4.01 -24.68
CA LEU B 401 13.73 4.84 -23.99
C LEU B 401 14.85 4.03 -23.36
N ILE B 402 14.57 2.78 -22.99
CA ILE B 402 15.57 1.98 -22.31
C ILE B 402 16.40 1.18 -23.30
N THR B 403 15.73 0.57 -24.28
CA THR B 403 16.41 -0.32 -25.21
C THR B 403 16.95 0.40 -26.44
N GLY B 404 16.30 1.47 -26.86
CA GLY B 404 16.65 2.13 -28.10
C GLY B 404 16.00 1.55 -29.33
N LEU B 405 15.09 0.57 -29.18
CA LEU B 405 14.48 -0.13 -30.29
C LEU B 405 12.97 -0.06 -30.18
N TYR B 406 12.30 0.16 -31.30
CA TYR B 406 10.86 0.37 -31.32
C TYR B 406 10.13 -0.89 -31.77
N TYR B 407 8.81 -0.88 -31.60
CA TYR B 407 7.99 -2.07 -31.79
C TYR B 407 6.90 -1.81 -32.81
N ASN B 408 6.32 -2.89 -33.33
CA ASN B 408 5.25 -2.79 -34.29
C ASN B 408 3.97 -2.37 -33.60
N ASN B 409 3.30 -1.34 -34.13
CA ASN B 409 2.08 -0.86 -33.51
C ASN B 409 0.93 -1.83 -33.71
N ASN B 410 0.86 -2.44 -34.91
CA ASN B 410 -0.30 -3.26 -35.25
C ASN B 410 -0.39 -4.52 -34.40
N LEU B 411 0.73 -5.20 -34.20
CA LEU B 411 0.71 -6.41 -33.38
C LEU B 411 0.39 -6.06 -31.93
N ALA B 412 0.86 -4.90 -31.47
CA ALA B 412 0.51 -4.46 -30.12
C ALA B 412 -1.00 -4.23 -29.99
N ASN B 413 -1.62 -3.60 -30.99
CA ASN B 413 -3.05 -3.39 -30.94
C ASN B 413 -3.81 -4.72 -30.98
N ILE B 414 -3.36 -5.66 -31.81
CA ILE B 414 -3.99 -6.97 -31.88
C ILE B 414 -3.92 -7.67 -30.53
N GLN B 415 -2.75 -7.62 -29.89
CA GLN B 415 -2.60 -8.23 -28.57
C GLN B 415 -3.53 -7.57 -27.55
N PHE B 416 -3.63 -6.25 -27.59
CA PHE B 416 -4.48 -5.54 -26.65
C PHE B 416 -5.93 -5.98 -26.79
N TRP B 417 -6.42 -6.06 -28.03
CA TRP B 417 -7.82 -6.44 -28.22
C TRP B 417 -8.06 -7.89 -27.80
N LEU B 418 -7.12 -8.79 -28.12
CA LEU B 418 -7.27 -10.18 -27.70
C LEU B 418 -7.32 -10.30 -26.18
N LEU B 419 -6.41 -9.61 -25.49
CA LEU B 419 -6.38 -9.68 -24.02
C LEU B 419 -7.66 -9.11 -23.43
N PHE B 420 -8.12 -7.97 -23.95
CA PHE B 420 -9.36 -7.36 -23.47
C PHE B 420 -10.53 -8.32 -23.58
N ILE B 421 -10.73 -8.89 -24.77
CA ILE B 421 -11.88 -9.77 -25.00
C ILE B 421 -11.79 -11.01 -24.13
N GLY B 422 -10.60 -11.63 -24.08
CA GLY B 422 -10.46 -12.86 -23.33
C GLY B 422 -10.68 -12.66 -21.84
N THR B 423 -10.07 -11.62 -21.28
CA THR B 423 -10.23 -11.36 -19.85
C THR B 423 -11.67 -10.98 -19.51
N ASN B 424 -12.35 -10.24 -20.38
CA ASN B 424 -13.74 -9.91 -20.09
C ASN B 424 -14.66 -11.11 -20.19
N VAL B 425 -14.41 -12.03 -21.13
CA VAL B 425 -15.21 -13.24 -21.20
C VAL B 425 -14.93 -14.19 -20.03
N THR B 426 -13.71 -14.19 -19.50
CA THR B 426 -13.33 -15.20 -18.52
C THR B 426 -13.80 -14.88 -17.10
N PHE B 427 -14.06 -13.63 -16.77
CA PHE B 427 -14.32 -13.24 -15.38
C PHE B 427 -15.72 -12.74 -15.11
N PHE B 428 -16.53 -12.47 -16.12
CA PHE B 428 -17.86 -11.95 -15.83
C PHE B 428 -18.83 -13.04 -15.39
N PRO B 429 -18.85 -14.22 -16.02
CA PRO B 429 -19.73 -15.29 -15.54
C PRO B 429 -19.46 -15.74 -14.12
N MET B 430 -18.28 -15.46 -13.58
CA MET B 430 -18.01 -15.81 -12.20
C MET B 430 -18.95 -15.10 -11.24
N HIS B 431 -19.40 -13.89 -11.59
CA HIS B 431 -20.38 -13.21 -10.75
C HIS B 431 -21.69 -13.97 -10.68
N PHE B 432 -22.16 -14.46 -11.83
CA PHE B 432 -23.40 -15.23 -11.86
C PHE B 432 -23.25 -16.54 -11.09
N LEU B 433 -22.13 -17.25 -11.31
CA LEU B 433 -21.90 -18.50 -10.58
C LEU B 433 -21.82 -18.24 -9.08
N GLY B 434 -21.25 -17.11 -8.68
CA GLY B 434 -21.20 -16.76 -7.28
C GLY B 434 -22.57 -16.45 -6.71
N LEU B 435 -23.40 -15.74 -7.46
CA LEU B 435 -24.74 -15.44 -6.99
C LEU B 435 -25.58 -16.70 -6.87
N ASN B 436 -25.38 -17.68 -7.74
CA ASN B 436 -26.16 -18.90 -7.67
C ASN B 436 -25.65 -19.89 -6.63
N GLY B 437 -24.45 -19.66 -6.08
CA GLY B 437 -24.00 -20.44 -4.93
C GLY B 437 -22.90 -21.45 -5.16
N MET B 438 -21.91 -21.12 -5.99
CA MET B 438 -20.81 -22.03 -6.24
C MET B 438 -19.71 -21.79 -5.22
N PRO B 439 -19.32 -22.79 -4.44
CA PRO B 439 -18.22 -22.62 -3.49
C PRO B 439 -16.87 -22.58 -4.19
N ARG B 440 -15.86 -22.13 -3.47
CA ARG B 440 -14.51 -21.98 -3.99
C ARG B 440 -13.67 -23.20 -3.66
N ARG B 441 -12.61 -23.40 -4.46
CA ARG B 441 -11.63 -24.45 -4.22
C ARG B 441 -12.26 -25.84 -4.33
N ILE B 442 -13.06 -26.04 -5.36
CA ILE B 442 -13.69 -27.34 -5.61
C ILE B 442 -13.31 -27.81 -7.01
N PRO B 443 -12.75 -29.01 -7.14
CA PRO B 443 -12.40 -29.53 -8.47
C PRO B 443 -13.63 -29.87 -9.31
N ASP B 444 -14.63 -30.47 -8.68
CA ASP B 444 -15.84 -30.92 -9.35
C ASP B 444 -17.05 -30.21 -8.77
N TYR B 445 -18.06 -29.97 -9.61
CA TYR B 445 -19.26 -29.24 -9.25
C TYR B 445 -20.49 -29.98 -9.76
N PRO B 446 -21.66 -29.69 -9.20
CA PRO B 446 -22.89 -30.29 -9.70
C PRO B 446 -23.15 -29.91 -11.16
N ASP B 447 -24.18 -30.55 -11.72
CA ASP B 447 -24.44 -30.42 -13.14
C ASP B 447 -24.98 -29.05 -13.53
N ALA B 448 -25.54 -28.31 -12.58
CA ALA B 448 -26.20 -27.06 -12.93
C ALA B 448 -25.20 -25.99 -13.36
N PHE B 449 -24.02 -25.98 -12.76
CA PHE B 449 -23.04 -24.93 -12.98
C PHE B 449 -22.20 -25.14 -14.25
N ALA B 450 -22.64 -26.00 -15.16
CA ALA B 450 -21.80 -26.34 -16.31
C ALA B 450 -21.69 -25.17 -17.28
N GLY B 451 -22.82 -24.55 -17.62
CA GLY B 451 -22.88 -23.70 -18.79
C GLY B 451 -21.91 -22.53 -18.75
N TRP B 452 -21.97 -21.74 -17.68
CA TRP B 452 -21.06 -20.61 -17.57
C TRP B 452 -19.61 -21.07 -17.48
N ASN B 453 -19.37 -22.23 -16.87
CA ASN B 453 -18.01 -22.75 -16.83
C ASN B 453 -17.49 -23.08 -18.23
N ALA B 454 -18.40 -23.36 -19.16
CA ALA B 454 -17.98 -23.59 -20.54
C ALA B 454 -17.67 -22.30 -21.27
N ILE B 455 -18.12 -21.16 -20.75
CA ILE B 455 -17.77 -19.88 -21.36
C ILE B 455 -16.50 -19.30 -20.76
N SER B 456 -16.20 -19.60 -19.50
CA SER B 456 -15.02 -19.07 -18.86
C SER B 456 -13.75 -19.84 -19.22
N SER B 457 -13.87 -21.03 -19.81
CA SER B 457 -12.73 -21.76 -20.32
C SER B 457 -12.44 -21.45 -21.77
N PHE B 458 -13.22 -20.55 -22.38
CA PHE B 458 -13.00 -20.09 -23.74
C PHE B 458 -12.15 -18.83 -23.80
N GLY B 459 -12.21 -17.98 -22.77
CA GLY B 459 -11.40 -16.78 -22.76
C GLY B 459 -9.96 -17.02 -22.38
N SER B 460 -9.71 -18.07 -21.59
CA SER B 460 -8.34 -18.40 -21.20
C SER B 460 -7.50 -18.73 -22.42
N LEU B 461 -8.09 -19.46 -23.38
CA LEU B 461 -7.39 -19.80 -24.60
C LEU B 461 -7.20 -18.61 -25.51
N ILE B 462 -7.90 -17.50 -25.28
CA ILE B 462 -7.61 -16.26 -25.99
C ILE B 462 -6.49 -15.48 -25.29
N SER B 463 -6.50 -15.46 -23.96
CA SER B 463 -5.43 -14.79 -23.23
C SER B 463 -4.08 -15.44 -23.48
N ILE B 464 -4.03 -16.77 -23.61
CA ILE B 464 -2.73 -17.39 -23.91
C ILE B 464 -2.26 -17.05 -25.32
N ILE B 465 -3.17 -16.96 -26.29
CA ILE B 465 -2.77 -16.51 -27.62
C ILE B 465 -2.22 -15.10 -27.56
N SER B 466 -2.83 -14.26 -26.72
CA SER B 466 -2.30 -12.91 -26.52
C SER B 466 -0.88 -12.95 -25.97
N VAL B 467 -0.61 -13.86 -25.04
CA VAL B 467 0.73 -13.98 -24.46
C VAL B 467 1.74 -14.39 -25.53
N ILE B 468 1.38 -15.37 -26.37
CA ILE B 468 2.31 -15.80 -27.43
C ILE B 468 2.56 -14.65 -28.40
N LEU B 469 1.53 -13.89 -28.74
CA LEU B 469 1.73 -12.74 -29.60
C LEU B 469 2.60 -11.68 -28.94
N PHE B 470 2.51 -11.54 -27.62
CA PHE B 470 3.41 -10.65 -26.88
C PHE B 470 4.85 -11.10 -27.04
N ALA B 471 5.08 -12.41 -26.96
CA ALA B 471 6.42 -12.94 -27.18
C ALA B 471 6.94 -12.60 -28.57
N TYR B 472 6.08 -12.77 -29.59
CA TYR B 472 6.51 -12.41 -30.94
C TYR B 472 6.75 -10.90 -31.05
N VAL B 473 5.98 -10.09 -30.31
CA VAL B 473 6.18 -8.65 -30.36
C VAL B 473 7.54 -8.28 -29.80
N ILE B 474 7.94 -8.91 -28.70
CA ILE B 474 9.28 -8.68 -28.16
C ILE B 474 10.33 -9.10 -29.17
N TYR B 475 10.11 -10.25 -29.83
CA TYR B 475 11.06 -10.72 -30.83
C TYR B 475 11.20 -9.74 -31.98
N ASP B 476 10.08 -9.21 -32.47
CA ASP B 476 10.10 -8.23 -33.55
C ASP B 476 10.65 -6.90 -33.09
N GLN B 477 10.59 -6.62 -31.79
CA GLN B 477 11.25 -5.43 -31.26
C GLN B 477 12.76 -5.57 -31.30
N LEU B 478 13.28 -6.70 -30.82
CA LEU B 478 14.73 -6.83 -30.68
C LEU B 478 15.42 -6.94 -32.04
N VAL B 479 14.92 -7.80 -32.91
CA VAL B 479 15.41 -7.88 -34.28
C VAL B 479 14.62 -6.89 -35.12
N ASN B 480 15.31 -6.21 -36.04
CA ASN B 480 14.76 -5.13 -36.87
C ASN B 480 13.92 -4.14 -36.07
N GLY B 481 14.44 -3.74 -34.91
CA GLY B 481 13.80 -2.70 -34.13
C GLY B 481 14.18 -1.29 -34.52
N LEU B 482 15.34 -1.12 -35.16
CA LEU B 482 15.76 0.22 -35.57
C LEU B 482 15.00 0.73 -36.77
N THR B 483 14.42 -0.17 -37.57
CA THR B 483 13.68 0.21 -38.77
C THR B 483 12.18 0.22 -38.55
N ASN B 484 11.72 0.22 -37.30
CA ASN B 484 10.29 0.22 -36.99
C ASN B 484 9.80 1.60 -36.57
N LYS B 485 10.67 2.60 -36.53
CA LYS B 485 10.29 3.92 -36.07
C LYS B 485 9.66 4.77 -37.17
N GLN B 486 9.74 4.33 -38.42
CA GLN B 486 9.15 5.06 -39.53
C GLN B 486 7.84 4.47 -40.01
N LEU B 487 7.40 3.34 -39.46
CA LEU B 487 6.14 2.76 -39.89
C LEU B 487 4.95 3.62 -39.44
N SER B 488 4.92 4.00 -38.18
CA SER B 488 3.81 4.78 -37.65
C SER B 488 4.35 5.94 -36.84
N THR B 489 3.53 6.99 -36.73
CA THR B 489 3.85 8.16 -35.93
C THR B 489 3.59 7.94 -34.45
N ASN B 490 3.43 6.68 -34.02
CA ASN B 490 3.35 6.35 -32.61
C ASN B 490 4.70 6.47 -31.94
N SER B 491 5.78 6.41 -32.72
CA SER B 491 7.12 6.60 -32.16
C SER B 491 7.28 7.98 -31.56
N LEU B 492 6.60 8.98 -32.13
CA LEU B 492 6.71 10.34 -31.63
C LEU B 492 6.16 10.43 -30.21
N PHE B 493 6.90 11.13 -29.35
CA PHE B 493 6.49 11.32 -27.97
C PHE B 493 5.40 12.38 -27.85
N LYS B 494 5.35 13.35 -28.76
CA LYS B 494 4.33 14.39 -28.74
C LYS B 494 4.18 14.99 -30.13
N ASN B 495 2.95 15.05 -30.62
CA ASN B 495 2.69 15.61 -31.94
C ASN B 495 2.90 17.12 -31.94
N PRO B 496 3.17 17.71 -33.11
CA PRO B 496 3.26 19.17 -33.20
C PRO B 496 1.92 19.82 -32.85
N ASP B 497 2.00 21.01 -32.25
CA ASP B 497 0.82 21.77 -31.92
C ASP B 497 0.23 22.36 -33.20
N PHE B 498 -0.84 23.15 -33.06
CA PHE B 498 -1.55 23.65 -34.23
C PHE B 498 -0.70 24.64 -35.02
N ILE B 499 -0.05 25.58 -34.33
CA ILE B 499 0.77 26.59 -35.00
C ILE B 499 2.23 26.16 -35.14
N GLU B 500 2.67 25.18 -34.35
CA GLU B 500 4.07 24.77 -34.40
C GLU B 500 4.38 24.09 -35.72
N SER B 501 5.18 24.74 -36.55
CA SER B 501 5.50 24.22 -37.86
C SER B 501 6.42 23.01 -37.76
N ASN B 502 6.46 22.23 -38.84
CA ASN B 502 7.25 21.00 -38.85
C ASN B 502 8.73 21.31 -38.71
N ILE B 503 9.21 22.35 -39.39
CA ILE B 503 10.63 22.69 -39.34
C ILE B 503 11.03 23.06 -37.92
N ILE B 504 10.20 23.86 -37.24
CA ILE B 504 10.50 24.22 -35.86
C ILE B 504 10.37 23.00 -34.95
N PHE B 505 9.41 22.11 -35.22
CA PHE B 505 9.26 20.93 -34.38
C PHE B 505 10.48 20.02 -34.46
N ASN B 506 11.05 19.87 -35.66
CA ASN B 506 12.20 18.98 -35.82
C ASN B 506 13.42 19.46 -35.06
N ASP B 507 13.49 20.76 -34.74
CA ASP B 507 14.60 21.28 -33.95
C ASP B 507 14.35 21.19 -32.45
N ASN B 508 13.09 21.22 -32.04
CA ASN B 508 12.71 21.15 -30.62
C ASN B 508 11.61 20.11 -30.51
N SER B 509 11.99 18.86 -30.24
CA SER B 509 11.08 17.74 -30.35
C SER B 509 10.51 17.29 -29.01
N ILE B 510 11.32 17.27 -27.97
CA ILE B 510 10.93 16.74 -26.67
C ILE B 510 10.58 17.90 -25.75
N LYS B 511 9.31 17.99 -25.37
CA LYS B 511 8.82 18.92 -24.35
C LYS B 511 8.24 18.08 -23.23
N SER B 512 8.92 18.06 -22.09
CA SER B 512 8.64 17.10 -21.04
C SER B 512 8.46 17.81 -19.71
N SER B 513 7.98 17.06 -18.72
CA SER B 513 7.85 17.51 -17.35
C SER B 513 8.65 16.65 -16.39
N SER B 514 9.59 15.87 -16.90
CA SER B 514 10.50 15.07 -16.08
C SER B 514 11.76 14.80 -16.89
N ILE B 515 12.81 14.38 -16.19
CA ILE B 515 14.10 14.12 -16.83
C ILE B 515 14.06 12.96 -17.81
N ASP B 516 13.07 12.07 -17.66
CA ASP B 516 13.13 10.73 -18.23
C ASP B 516 13.36 10.76 -19.73
N PHE B 517 12.67 11.65 -20.44
CA PHE B 517 12.68 11.64 -21.89
C PHE B 517 13.68 12.62 -22.48
N LEU B 518 14.59 13.15 -21.67
CA LEU B 518 15.71 13.93 -22.19
C LEU B 518 17.01 13.14 -22.22
N LEU B 519 17.09 12.03 -21.49
CA LEU B 519 18.29 11.21 -21.48
C LEU B 519 18.50 10.57 -22.84
N THR B 520 19.74 10.12 -23.07
CA THR B 520 20.11 9.58 -24.36
C THR B 520 19.33 8.29 -24.66
N SER B 521 19.49 7.79 -25.89
CA SER B 521 18.59 6.75 -26.39
C SER B 521 18.63 5.47 -25.58
N PRO B 522 19.76 4.83 -25.31
CA PRO B 522 19.92 4.13 -24.02
C PRO B 522 20.60 5.04 -23.03
N PRO B 523 20.05 5.20 -21.83
CA PRO B 523 20.66 6.09 -20.83
C PRO B 523 22.09 5.68 -20.52
N LEU B 524 22.96 6.67 -20.37
CA LEU B 524 24.37 6.41 -20.17
C LEU B 524 24.59 5.71 -18.84
N PRO B 525 25.65 4.90 -18.72
CA PRO B 525 25.91 4.20 -17.45
C PRO B 525 26.06 5.14 -16.27
N HIS B 526 26.91 6.16 -16.39
CA HIS B 526 26.99 7.25 -15.41
C HIS B 526 26.31 8.45 -16.04
N THR B 527 25.06 8.70 -15.66
CA THR B 527 24.22 9.65 -16.36
C THR B 527 24.46 11.10 -15.93
N PHE B 528 24.60 11.35 -14.64
CA PHE B 528 24.75 12.70 -14.11
C PHE B 528 26.16 12.83 -13.55
N ASN B 529 27.01 13.59 -14.24
CA ASN B 529 28.34 13.90 -13.73
C ASN B 529 28.32 15.24 -13.00
N THR B 530 27.98 16.30 -13.72
CA THR B 530 27.69 17.59 -13.11
C THR B 530 26.19 17.67 -12.80
N PRO B 531 25.83 18.11 -11.60
CA PRO B 531 24.45 17.94 -11.14
C PRO B 531 23.44 18.76 -11.94
N ALA B 532 22.20 18.27 -11.97
CA ALA B 532 21.11 19.00 -12.60
C ALA B 532 20.65 20.15 -11.72
N ILE B 533 20.12 21.19 -12.36
CA ILE B 533 19.69 22.41 -11.69
C ILE B 533 18.20 22.60 -11.89
N GLN B 534 17.50 22.98 -10.83
CA GLN B 534 16.09 23.30 -10.88
C GLN B 534 15.86 24.63 -10.20
N SER B 535 14.89 25.39 -10.70
CA SER B 535 14.57 26.68 -10.12
C SER B 535 13.82 26.52 -8.82
N ASP C 1 -32.78 -23.44 -2.58
CA ASP C 1 -33.26 -24.67 -3.16
C ASP C 1 -32.21 -25.23 -4.10
N VAL C 2 -32.65 -26.00 -5.10
CA VAL C 2 -31.69 -26.59 -6.04
C VAL C 2 -31.17 -25.51 -6.98
N PRO C 3 -29.89 -25.51 -7.32
CA PRO C 3 -29.40 -24.55 -8.32
C PRO C 3 -30.05 -24.79 -9.68
N THR C 4 -30.17 -23.72 -10.45
CA THR C 4 -30.75 -23.76 -11.78
C THR C 4 -29.65 -23.70 -12.83
N PRO C 5 -29.88 -24.27 -14.02
CA PRO C 5 -28.79 -24.46 -14.98
C PRO C 5 -28.05 -23.20 -15.41
N TRP C 6 -28.72 -22.27 -16.07
CA TRP C 6 -28.09 -21.01 -16.47
C TRP C 6 -28.53 -19.91 -15.50
N GLY C 7 -27.94 -19.94 -14.32
CA GLY C 7 -28.31 -19.00 -13.29
C GLY C 7 -27.74 -17.61 -13.53
N ILE C 8 -28.51 -16.62 -13.08
CA ILE C 8 -28.07 -15.23 -13.14
C ILE C 8 -28.22 -14.49 -11.82
N PHE C 9 -29.12 -14.91 -10.94
CA PHE C 9 -29.45 -14.15 -9.74
C PHE C 9 -29.59 -15.14 -8.59
N PHE C 10 -30.00 -14.62 -7.43
CA PHE C 10 -30.06 -15.39 -6.20
C PHE C 10 -31.02 -16.56 -6.34
N GLN C 11 -30.94 -17.46 -5.36
CA GLN C 11 -31.91 -18.55 -5.26
C GLN C 11 -33.15 -18.06 -4.52
N ASP C 12 -34.22 -18.84 -4.62
CA ASP C 12 -35.47 -18.50 -3.96
C ASP C 12 -35.30 -18.60 -2.45
N SER C 13 -35.94 -17.70 -1.73
CA SER C 13 -35.76 -17.57 -0.30
C SER C 13 -36.88 -18.26 0.47
N ALA C 14 -36.56 -18.65 1.71
CA ALA C 14 -37.56 -19.24 2.59
C ALA C 14 -37.46 -18.73 4.02
N THR C 15 -36.71 -17.66 4.27
CA THR C 15 -36.50 -17.11 5.60
C THR C 15 -36.52 -15.58 5.51
N PRO C 16 -36.95 -14.89 6.56
CA PRO C 16 -36.90 -13.43 6.55
C PRO C 16 -35.51 -12.86 6.34
N ASN C 17 -34.48 -13.52 6.88
CA ASN C 17 -33.12 -12.99 6.78
C ASN C 17 -32.66 -12.90 5.33
N MET C 18 -32.98 -13.91 4.52
CA MET C 18 -32.54 -13.87 3.13
C MET C 18 -33.27 -12.79 2.35
N GLU C 19 -34.55 -12.56 2.64
CA GLU C 19 -35.25 -11.45 2.02
C GLU C 19 -34.62 -10.12 2.40
N GLY C 20 -34.20 -9.97 3.65
CA GLY C 20 -33.50 -8.76 4.04
C GLY C 20 -32.20 -8.56 3.27
N ILE C 21 -31.44 -9.65 3.12
CA ILE C 21 -30.19 -9.56 2.35
C ILE C 21 -30.46 -9.13 0.92
N ILE C 22 -31.48 -9.73 0.30
CA ILE C 22 -31.82 -9.40 -1.08
C ILE C 22 -32.22 -7.94 -1.20
N GLU C 23 -33.03 -7.45 -0.26
CA GLU C 23 -33.49 -6.06 -0.33
C GLU C 23 -32.33 -5.08 -0.17
N LEU C 24 -31.42 -5.37 0.76
CA LEU C 24 -30.27 -4.48 0.94
C LEU C 24 -29.38 -4.46 -0.30
N HIS C 25 -29.17 -5.63 -0.91
CA HIS C 25 -28.37 -5.69 -2.13
C HIS C 25 -29.01 -4.89 -3.25
N ASN C 26 -30.32 -5.05 -3.42
CA ASN C 26 -31.02 -4.30 -4.46
C ASN C 26 -31.03 -2.81 -4.19
N ASN C 27 -30.96 -2.41 -2.92
CA ASN C 27 -30.82 -0.99 -2.60
C ASN C 27 -29.45 -0.45 -3.00
N ILE C 28 -28.38 -1.19 -2.73
CA ILE C 28 -27.04 -0.70 -3.05
C ILE C 28 -26.81 -0.63 -4.56
N MET C 29 -27.34 -1.61 -5.30
CA MET C 29 -27.08 -1.64 -6.73
C MET C 29 -27.65 -0.42 -7.45
N PHE C 30 -28.67 0.22 -6.87
CA PHE C 30 -29.19 1.48 -7.39
C PHE C 30 -28.09 2.52 -7.54
N TYR C 31 -27.43 2.85 -6.44
CA TYR C 31 -26.39 3.87 -6.45
C TYR C 31 -25.19 3.42 -7.26
N LEU C 32 -24.86 2.12 -7.22
CA LEU C 32 -23.74 1.64 -8.01
C LEU C 32 -24.00 1.82 -9.52
N VAL C 33 -25.22 1.54 -9.95
CA VAL C 33 -25.58 1.73 -11.36
C VAL C 33 -25.50 3.21 -11.71
N LEU C 34 -25.95 4.08 -10.81
CA LEU C 34 -25.86 5.52 -11.04
C LEU C 34 -24.42 5.94 -11.30
N ILE C 35 -23.50 5.51 -10.44
CA ILE C 35 -22.11 5.91 -10.57
C ILE C 35 -21.51 5.37 -11.87
N LEU C 36 -21.79 4.11 -12.19
CA LEU C 36 -21.22 3.53 -13.40
C LEU C 36 -21.71 4.25 -14.65
N THR C 37 -23.01 4.56 -14.71
CA THR C 37 -23.53 5.28 -15.87
C THR C 37 -22.89 6.65 -16.00
N PHE C 38 -22.71 7.36 -14.89
CA PHE C 38 -22.08 8.67 -14.96
C PHE C 38 -20.66 8.59 -15.52
N VAL C 39 -19.86 7.66 -15.00
CA VAL C 39 -18.47 7.56 -15.46
C VAL C 39 -18.42 7.17 -16.93
N SER C 40 -19.25 6.20 -17.34
CA SER C 40 -19.25 5.76 -18.72
C SER C 40 -19.64 6.89 -19.66
N TYR C 41 -20.64 7.69 -19.27
CA TYR C 41 -21.03 8.81 -20.13
C TYR C 41 -19.91 9.83 -20.26
N ILE C 42 -19.19 10.10 -19.17
CA ILE C 42 -18.09 11.06 -19.26
C ILE C 42 -17.02 10.58 -20.22
N LEU C 43 -16.66 9.29 -20.14
CA LEU C 43 -15.67 8.77 -21.09
C LEU C 43 -16.18 8.83 -22.53
N TYR C 44 -17.45 8.52 -22.74
CA TYR C 44 -17.99 8.59 -24.10
C TYR C 44 -17.92 10.01 -24.64
N THR C 45 -18.27 11.00 -23.82
CA THR C 45 -18.18 12.39 -24.24
C THR C 45 -16.75 12.79 -24.56
N ILE C 46 -15.79 12.36 -23.71
CA ILE C 46 -14.39 12.69 -23.93
C ILE C 46 -13.92 12.13 -25.26
N ILE C 47 -14.29 10.90 -25.58
CA ILE C 47 -13.85 10.31 -26.83
C ILE C 47 -14.49 11.01 -28.02
N TYR C 48 -15.78 11.31 -27.94
CA TYR C 48 -16.49 11.80 -29.11
C TYR C 48 -16.16 13.26 -29.40
N ASN C 49 -15.92 14.07 -28.36
CA ASN C 49 -15.66 15.50 -28.56
C ASN C 49 -14.18 15.84 -28.71
N TYR C 50 -13.29 15.22 -27.92
CA TYR C 50 -11.94 15.72 -27.72
C TYR C 50 -10.88 14.75 -28.19
N SER C 51 -11.06 14.15 -29.36
CA SER C 51 -10.06 13.28 -29.95
C SER C 51 -9.46 13.97 -31.15
N ASN C 52 -8.14 14.17 -31.13
CA ASN C 52 -7.44 14.89 -32.18
C ASN C 52 -7.97 16.32 -32.30
N ALA C 53 -7.90 17.04 -31.19
CA ALA C 53 -8.44 18.38 -31.08
C ALA C 53 -7.37 19.42 -31.34
N THR C 54 -7.77 20.51 -31.98
CA THR C 54 -6.82 21.57 -32.31
C THR C 54 -6.49 22.45 -31.11
N ILE C 55 -7.44 22.64 -30.20
CA ILE C 55 -7.29 23.53 -29.05
C ILE C 55 -7.06 22.69 -27.81
N VAL C 56 -6.05 23.06 -27.02
CA VAL C 56 -5.70 22.37 -25.79
C VAL C 56 -5.84 23.36 -24.65
N HIS C 57 -6.68 23.04 -23.67
CA HIS C 57 -6.92 23.90 -22.52
C HIS C 57 -5.92 23.55 -21.44
N LYS C 58 -4.74 24.17 -21.52
CA LYS C 58 -3.62 23.83 -20.65
C LYS C 58 -3.51 24.74 -19.43
N TYR C 59 -4.59 25.46 -19.09
CA TYR C 59 -4.61 26.31 -17.92
C TYR C 59 -5.76 26.00 -16.97
N MET C 60 -6.62 25.04 -17.31
CA MET C 60 -7.66 24.56 -16.41
C MET C 60 -7.05 23.44 -15.60
N ASN C 61 -6.50 23.79 -14.44
CA ASN C 61 -5.79 22.80 -13.64
C ASN C 61 -6.03 22.87 -12.15
N HIS C 62 -6.91 23.74 -11.65
CA HIS C 62 -7.07 23.88 -10.20
C HIS C 62 -8.44 23.44 -9.72
N GLY C 63 -9.50 24.16 -10.08
CA GLY C 63 -10.81 23.83 -9.54
C GLY C 63 -10.93 24.20 -8.07
N GLN C 64 -12.04 24.77 -7.66
CA GLN C 64 -12.23 24.93 -6.21
C GLN C 64 -13.61 24.49 -5.75
N LEU C 65 -14.65 24.76 -6.53
CA LEU C 65 -16.00 24.33 -6.16
C LEU C 65 -16.26 22.88 -6.50
N ILE C 66 -15.60 22.38 -7.55
CA ILE C 66 -15.89 21.04 -8.03
C ILE C 66 -15.22 19.99 -7.14
N GLU C 67 -14.14 20.37 -6.46
CA GLU C 67 -13.47 19.46 -5.54
C GLU C 67 -14.23 19.27 -4.23
N ILE C 68 -15.04 20.25 -3.84
CA ILE C 68 -16.00 20.03 -2.75
C ILE C 68 -17.08 19.04 -3.18
N VAL C 69 -17.51 19.12 -4.43
CA VAL C 69 -18.64 18.35 -4.91
C VAL C 69 -18.30 16.91 -5.25
N TRP C 70 -17.07 16.60 -5.67
CA TRP C 70 -16.68 15.20 -5.74
C TRP C 70 -16.04 14.71 -4.45
N THR C 71 -16.31 15.35 -3.32
CA THR C 71 -15.92 14.82 -2.02
C THR C 71 -17.08 14.74 -1.04
N THR C 72 -18.12 15.54 -1.23
CA THR C 72 -19.28 15.48 -0.34
C THR C 72 -20.35 14.48 -0.77
N LEU C 73 -20.64 14.38 -2.07
CA LEU C 73 -21.71 13.48 -2.51
C LEU C 73 -21.43 12.02 -2.21
N PRO C 74 -20.23 11.48 -2.47
CA PRO C 74 -19.95 10.10 -2.05
C PRO C 74 -20.13 9.88 -0.56
N ALA C 75 -19.86 10.89 0.27
CA ALA C 75 -20.11 10.75 1.70
C ALA C 75 -21.59 10.53 2.00
N VAL C 76 -22.46 11.33 1.39
CA VAL C 76 -23.89 11.19 1.68
C VAL C 76 -24.41 9.86 1.14
N ILE C 77 -23.88 9.42 0.00
CA ILE C 77 -24.25 8.11 -0.52
C ILE C 77 -23.86 7.02 0.47
N LEU C 78 -22.65 7.11 1.04
CA LEU C 78 -22.22 6.12 2.02
C LEU C 78 -23.10 6.14 3.26
N LEU C 79 -23.51 7.32 3.71
CA LEU C 79 -24.38 7.40 4.87
C LEU C 79 -25.74 6.75 4.60
N ILE C 80 -26.31 7.02 3.42
CA ILE C 80 -27.60 6.44 3.06
C ILE C 80 -27.49 4.93 3.00
N ILE C 81 -26.39 4.41 2.44
CA ILE C 81 -26.20 2.97 2.41
C ILE C 81 -26.02 2.41 3.82
N ALA C 82 -25.37 3.18 4.70
CA ALA C 82 -25.01 2.66 6.01
C ALA C 82 -26.21 2.56 6.95
N PHE C 83 -27.22 3.41 6.78
CA PHE C 83 -28.39 3.34 7.67
C PHE C 83 -29.09 1.98 7.64
N PRO C 84 -29.64 1.52 6.51
CA PRO C 84 -30.33 0.22 6.51
C PRO C 84 -29.43 -0.94 6.88
N SER C 85 -28.14 -0.84 6.59
CA SER C 85 -27.22 -1.91 6.95
C SER C 85 -27.14 -2.08 8.46
N PHE C 86 -27.03 -0.98 9.20
CA PHE C 86 -27.00 -1.07 10.65
C PHE C 86 -28.34 -1.57 11.19
N ILE C 87 -29.45 -1.11 10.61
CA ILE C 87 -30.75 -1.58 11.08
C ILE C 87 -30.87 -3.09 10.91
N LEU C 88 -30.49 -3.61 9.74
CA LEU C 88 -30.55 -5.05 9.50
C LEU C 88 -29.59 -5.81 10.40
N LEU C 89 -28.39 -5.27 10.61
CA LEU C 89 -27.40 -5.97 11.40
C LEU C 89 -27.86 -6.13 12.84
N TYR C 90 -28.45 -5.10 13.42
CA TYR C 90 -28.84 -5.19 14.82
C TYR C 90 -30.23 -5.79 15.02
N LEU C 91 -31.10 -5.73 14.02
CA LEU C 91 -32.49 -6.13 14.23
C LEU C 91 -32.66 -7.64 14.18
N CYS C 92 -32.32 -8.24 13.04
CA CYS C 92 -32.70 -9.63 12.77
C CYS C 92 -31.78 -10.57 13.53
N ASP C 93 -32.35 -11.30 14.48
CA ASP C 93 -31.65 -12.35 15.23
C ASP C 93 -32.69 -13.09 16.07
N GLU C 94 -32.21 -14.05 16.87
CA GLU C 94 -33.08 -14.83 17.75
C GLU C 94 -33.41 -14.01 19.00
N VAL C 95 -34.35 -13.08 18.82
CA VAL C 95 -34.70 -12.16 19.89
C VAL C 95 -35.42 -12.87 21.03
N ILE C 96 -36.39 -13.74 20.70
CA ILE C 96 -37.26 -14.33 21.71
C ILE C 96 -37.48 -15.80 21.40
N SER C 97 -37.33 -16.64 22.43
CA SER C 97 -37.79 -18.02 22.47
C SER C 97 -37.30 -18.88 21.30
N PRO C 98 -36.02 -19.25 21.28
CA PRO C 98 -35.61 -20.35 20.39
C PRO C 98 -36.39 -21.61 20.75
N ALA C 99 -36.80 -22.36 19.72
CA ALA C 99 -37.73 -23.45 19.93
C ALA C 99 -37.11 -24.84 19.81
N MET C 100 -35.98 -24.97 19.13
CA MET C 100 -35.41 -26.30 18.92
C MET C 100 -33.94 -26.15 18.58
N THR C 101 -33.16 -27.19 18.93
CA THR C 101 -31.71 -27.12 18.83
C THR C 101 -31.18 -28.36 18.14
N ILE C 102 -30.31 -28.17 17.15
CA ILE C 102 -29.70 -29.26 16.41
C ILE C 102 -28.20 -29.00 16.35
N LYS C 103 -27.42 -29.89 16.94
CA LYS C 103 -25.96 -29.79 16.93
C LYS C 103 -25.43 -30.46 15.67
N ALA C 104 -24.58 -29.74 14.94
CA ALA C 104 -24.03 -30.21 13.67
C ALA C 104 -22.52 -30.28 13.78
N ILE C 105 -22.00 -31.44 14.13
CA ILE C 105 -20.56 -31.66 14.25
C ILE C 105 -20.02 -31.99 12.87
N GLY C 106 -19.04 -31.23 12.42
CA GLY C 106 -18.50 -31.46 11.10
C GLY C 106 -17.19 -32.21 11.13
N LEU C 107 -17.25 -33.51 10.86
CA LEU C 107 -16.06 -34.33 10.85
C LEU C 107 -15.35 -34.14 9.52
N GLN C 108 -14.39 -35.03 9.21
CA GLN C 108 -13.53 -34.84 8.04
C GLN C 108 -14.32 -34.72 6.76
N TRP C 109 -15.01 -35.78 6.34
CA TRP C 109 -15.72 -35.77 5.06
C TRP C 109 -17.12 -36.34 5.21
N TYR C 110 -17.82 -35.93 6.26
CA TYR C 110 -19.25 -36.19 6.42
C TYR C 110 -19.75 -35.32 7.57
N TRP C 111 -21.06 -35.34 7.79
CA TRP C 111 -21.63 -34.53 8.86
C TRP C 111 -22.24 -35.44 9.93
N LYS C 112 -22.34 -34.93 11.15
CA LYS C 112 -22.93 -35.66 12.26
C LYS C 112 -23.97 -34.75 12.92
N TYR C 113 -25.17 -35.27 13.14
CA TYR C 113 -26.27 -34.47 13.63
C TYR C 113 -26.82 -35.06 14.91
N GLU C 114 -27.04 -34.20 15.91
CA GLU C 114 -27.65 -34.57 17.18
C GLU C 114 -28.81 -33.64 17.49
N TYR C 115 -29.89 -34.20 18.00
CA TYR C 115 -31.05 -33.42 18.42
C TYR C 115 -31.01 -33.37 19.94
N SER C 116 -30.63 -32.21 20.49
CA SER C 116 -30.34 -32.11 21.92
C SER C 116 -31.55 -32.41 22.79
N ASP C 117 -32.76 -32.23 22.27
CA ASP C 117 -33.96 -32.59 22.99
C ASP C 117 -34.33 -34.04 22.65
N PHE C 118 -35.54 -34.46 23.03
CA PHE C 118 -36.03 -35.79 22.70
C PHE C 118 -35.18 -36.87 23.34
N ILE C 119 -34.73 -36.63 24.58
CA ILE C 119 -33.88 -37.57 25.32
C ILE C 119 -34.75 -38.38 26.26
N ASN C 120 -34.31 -39.60 26.57
CA ASN C 120 -34.89 -40.36 27.65
C ASN C 120 -33.99 -40.25 28.89
N ASP C 121 -34.33 -41.00 29.94
CA ASP C 121 -33.56 -40.95 31.18
C ASP C 121 -32.20 -41.62 31.07
N ASP C 122 -32.02 -42.53 30.12
CA ASP C 122 -30.78 -43.28 30.00
C ASP C 122 -29.80 -42.69 28.98
N GLY C 123 -30.17 -41.61 28.29
CA GLY C 123 -29.28 -41.00 27.33
C GLY C 123 -29.39 -41.61 25.94
N GLU C 124 -30.63 -41.70 25.43
CA GLU C 124 -30.90 -42.22 24.10
C GLU C 124 -31.14 -41.11 23.08
N ILE C 125 -30.34 -40.04 23.14
CA ILE C 125 -30.55 -38.87 22.28
C ILE C 125 -30.49 -39.29 20.82
N VAL C 126 -31.45 -38.78 20.04
CA VAL C 126 -31.49 -39.11 18.61
C VAL C 126 -30.30 -38.49 17.91
N GLU C 127 -29.61 -39.30 17.11
CA GLU C 127 -28.34 -38.92 16.51
C GLU C 127 -28.15 -39.72 15.24
N PHE C 128 -27.48 -39.13 14.25
CA PHE C 128 -27.14 -39.90 13.05
C PHE C 128 -26.03 -39.18 12.29
N GLU C 129 -25.61 -39.79 11.19
CA GLU C 129 -24.51 -39.30 10.36
C GLU C 129 -24.97 -39.20 8.91
N SER C 130 -24.57 -38.13 8.24
CA SER C 130 -24.92 -37.89 6.86
C SER C 130 -23.68 -38.03 5.99
N TYR C 131 -23.77 -38.91 5.00
CA TYR C 131 -22.75 -39.20 4.02
C TYR C 131 -23.22 -38.72 2.65
N VAL C 132 -22.45 -39.06 1.62
CA VAL C 132 -22.75 -38.68 0.25
C VAL C 132 -22.92 -39.93 -0.60
N ILE C 133 -23.95 -39.93 -1.44
CA ILE C 133 -24.19 -41.04 -2.36
C ILE C 133 -23.26 -40.91 -3.55
N PRO C 134 -22.42 -41.91 -3.83
CA PRO C 134 -21.52 -41.83 -4.98
C PRO C 134 -22.29 -41.88 -6.29
N GLU C 135 -21.56 -41.64 -7.38
CA GLU C 135 -22.19 -41.68 -8.69
C GLU C 135 -22.69 -43.07 -9.04
N GLU C 136 -21.96 -44.11 -8.65
CA GLU C 136 -22.28 -45.46 -9.10
C GLU C 136 -23.58 -45.97 -8.50
N LEU C 137 -23.96 -45.48 -7.32
CA LEU C 137 -25.11 -46.00 -6.59
C LEU C 137 -26.34 -45.09 -6.68
N LEU C 138 -26.29 -44.06 -7.51
CA LEU C 138 -27.43 -43.17 -7.63
C LEU C 138 -28.61 -43.88 -8.30
N GLU C 139 -29.80 -43.60 -7.80
CA GLU C 139 -31.02 -44.08 -8.44
C GLU C 139 -31.44 -43.09 -9.52
N ASP C 140 -32.54 -43.38 -10.19
CA ASP C 140 -32.99 -42.56 -11.31
C ASP C 140 -33.64 -41.29 -10.76
N GLY C 141 -33.02 -40.14 -11.01
CA GLY C 141 -33.57 -38.87 -10.63
C GLY C 141 -32.84 -38.15 -9.52
N GLN C 142 -31.83 -38.76 -8.93
CA GLN C 142 -31.14 -38.15 -7.80
C GLN C 142 -30.03 -37.23 -8.28
N LEU C 143 -29.88 -36.10 -7.57
CA LEU C 143 -28.90 -35.10 -7.95
C LEU C 143 -27.51 -35.56 -7.59
N ARG C 144 -26.53 -35.18 -8.39
CA ARG C 144 -25.16 -35.62 -8.19
C ARG C 144 -24.38 -34.61 -7.36
N LEU C 145 -23.62 -35.12 -6.39
CA LEU C 145 -22.82 -34.35 -5.45
C LEU C 145 -23.64 -33.44 -4.56
N LEU C 146 -24.95 -33.67 -4.47
CA LEU C 146 -25.79 -32.93 -3.54
C LEU C 146 -26.74 -33.81 -2.74
N ASP C 147 -26.76 -35.11 -2.98
CA ASP C 147 -27.76 -36.00 -2.39
C ASP C 147 -27.10 -36.89 -1.34
N VAL C 148 -27.74 -37.00 -0.18
CA VAL C 148 -27.18 -37.71 0.95
C VAL C 148 -28.10 -38.86 1.34
N ASP C 149 -27.58 -39.79 2.14
CA ASP C 149 -28.35 -40.94 2.56
C ASP C 149 -29.24 -40.65 3.76
N ALA C 150 -28.90 -39.67 4.57
CA ALA C 150 -29.73 -39.21 5.68
C ALA C 150 -29.86 -37.70 5.60
N SER C 151 -31.07 -37.19 5.82
CA SER C 151 -31.36 -35.78 5.64
C SER C 151 -31.96 -35.20 6.90
N VAL C 152 -31.62 -33.94 7.18
CA VAL C 152 -32.21 -33.26 8.33
C VAL C 152 -33.68 -33.00 8.04
N VAL C 153 -34.54 -33.22 9.04
CA VAL C 153 -35.97 -33.00 8.89
C VAL C 153 -36.43 -32.08 10.01
N VAL C 154 -37.11 -30.99 9.64
CA VAL C 154 -37.50 -29.96 10.61
C VAL C 154 -38.91 -29.49 10.29
N PRO C 155 -39.58 -28.95 11.30
CA PRO C 155 -40.94 -28.47 11.11
C PRO C 155 -40.98 -27.13 10.39
N VAL C 156 -42.15 -26.82 9.87
CA VAL C 156 -42.38 -25.53 9.24
C VAL C 156 -42.95 -24.58 10.27
N ASP C 157 -42.49 -23.34 10.25
CA ASP C 157 -42.93 -22.31 11.20
C ASP C 157 -42.48 -22.63 12.62
N THR C 158 -41.22 -23.04 12.76
CA THR C 158 -40.59 -23.21 14.07
C THR C 158 -39.16 -22.70 13.99
N HIS C 159 -38.76 -21.93 15.00
CA HIS C 159 -37.38 -21.47 15.09
C HIS C 159 -36.45 -22.66 15.26
N ILE C 160 -35.36 -22.66 14.51
CA ILE C 160 -34.33 -23.68 14.63
C ILE C 160 -33.00 -23.00 14.91
N ARG C 161 -32.32 -23.43 15.97
CA ARG C 161 -31.03 -22.87 16.35
C ARG C 161 -29.96 -23.92 16.12
N PHE C 162 -29.10 -23.68 15.14
CA PHE C 162 -28.03 -24.59 14.79
C PHE C 162 -26.78 -24.20 15.56
N ILE C 163 -26.16 -25.17 16.24
CA ILE C 163 -24.87 -25.00 16.89
C ILE C 163 -23.85 -25.75 16.06
N VAL C 164 -22.79 -25.06 15.65
CA VAL C 164 -21.78 -25.59 14.75
C VAL C 164 -20.47 -25.74 15.52
N SER C 165 -19.88 -26.92 15.44
CA SER C 165 -18.56 -27.20 15.96
C SER C 165 -17.89 -28.20 15.03
N SER C 166 -16.58 -28.37 15.20
CA SER C 166 -15.84 -29.31 14.38
C SER C 166 -14.90 -30.12 15.26
N ALA C 167 -14.43 -31.24 14.73
CA ALA C 167 -13.52 -32.11 15.45
C ALA C 167 -12.17 -32.29 14.76
N ASP C 168 -12.07 -32.00 13.46
CA ASP C 168 -10.83 -32.21 12.73
C ASP C 168 -10.20 -30.93 12.23
N VAL C 169 -10.89 -30.15 11.40
CA VAL C 169 -10.36 -28.93 10.80
C VAL C 169 -11.50 -27.92 10.71
N ILE C 170 -11.21 -26.76 10.10
CA ILE C 170 -12.18 -25.67 10.01
C ILE C 170 -13.12 -25.94 8.84
N HIS C 171 -14.38 -26.25 9.13
CA HIS C 171 -15.39 -26.45 8.10
C HIS C 171 -16.31 -25.24 8.03
N ASP C 172 -17.34 -25.34 7.18
CA ASP C 172 -18.31 -24.27 7.04
C ASP C 172 -19.68 -24.85 6.72
N PHE C 173 -20.69 -24.39 7.45
CA PHE C 173 -22.07 -24.82 7.28
C PHE C 173 -22.81 -23.77 6.45
N CYS C 174 -23.28 -24.18 5.28
CA CYS C 174 -23.93 -23.27 4.33
C CYS C 174 -25.23 -23.87 3.83
N VAL C 175 -26.27 -23.04 3.78
CA VAL C 175 -27.50 -23.37 3.05
C VAL C 175 -27.99 -22.07 2.41
N PRO C 176 -27.68 -21.82 1.13
CA PRO C 176 -27.89 -20.49 0.55
C PRO C 176 -29.32 -19.97 0.61
N ALA C 177 -30.32 -20.83 0.39
CA ALA C 177 -31.69 -20.37 0.38
C ALA C 177 -32.13 -19.90 1.75
N LEU C 178 -31.71 -20.59 2.80
CA LEU C 178 -32.09 -20.25 4.16
C LEU C 178 -31.30 -19.08 4.73
N GLY C 179 -30.29 -18.61 4.01
CA GLY C 179 -29.44 -17.55 4.54
C GLY C 179 -28.60 -17.96 5.72
N VAL C 180 -28.00 -19.14 5.69
CA VAL C 180 -27.19 -19.66 6.77
C VAL C 180 -25.79 -19.91 6.24
N LYS C 181 -24.79 -19.30 6.89
CA LYS C 181 -23.38 -19.56 6.57
C LYS C 181 -22.57 -19.24 7.83
N VAL C 182 -22.05 -20.27 8.47
CA VAL C 182 -21.26 -20.12 9.69
C VAL C 182 -20.05 -21.05 9.61
N ASP C 183 -19.04 -20.76 10.42
CA ASP C 183 -17.83 -21.56 10.46
C ASP C 183 -17.87 -22.61 11.57
N ALA C 184 -17.02 -23.63 11.41
CA ALA C 184 -16.88 -24.72 12.37
C ALA C 184 -15.41 -24.81 12.72
N SER C 185 -15.04 -24.18 13.84
CA SER C 185 -13.66 -24.16 14.28
C SER C 185 -13.35 -25.37 15.14
N PRO C 186 -12.07 -25.73 15.26
CA PRO C 186 -11.73 -26.96 15.99
C PRO C 186 -12.00 -26.90 17.48
N GLY C 187 -12.12 -25.71 18.08
CA GLY C 187 -12.30 -25.65 19.51
C GLY C 187 -13.28 -24.61 20.04
N ARG C 188 -14.32 -24.29 19.27
CA ARG C 188 -15.28 -23.30 19.70
C ARG C 188 -16.65 -23.65 19.14
N LEU C 189 -17.69 -23.12 19.77
CA LEU C 189 -19.07 -23.37 19.39
C LEU C 189 -19.69 -22.10 18.82
N ASN C 190 -20.13 -22.17 17.57
CA ASN C 190 -20.81 -21.07 16.91
C ASN C 190 -22.29 -21.39 16.83
N GLN C 191 -23.11 -20.37 16.56
CA GLN C 191 -24.54 -20.60 16.46
C GLN C 191 -25.16 -19.71 15.42
N THR C 192 -26.20 -20.22 14.75
CA THR C 192 -27.02 -19.45 13.83
C THR C 192 -28.47 -19.86 14.03
N SER C 193 -29.38 -19.11 13.41
CA SER C 193 -30.81 -19.35 13.57
C SER C 193 -31.50 -19.28 12.22
N ALA C 194 -32.62 -20.00 12.11
CA ALA C 194 -33.39 -20.00 10.87
C ALA C 194 -34.85 -20.29 11.15
N LEU C 195 -35.72 -19.66 10.36
CA LEU C 195 -37.16 -19.92 10.37
C LEU C 195 -37.59 -20.18 8.94
N ILE C 196 -38.39 -21.22 8.75
CA ILE C 196 -38.78 -21.68 7.42
C ILE C 196 -40.28 -21.49 7.26
N GLN C 197 -40.68 -20.90 6.14
CA GLN C 197 -42.07 -20.51 5.90
C GLN C 197 -42.82 -21.44 4.98
N ARG C 198 -42.14 -22.19 4.12
CA ARG C 198 -42.80 -23.09 3.20
C ARG C 198 -42.11 -24.45 3.20
N GLU C 199 -42.87 -25.48 2.85
CA GLU C 199 -42.36 -26.83 2.77
C GLU C 199 -41.54 -27.03 1.50
N GLY C 200 -40.50 -27.86 1.61
CA GLY C 200 -39.66 -28.13 0.46
C GLY C 200 -38.38 -28.82 0.87
N VAL C 201 -37.43 -28.85 -0.06
CA VAL C 201 -36.10 -29.42 0.13
C VAL C 201 -35.07 -28.36 -0.18
N TYR C 202 -34.07 -28.22 0.69
CA TYR C 202 -33.06 -27.19 0.56
C TYR C 202 -31.69 -27.83 0.61
N TYR C 203 -30.86 -27.52 -0.38
CA TYR C 203 -29.56 -28.16 -0.58
C TYR C 203 -28.44 -27.17 -0.26
N GLY C 204 -27.30 -27.71 0.16
CA GLY C 204 -26.19 -26.85 0.55
C GLY C 204 -24.86 -27.58 0.45
N GLN C 205 -23.80 -26.81 0.56
CA GLN C 205 -22.44 -27.29 0.39
C GLN C 205 -21.53 -26.62 1.41
N CYS C 206 -20.37 -27.23 1.64
CA CYS C 206 -19.38 -26.64 2.53
C CYS C 206 -18.66 -25.48 1.86
N SER C 207 -18.00 -24.65 2.68
CA SER C 207 -17.32 -23.46 2.17
C SER C 207 -15.81 -23.50 2.38
N GLU C 208 -15.32 -23.66 3.61
CA GLU C 208 -13.89 -23.56 3.86
C GLU C 208 -13.16 -24.83 3.43
N LEU C 209 -11.95 -24.66 2.93
CA LEU C 209 -11.17 -25.78 2.42
C LEU C 209 -10.70 -26.68 3.56
N CYS C 210 -10.82 -27.99 3.35
CA CYS C 210 -10.48 -28.95 4.39
C CYS C 210 -9.69 -30.15 3.88
N GLY C 211 -9.39 -30.26 2.60
CA GLY C 211 -8.59 -31.36 2.14
C GLY C 211 -8.99 -31.98 0.83
N VAL C 212 -8.82 -33.30 0.72
CA VAL C 212 -9.03 -33.99 -0.56
C VAL C 212 -10.49 -33.92 -0.97
N MET C 213 -11.38 -34.54 -0.19
CA MET C 213 -12.79 -34.64 -0.55
C MET C 213 -13.57 -33.51 0.12
N HIS C 214 -13.16 -32.29 -0.22
CA HIS C 214 -13.85 -31.09 0.22
C HIS C 214 -15.08 -30.80 -0.62
N SER C 215 -15.12 -31.30 -1.85
CA SER C 215 -16.26 -31.09 -2.74
C SER C 215 -17.37 -32.11 -2.55
N ALA C 216 -17.20 -33.09 -1.67
CA ALA C 216 -18.20 -34.13 -1.45
C ALA C 216 -18.58 -34.14 0.03
N MET C 217 -19.50 -33.23 0.40
CA MET C 217 -20.08 -33.12 1.73
C MET C 217 -21.40 -32.35 1.66
N PRO C 218 -22.42 -32.88 0.99
CA PRO C 218 -23.66 -32.13 0.83
C PRO C 218 -24.43 -32.01 2.14
N ILE C 219 -25.30 -31.01 2.18
CA ILE C 219 -26.24 -30.81 3.28
C ILE C 219 -27.64 -30.77 2.69
N LYS C 220 -28.57 -31.49 3.30
CA LYS C 220 -29.93 -31.56 2.79
C LYS C 220 -30.92 -31.39 3.94
N ILE C 221 -31.74 -30.35 3.86
CA ILE C 221 -32.70 -30.01 4.90
C ILE C 221 -34.10 -30.06 4.31
N GLU C 222 -34.96 -30.87 4.91
CA GLU C 222 -36.36 -30.98 4.52
C GLU C 222 -37.24 -30.33 5.57
N ALA C 223 -38.27 -29.63 5.12
CA ALA C 223 -39.21 -28.92 5.99
C ALA C 223 -40.57 -29.58 5.80
N VAL C 224 -40.98 -30.35 6.77
CA VAL C 224 -42.25 -31.05 6.70
C VAL C 224 -43.21 -30.49 7.75
N SER C 225 -44.46 -30.93 7.69
CA SER C 225 -45.49 -30.50 8.63
C SER C 225 -45.25 -31.14 9.99
N LEU C 226 -46.07 -30.74 10.97
CA LEU C 226 -45.90 -31.24 12.32
C LEU C 226 -46.20 -32.74 12.40
N TYR C 227 -47.25 -33.19 11.72
CA TYR C 227 -47.62 -34.60 11.76
C TYR C 227 -46.52 -35.47 11.18
N GLU C 228 -45.96 -35.07 10.05
CA GLU C 228 -44.88 -35.85 9.45
C GLU C 228 -43.64 -35.84 10.32
N PHE C 229 -43.37 -34.73 11.01
CA PHE C 229 -42.24 -34.69 11.92
C PHE C 229 -42.42 -35.67 13.06
N ILE C 230 -43.64 -35.76 13.60
CA ILE C 230 -43.91 -36.72 14.66
C ILE C 230 -43.70 -38.15 14.15
N ASN C 231 -44.21 -38.45 12.96
CA ASN C 231 -44.04 -39.79 12.42
C ASN C 231 -42.56 -40.11 12.19
N TRP C 232 -41.80 -39.15 11.66
CA TRP C 232 -40.38 -39.37 11.46
C TRP C 232 -39.64 -39.59 12.77
N LEU C 233 -39.96 -38.80 13.79
CA LEU C 233 -39.30 -38.94 15.08
C LEU C 233 -39.67 -40.23 15.79
N ASP C 234 -40.84 -40.79 15.51
CA ASP C 234 -41.27 -42.03 16.15
C ASP C 234 -40.71 -43.27 15.45
N GLU C 235 -39.76 -43.09 14.56
CA GLU C 235 -39.14 -44.18 13.81
C GLU C 235 -37.63 -44.21 13.94
N GLN C 236 -37.00 -43.08 14.24
CA GLN C 236 -35.57 -43.03 14.48
C GLN C 236 -35.27 -43.20 15.97
N MET D 1 32.02 25.95 -7.21
CA MET D 1 32.44 25.19 -8.38
C MET D 1 33.44 25.94 -9.24
N ARG D 2 33.87 27.12 -8.77
CA ARG D 2 34.84 27.94 -9.50
C ARG D 2 36.23 27.84 -8.89
N ILE D 3 36.47 26.87 -8.02
CA ILE D 3 37.82 26.60 -7.54
C ILE D 3 38.69 26.20 -8.74
N GLN D 4 40.00 26.40 -8.60
CA GLN D 4 40.90 26.30 -9.75
C GLN D 4 40.92 24.90 -10.38
N ASN D 5 41.47 23.91 -9.67
CA ASN D 5 41.51 22.55 -10.17
C ASN D 5 40.42 21.73 -9.49
N ARG D 6 39.19 21.87 -10.00
CA ARG D 6 38.06 21.21 -9.40
C ARG D 6 37.59 19.97 -10.17
N GLU D 7 37.91 19.87 -11.46
CA GLU D 7 37.48 18.70 -12.22
C GLU D 7 38.26 17.45 -11.87
N ASN D 8 39.39 17.60 -11.17
CA ASN D 8 40.17 16.44 -10.75
C ASN D 8 39.53 15.68 -9.60
N LEU D 9 38.48 16.21 -8.99
CA LEU D 9 37.79 15.55 -7.89
C LEU D 9 36.30 15.48 -8.21
N GLN D 10 35.63 14.55 -7.52
CA GLN D 10 34.22 14.28 -7.77
C GLN D 10 33.38 15.54 -7.55
N LEU D 11 32.28 15.63 -8.28
CA LEU D 11 31.42 16.81 -8.27
C LEU D 11 30.13 16.61 -7.50
N PHE D 12 30.02 15.55 -6.70
CA PHE D 12 28.85 15.29 -5.87
C PHE D 12 29.25 14.41 -4.70
N PRO D 13 28.68 14.63 -3.52
CA PRO D 13 29.17 13.97 -2.29
C PRO D 13 28.52 12.63 -1.99
N PHE D 14 28.73 11.65 -2.86
CA PHE D 14 28.14 10.33 -2.67
C PHE D 14 29.17 9.27 -3.02
N HIS D 15 28.83 8.02 -2.73
CA HIS D 15 29.75 6.90 -2.82
C HIS D 15 29.35 5.99 -3.97
N LEU D 16 30.28 5.77 -4.90
CA LEU D 16 30.08 4.84 -6.01
C LEU D 16 30.80 3.54 -5.65
N VAL D 17 30.05 2.59 -5.10
CA VAL D 17 30.63 1.36 -4.59
C VAL D 17 31.18 0.52 -5.74
N THR D 18 32.32 -0.11 -5.51
CA THR D 18 32.92 -0.97 -6.52
C THR D 18 32.21 -2.32 -6.54
N ASN D 19 32.57 -3.13 -7.52
CA ASN D 19 31.92 -4.43 -7.72
C ASN D 19 32.34 -5.39 -6.62
N SER D 20 31.36 -6.05 -6.00
CA SER D 20 31.60 -6.98 -4.91
C SER D 20 30.83 -8.27 -5.12
N PRO D 21 31.43 -9.40 -4.77
CA PRO D 21 30.77 -10.71 -4.94
C PRO D 21 29.99 -11.22 -3.74
N TRP D 22 29.76 -10.40 -2.73
CA TRP D 22 29.16 -10.87 -1.48
C TRP D 22 27.67 -11.14 -1.53
N PRO D 23 26.86 -10.34 -2.25
CA PRO D 23 25.43 -10.66 -2.34
C PRO D 23 25.14 -12.05 -2.89
N LEU D 24 25.84 -12.47 -3.96
CA LEU D 24 25.60 -13.79 -4.53
C LEU D 24 25.97 -14.89 -3.53
N THR D 25 27.08 -14.71 -2.81
CA THR D 25 27.52 -15.74 -1.88
C THR D 25 26.59 -15.84 -0.69
N THR D 26 26.14 -14.71 -0.14
CA THR D 26 25.17 -14.75 0.94
C THR D 26 23.87 -15.41 0.48
N SER D 27 23.43 -15.10 -0.74
CA SER D 27 22.21 -15.72 -1.26
C SER D 27 22.37 -17.23 -1.38
N LEU D 28 23.51 -17.70 -1.91
CA LEU D 28 23.73 -19.13 -2.04
C LEU D 28 23.78 -19.81 -0.68
N ALA D 29 24.44 -19.19 0.30
CA ALA D 29 24.50 -19.77 1.64
C ALA D 29 23.10 -19.85 2.26
N LEU D 30 22.28 -18.81 2.07
CA LEU D 30 20.92 -18.86 2.61
C LEU D 30 20.08 -19.92 1.93
N MET D 31 20.25 -20.09 0.61
CA MET D 31 19.55 -21.17 -0.09
C MET D 31 19.92 -22.53 0.48
N SER D 32 21.22 -22.76 0.67
CA SER D 32 21.67 -24.02 1.23
C SER D 32 21.10 -24.24 2.63
N LEU D 33 21.12 -23.19 3.45
CA LEU D 33 20.59 -23.31 4.80
C LEU D 33 19.10 -23.65 4.78
N ALA D 34 18.33 -22.98 3.92
CA ALA D 34 16.90 -23.21 3.87
C ALA D 34 16.60 -24.65 3.45
N LEU D 35 17.23 -25.13 2.38
CA LEU D 35 16.96 -26.48 1.92
C LEU D 35 17.40 -27.53 2.94
N THR D 36 18.58 -27.36 3.53
CA THR D 36 19.06 -28.35 4.49
C THR D 36 18.19 -28.38 5.73
N LEU D 37 17.74 -27.22 6.21
CA LEU D 37 16.88 -27.20 7.38
C LEU D 37 15.51 -27.78 7.07
N GLY D 38 14.99 -27.52 5.86
CA GLY D 38 13.70 -28.08 5.51
C GLY D 38 13.72 -29.58 5.32
N LEU D 39 14.87 -30.13 4.92
CA LEU D 39 14.96 -31.57 4.77
C LEU D 39 15.33 -32.29 6.07
N THR D 40 16.30 -31.78 6.82
CA THR D 40 16.85 -32.49 7.98
C THR D 40 15.79 -32.81 9.03
N MET D 41 14.73 -32.02 9.11
CA MET D 41 13.69 -32.26 10.10
C MET D 41 12.74 -33.39 9.73
N HIS D 42 12.84 -33.93 8.52
CA HIS D 42 12.00 -35.04 8.08
C HIS D 42 12.82 -36.16 7.47
N GLY D 43 13.96 -36.49 8.07
CA GLY D 43 14.85 -37.44 7.44
C GLY D 43 15.67 -36.76 6.34
N TYR D 44 16.06 -37.55 5.36
CA TYR D 44 16.62 -37.07 4.11
C TYR D 44 18.06 -36.53 4.24
N ILE D 45 18.55 -36.36 5.46
CA ILE D 45 19.95 -35.99 5.65
C ILE D 45 20.61 -36.97 6.61
N GLY D 46 20.11 -37.03 7.85
CA GLY D 46 20.71 -37.89 8.84
C GLY D 46 21.78 -37.20 9.66
N ASN D 47 22.90 -36.85 9.01
CA ASN D 47 23.99 -36.19 9.69
C ASN D 47 23.67 -34.71 9.89
N HIS D 48 24.08 -34.15 11.03
CA HIS D 48 23.81 -32.77 11.38
C HIS D 48 25.02 -31.87 11.16
N LEU D 49 25.96 -32.28 10.32
CA LEU D 49 27.16 -31.49 10.06
C LEU D 49 27.02 -30.57 8.85
N TRP D 50 25.84 -30.49 8.23
CA TRP D 50 25.61 -29.62 7.10
C TRP D 50 24.91 -28.32 7.49
N LEU D 51 23.94 -28.41 8.40
CA LEU D 51 23.27 -27.22 8.89
C LEU D 51 24.26 -26.27 9.58
N PHE D 52 25.16 -26.83 10.37
CA PHE D 52 26.16 -26.00 11.05
C PHE D 52 27.06 -25.31 10.05
N LEU D 53 27.46 -26.04 8.99
CA LEU D 53 28.28 -25.44 7.95
C LEU D 53 27.55 -24.29 7.27
N ALA D 54 26.25 -24.47 7.01
CA ALA D 54 25.48 -23.40 6.37
C ALA D 54 25.43 -22.15 7.25
N ILE D 55 25.16 -22.33 8.55
CA ILE D 55 25.09 -21.17 9.44
C ILE D 55 26.44 -20.48 9.52
N SER D 56 27.53 -21.26 9.61
CA SER D 56 28.86 -20.68 9.64
C SER D 56 29.15 -19.87 8.39
N LEU D 57 28.76 -20.39 7.23
CA LEU D 57 29.03 -19.68 5.99
C LEU D 57 28.25 -18.37 5.91
N VAL D 58 27.00 -18.38 6.38
CA VAL D 58 26.22 -17.14 6.39
C VAL D 58 26.91 -16.08 7.25
N LEU D 59 27.31 -16.46 8.47
CA LEU D 59 27.95 -15.50 9.37
C LEU D 59 29.25 -14.96 8.76
N SER D 60 30.03 -15.85 8.13
CA SER D 60 31.24 -15.40 7.46
C SER D 60 30.92 -14.40 6.35
N SER D 61 29.81 -14.59 5.66
CA SER D 61 29.42 -13.67 4.60
C SER D 61 29.15 -12.27 5.16
N ILE D 62 28.41 -12.17 6.27
CA ILE D 62 28.21 -10.85 6.87
C ILE D 62 29.54 -10.23 7.30
N PHE D 63 30.43 -11.02 7.90
CA PHE D 63 31.71 -10.47 8.35
C PHE D 63 32.53 -9.94 7.18
N LEU D 64 32.51 -10.65 6.05
CA LEU D 64 33.30 -10.21 4.91
C LEU D 64 32.67 -9.00 4.20
N TRP D 65 31.35 -8.82 4.31
CA TRP D 65 30.78 -7.52 3.96
C TRP D 65 31.39 -6.41 4.80
N VAL D 66 31.38 -6.61 6.12
CA VAL D 66 31.74 -5.52 7.03
C VAL D 66 33.19 -5.13 6.88
N ARG D 67 34.05 -6.09 6.50
CA ARG D 67 35.45 -5.74 6.20
C ARG D 67 35.54 -4.65 5.15
N ASP D 68 34.87 -4.84 4.01
CA ASP D 68 34.89 -3.84 2.96
C ASP D 68 34.22 -2.54 3.39
N VAL D 69 33.13 -2.63 4.15
CA VAL D 69 32.49 -1.39 4.60
C VAL D 69 33.38 -0.60 5.56
N VAL D 70 34.28 -1.27 6.27
CA VAL D 70 35.23 -0.56 7.13
C VAL D 70 36.42 -0.01 6.35
N ILE D 71 36.95 -0.78 5.40
CA ILE D 71 38.04 -0.29 4.57
C ILE D 71 37.62 0.89 3.71
N GLU D 72 36.37 0.96 3.29
CA GLU D 72 35.90 2.08 2.47
C GLU D 72 35.74 3.36 3.27
N GLY D 73 35.81 3.29 4.60
CA GLY D 73 35.58 4.47 5.41
C GLY D 73 36.77 4.90 6.24
N THR D 74 37.64 3.96 6.60
CA THR D 74 38.81 4.30 7.41
C THR D 74 40.08 4.47 6.59
N TYR D 75 40.16 3.88 5.40
CA TYR D 75 41.36 3.93 4.59
C TYR D 75 41.17 4.71 3.29
N LEU D 76 40.20 4.31 2.48
CA LEU D 76 39.98 5.02 1.22
C LEU D 76 39.45 6.42 1.46
N GLY D 77 38.56 6.59 2.43
CA GLY D 77 38.09 7.90 2.81
C GLY D 77 36.90 8.39 2.01
N ASP D 78 35.87 7.58 1.90
CA ASP D 78 34.63 7.97 1.23
C ASP D 78 33.49 7.89 2.24
N HIS D 79 33.39 8.91 3.09
CA HIS D 79 32.23 9.06 3.97
C HIS D 79 32.09 10.56 4.24
N THR D 80 31.33 11.22 3.37
CA THR D 80 31.09 12.65 3.50
C THR D 80 30.02 12.87 4.57
N ILE D 81 29.49 14.09 4.63
CA ILE D 81 28.44 14.35 5.61
C ILE D 81 27.11 13.76 5.16
N ALA D 82 26.90 13.59 3.85
CA ALA D 82 25.67 13.02 3.34
C ALA D 82 25.59 11.51 3.50
N VAL D 83 26.70 10.82 3.22
CA VAL D 83 26.71 9.36 3.31
C VAL D 83 26.48 8.91 4.75
N ARG D 84 27.04 9.65 5.71
CA ARG D 84 26.85 9.30 7.11
C ARG D 84 25.38 9.40 7.51
N LYS D 85 24.71 10.47 7.07
CA LYS D 85 23.30 10.63 7.39
C LYS D 85 22.46 9.53 6.73
N GLY D 86 22.82 9.15 5.51
CA GLY D 86 22.14 8.03 4.87
C GLY D 86 22.29 6.75 5.66
N LEU D 87 23.49 6.47 6.15
CA LEU D 87 23.71 5.27 6.95
C LEU D 87 22.91 5.31 8.25
N ASN D 88 22.83 6.47 8.89
CA ASN D 88 22.05 6.59 10.11
C ASN D 88 20.57 6.33 9.85
N ILE D 89 20.04 6.88 8.76
CA ILE D 89 18.64 6.64 8.41
C ILE D 89 18.39 5.16 8.19
N GLY D 90 19.31 4.50 7.47
CA GLY D 90 19.15 3.08 7.22
C GLY D 90 19.13 2.25 8.49
N PHE D 91 20.04 2.54 9.41
CA PHE D 91 20.08 1.77 10.65
C PHE D 91 18.81 1.98 11.48
N MET D 92 18.33 3.22 11.56
CA MET D 92 17.09 3.45 12.31
C MET D 92 15.92 2.73 11.68
N LEU D 93 15.82 2.74 10.36
CA LEU D 93 14.75 2.01 9.69
C LEU D 93 14.89 0.51 9.84
N PHE D 94 16.09 -0.02 10.06
CA PHE D 94 16.16 -1.45 10.38
C PHE D 94 15.71 -1.73 11.81
N VAL D 95 16.10 -0.87 12.74
CA VAL D 95 15.73 -1.08 14.13
C VAL D 95 14.23 -1.02 14.32
N LEU D 96 13.55 -0.19 13.52
CA LEU D 96 12.09 -0.13 13.63
C LEU D 96 11.44 -1.47 13.27
N SER D 97 11.88 -2.08 12.17
CA SER D 97 11.34 -3.39 11.80
C SER D 97 11.75 -4.46 12.80
N GLU D 98 12.95 -4.35 13.36
CA GLU D 98 13.34 -5.24 14.44
C GLU D 98 12.44 -5.12 15.66
N ILE D 99 11.97 -3.91 15.97
CA ILE D 99 11.02 -3.74 17.06
C ILE D 99 9.64 -4.29 16.73
N LEU D 100 9.18 -4.12 15.49
CA LEU D 100 7.81 -4.50 15.17
C LEU D 100 7.54 -6.00 15.25
N ILE D 101 8.57 -6.85 15.22
CA ILE D 101 8.35 -8.27 15.43
C ILE D 101 7.94 -8.57 16.87
N PHE D 102 8.34 -7.71 17.81
CA PHE D 102 7.99 -7.91 19.21
C PHE D 102 6.54 -7.54 19.50
N ALA D 103 6.01 -6.54 18.81
CA ALA D 103 4.61 -6.18 18.98
C ALA D 103 3.70 -7.35 18.61
N ALA D 104 4.09 -8.13 17.61
CA ALA D 104 3.31 -9.30 17.23
C ALA D 104 3.24 -10.31 18.36
N LEU D 105 4.37 -10.59 19.00
CA LEU D 105 4.36 -11.54 20.10
C LEU D 105 3.62 -11.00 21.31
N PHE D 106 3.70 -9.69 21.55
CA PHE D 106 2.94 -9.10 22.65
C PHE D 106 1.43 -9.22 22.40
N TRP D 107 0.99 -8.97 21.17
CA TRP D 107 -0.41 -9.18 20.83
C TRP D 107 -0.81 -10.65 20.95
N SER D 108 0.04 -11.57 20.53
CA SER D 108 -0.26 -12.98 20.71
C SER D 108 -0.32 -13.39 22.16
N TYR D 109 0.40 -12.70 23.04
CA TYR D 109 0.32 -12.94 24.48
C TYR D 109 -0.94 -12.38 25.09
N PHE D 110 -1.34 -11.17 24.71
CA PHE D 110 -2.57 -10.61 25.25
C PHE D 110 -3.83 -11.23 24.67
N HIS D 111 -3.74 -11.86 23.50
CA HIS D 111 -4.89 -12.55 22.93
C HIS D 111 -5.15 -13.89 23.60
N SER D 112 -4.10 -14.56 24.08
CA SER D 112 -4.23 -15.78 24.85
C SER D 112 -4.42 -15.52 26.33
N ALA D 113 -3.94 -14.37 26.82
CA ALA D 113 -4.12 -14.04 28.22
C ALA D 113 -5.57 -13.74 28.55
N MET D 114 -6.21 -12.89 27.74
CA MET D 114 -7.60 -12.49 27.97
C MET D 114 -8.47 -13.34 27.07
N GLY D 115 -9.20 -14.28 27.67
CA GLY D 115 -10.04 -15.18 26.93
C GLY D 115 -9.51 -16.61 26.88
N PRO D 116 -9.02 -17.14 28.01
CA PRO D 116 -8.38 -18.46 27.97
C PRO D 116 -9.35 -19.56 27.55
N THR D 117 -8.82 -20.57 26.88
CA THR D 117 -9.64 -21.62 26.32
C THR D 117 -10.24 -22.49 27.42
N ILE D 118 -11.30 -23.22 27.05
CA ILE D 118 -11.99 -24.08 28.02
C ILE D 118 -11.12 -25.27 28.40
N GLU D 119 -10.26 -25.71 27.47
CA GLU D 119 -9.41 -26.88 27.73
C GLU D 119 -8.52 -26.66 28.95
N ILE D 120 -7.85 -25.51 29.00
CA ILE D 120 -7.16 -25.10 30.21
C ILE D 120 -8.16 -24.54 31.20
N GLY D 121 -7.92 -24.78 32.50
CA GLY D 121 -8.70 -24.13 33.53
C GLY D 121 -8.62 -22.62 33.40
N CYS D 122 -9.71 -21.92 33.67
CA CYS D 122 -9.77 -20.48 33.41
C CYS D 122 -8.93 -19.76 34.45
N GLN D 123 -7.63 -19.68 34.18
CA GLN D 123 -6.63 -19.11 35.08
C GLN D 123 -5.32 -18.99 34.32
N TRP D 124 -4.61 -17.88 34.53
CA TRP D 124 -3.25 -17.82 34.03
C TRP D 124 -2.31 -18.37 35.10
N PRO D 125 -1.00 -18.34 34.89
CA PRO D 125 -0.26 -19.59 34.72
C PRO D 125 -0.96 -20.74 35.43
N PRO D 126 -1.40 -21.74 34.67
CA PRO D 126 -2.35 -22.71 35.19
C PRO D 126 -1.71 -23.67 36.19
N VAL D 127 -2.54 -24.60 36.67
CA VAL D 127 -2.08 -25.59 37.63
C VAL D 127 -1.02 -26.47 36.98
N GLY D 128 0.02 -26.78 37.75
CA GLY D 128 1.11 -27.62 37.28
C GLY D 128 2.23 -26.88 36.57
N ILE D 129 2.10 -25.56 36.37
CA ILE D 129 3.15 -24.76 35.75
C ILE D 129 3.46 -23.63 36.71
N THR D 130 4.54 -23.77 37.48
CA THR D 130 4.97 -22.75 38.43
C THR D 130 5.77 -21.69 37.68
N SER D 131 5.37 -20.43 37.83
CA SER D 131 6.02 -19.34 37.13
C SER D 131 7.40 -19.07 37.76
N ILE D 132 8.09 -18.07 37.25
CA ILE D 132 9.43 -17.72 37.72
C ILE D 132 9.31 -16.56 38.70
N LYS D 133 9.93 -16.71 39.85
CA LYS D 133 9.86 -15.67 40.88
C LYS D 133 10.58 -14.42 40.40
N PRO D 134 9.92 -13.25 40.37
CA PRO D 134 10.59 -12.02 39.93
C PRO D 134 11.41 -11.30 40.99
N THR D 135 11.59 -11.88 42.18
CA THR D 135 12.48 -11.35 43.19
C THR D 135 13.79 -12.11 43.22
N GLU D 136 14.13 -12.71 42.09
CA GLU D 136 15.33 -13.54 41.92
C GLU D 136 16.08 -12.93 40.75
N LEU D 137 16.95 -13.74 40.13
CA LEU D 137 17.84 -13.37 39.02
C LEU D 137 17.26 -12.36 38.02
N PRO D 138 15.96 -12.40 37.70
CA PRO D 138 15.40 -11.35 36.85
C PRO D 138 15.51 -9.95 37.42
N LEU D 139 15.73 -9.80 38.72
CA LEU D 139 16.12 -8.50 39.27
C LEU D 139 17.56 -8.15 38.98
N LEU D 140 18.48 -9.12 39.06
CA LEU D 140 19.87 -8.83 38.75
C LEU D 140 20.05 -8.41 37.30
N ASN D 141 19.30 -9.04 36.40
CA ASN D 141 19.45 -8.72 34.99
C ASN D 141 19.04 -7.29 34.70
N THR D 142 17.98 -6.80 35.35
CA THR D 142 17.56 -5.43 35.13
C THR D 142 18.61 -4.44 35.61
N ILE D 143 19.20 -4.69 36.78
CA ILE D 143 20.24 -3.82 37.30
C ILE D 143 21.45 -3.85 36.38
N ILE D 144 21.80 -5.02 35.88
CA ILE D 144 22.95 -5.15 34.99
C ILE D 144 22.71 -4.38 33.69
N LEU D 145 21.51 -4.47 33.12
CA LEU D 145 21.23 -3.72 31.90
C LEU D 145 21.25 -2.21 32.15
N LEU D 146 20.70 -1.75 33.28
CA LEU D 146 20.78 -0.32 33.57
C LEU D 146 22.22 0.14 33.74
N ALA D 147 23.04 -0.63 34.44
CA ALA D 147 24.45 -0.28 34.58
C ALA D 147 25.17 -0.28 33.24
N SER D 148 24.85 -1.24 32.37
CA SER D 148 25.47 -1.28 31.06
C SER D 148 25.10 -0.06 30.24
N GLY D 149 23.84 0.35 30.30
CA GLY D 149 23.46 1.58 29.64
C GLY D 149 24.17 2.79 30.21
N ALA D 150 24.44 2.78 31.50
CA ALA D 150 25.14 3.89 32.14
C ALA D 150 26.63 3.92 31.84
N THR D 151 27.25 2.77 31.55
CA THR D 151 28.69 2.74 31.34
C THR D 151 29.10 3.13 29.92
N VAL D 152 28.23 2.92 28.93
CA VAL D 152 28.58 3.26 27.55
C VAL D 152 28.43 4.75 27.25
N THR D 153 27.66 5.48 28.06
CA THR D 153 27.66 6.94 27.94
C THR D 153 28.94 7.56 28.48
N TRP D 154 29.61 6.87 29.40
CA TRP D 154 30.92 7.33 29.86
C TRP D 154 31.99 7.13 28.79
N ALA D 155 31.82 6.17 27.89
CA ALA D 155 32.75 5.98 26.80
C ALA D 155 32.58 7.02 25.70
N HIS D 156 31.34 7.41 25.38
CA HIS D 156 31.13 8.39 24.33
C HIS D 156 31.51 9.79 24.76
N HIS D 157 31.45 10.08 26.05
CA HIS D 157 31.95 11.35 26.57
C HIS D 157 33.43 11.30 26.91
N SER D 158 34.04 10.12 26.87
CA SER D 158 35.47 10.00 27.04
C SER D 158 36.22 10.02 25.72
N ILE D 159 35.50 10.08 24.60
CA ILE D 159 36.13 10.15 23.30
C ILE D 159 36.01 11.55 22.68
N LEU D 160 35.06 12.35 23.12
CA LEU D 160 34.98 13.73 22.68
C LEU D 160 35.90 14.65 23.44
N TYR D 161 36.24 14.30 24.69
CA TYR D 161 37.17 15.07 25.49
C TYR D 161 38.60 14.56 25.33
N LYS D 162 38.80 13.59 24.44
CA LYS D 162 40.14 13.14 24.04
C LYS D 162 40.89 12.47 25.21
N ASP D 163 40.28 11.42 25.75
CA ASP D 163 40.95 10.50 26.65
C ASP D 163 40.86 9.10 26.06
N ARG D 164 42.01 8.46 25.84
CA ARG D 164 42.00 7.11 25.30
C ARG D 164 41.69 6.09 26.40
N GLN D 165 42.54 6.04 27.43
CA GLN D 165 42.24 5.21 28.59
C GLN D 165 41.08 5.85 29.33
N GLY D 166 39.89 5.29 29.14
CA GLY D 166 38.67 5.90 29.62
C GLY D 166 37.59 5.66 28.61
N THR D 167 38.01 5.39 27.39
CA THR D 167 37.14 4.84 26.35
C THR D 167 37.27 3.34 26.22
N LEU D 168 38.40 2.78 26.63
CA LEU D 168 38.62 1.35 26.56
C LEU D 168 38.07 0.63 27.79
N VAL D 169 38.20 1.24 28.98
CA VAL D 169 37.69 0.62 30.19
C VAL D 169 36.16 0.53 30.15
N GLY D 170 35.50 1.58 29.67
CA GLY D 170 34.05 1.55 29.59
C GLY D 170 33.55 0.46 28.66
N LEU D 171 34.17 0.34 27.48
CA LEU D 171 33.78 -0.71 26.55
C LEU D 171 34.05 -2.10 27.11
N PHE D 172 35.20 -2.27 27.78
CA PHE D 172 35.51 -3.54 28.41
C PHE D 172 34.46 -3.90 29.46
N ILE D 173 34.09 -2.95 30.30
CA ILE D 173 33.12 -3.22 31.36
C ILE D 173 31.76 -3.53 30.78
N THR D 174 31.36 -2.80 29.73
CA THR D 174 30.06 -3.06 29.12
C THR D 174 29.99 -4.46 28.51
N THR D 175 31.06 -4.87 27.82
CA THR D 175 31.06 -6.22 27.25
C THR D 175 31.03 -7.28 28.34
N LEU D 176 31.88 -7.11 29.36
CA LEU D 176 31.95 -8.07 30.46
C LEU D 176 30.72 -8.05 31.33
N LEU D 177 29.87 -7.03 31.20
CA LEU D 177 28.66 -6.92 32.00
C LEU D 177 27.43 -7.36 31.23
N ILE D 178 27.49 -7.41 29.90
CA ILE D 178 26.47 -8.12 29.13
C ILE D 178 26.73 -9.63 29.09
N ILE D 179 27.99 -10.06 29.21
CA ILE D 179 28.25 -11.49 29.33
C ILE D 179 27.59 -12.05 30.58
N LEU D 180 27.58 -11.29 31.69
CA LEU D 180 26.86 -11.76 32.87
C LEU D 180 25.36 -11.85 32.64
N PHE D 181 24.77 -10.96 31.84
CA PHE D 181 23.36 -11.08 31.52
C PHE D 181 23.10 -12.38 30.78
N VAL D 182 23.92 -12.68 29.78
CA VAL D 182 23.74 -13.92 29.01
C VAL D 182 23.89 -15.14 29.92
N GLY D 183 24.90 -15.12 30.79
CA GLY D 183 25.09 -16.26 31.70
C GLY D 183 23.95 -16.43 32.69
N CYS D 184 23.48 -15.32 33.27
CA CYS D 184 22.41 -15.41 34.25
C CYS D 184 21.11 -15.86 33.60
N GLN D 185 20.94 -15.57 32.32
CA GLN D 185 19.74 -16.05 31.64
C GLN D 185 19.92 -17.42 31.00
N VAL D 186 21.16 -17.93 30.95
CA VAL D 186 21.38 -19.30 30.51
C VAL D 186 21.43 -20.29 31.66
N LEU D 187 21.65 -19.83 32.89
CA LEU D 187 21.50 -20.69 34.06
C LEU D 187 20.14 -20.58 34.69
N GLU D 188 19.25 -19.76 34.14
CA GLU D 188 17.84 -19.76 34.54
C GLU D 188 16.97 -20.58 33.61
N TYR D 189 17.49 -21.01 32.46
CA TYR D 189 16.79 -21.98 31.63
C TYR D 189 17.05 -23.41 32.07
N THR D 190 18.03 -23.63 32.93
CA THR D 190 18.33 -24.96 33.47
C THR D 190 17.68 -25.19 34.83
N TRP D 191 17.05 -24.17 35.40
CA TRP D 191 16.40 -24.28 36.70
C TRP D 191 14.89 -24.06 36.57
N ALA D 192 14.30 -24.58 35.49
CA ALA D 192 12.89 -24.36 35.20
C ALA D 192 12.11 -25.65 35.34
N THR D 193 10.82 -25.51 35.59
CA THR D 193 9.92 -26.65 35.78
C THR D 193 8.79 -26.65 34.77
N PHE D 194 9.04 -26.11 33.59
CA PHE D 194 8.07 -26.17 32.50
C PHE D 194 8.81 -26.05 31.18
N THR D 195 8.35 -26.79 30.18
CA THR D 195 9.06 -26.93 28.92
C THR D 195 8.36 -26.16 27.80
N ILE D 196 8.89 -26.30 26.58
CA ILE D 196 8.32 -25.64 25.42
C ILE D 196 6.91 -26.13 25.12
N ALA D 197 6.60 -27.38 25.43
CA ALA D 197 5.43 -28.04 24.87
C ALA D 197 4.39 -28.43 25.90
N ASP D 198 4.36 -27.79 27.06
CA ASP D 198 3.39 -28.12 28.10
C ASP D 198 2.15 -27.24 28.06
N SER D 199 2.19 -26.12 27.33
CA SER D 199 1.05 -25.20 27.30
C SER D 199 1.31 -24.06 26.33
N VAL D 200 0.35 -23.15 26.22
CA VAL D 200 0.57 -21.93 25.45
C VAL D 200 1.40 -20.92 26.24
N PHE D 201 1.39 -21.01 27.58
CA PHE D 201 2.22 -20.12 28.37
C PHE D 201 3.70 -20.37 28.12
N GLY D 202 4.13 -21.62 28.19
CA GLY D 202 5.52 -21.95 27.97
C GLY D 202 5.96 -21.89 26.54
N SER D 203 5.03 -21.69 25.62
CA SER D 203 5.37 -21.55 24.22
C SER D 203 5.53 -20.09 23.81
N ILE D 204 4.96 -19.16 24.56
CA ILE D 204 5.21 -17.74 24.35
C ILE D 204 6.30 -17.21 25.28
N PHE D 205 6.47 -17.80 26.45
CA PHE D 205 7.51 -17.34 27.37
C PHE D 205 8.90 -17.57 26.79
N TYR D 206 9.06 -18.64 26.02
CA TYR D 206 10.34 -19.00 25.41
C TYR D 206 10.44 -18.58 23.95
N ALA D 207 9.51 -17.74 23.48
CA ALA D 207 9.57 -17.22 22.12
C ALA D 207 9.74 -15.71 22.09
N GLY D 208 9.63 -15.04 23.22
CA GLY D 208 9.91 -13.63 23.31
C GLY D 208 11.12 -13.37 24.17
N THR D 209 11.47 -14.34 25.01
CA THR D 209 12.66 -14.28 25.83
C THR D 209 13.79 -15.14 25.27
N GLY D 210 13.64 -15.59 24.04
CA GLY D 210 14.69 -16.34 23.37
C GLY D 210 15.25 -15.56 22.20
N LEU D 211 14.42 -14.70 21.61
CA LEU D 211 14.89 -13.82 20.55
C LEU D 211 15.76 -12.70 21.13
N HIS D 212 15.37 -12.19 22.30
CA HIS D 212 16.20 -11.23 23.03
C HIS D 212 17.59 -11.79 23.29
N PHE D 213 17.69 -13.10 23.53
CA PHE D 213 18.98 -13.75 23.74
C PHE D 213 19.89 -13.60 22.52
N ILE D 214 19.35 -13.87 21.33
CA ILE D 214 20.14 -13.76 20.12
C ILE D 214 20.55 -12.33 19.88
N HIS D 215 19.64 -11.39 20.12
CA HIS D 215 20.00 -9.99 19.94
C HIS D 215 21.03 -9.52 20.96
N MET D 216 21.13 -10.17 22.12
CA MET D 216 22.22 -9.84 23.04
C MET D 216 23.56 -10.44 22.63
N VAL D 217 23.56 -11.64 22.06
CA VAL D 217 24.80 -12.17 21.51
C VAL D 217 25.32 -11.27 20.39
N MET D 218 24.41 -10.72 19.59
CA MET D 218 24.81 -9.74 18.58
C MET D 218 25.48 -8.53 19.22
N LEU D 219 24.95 -8.05 20.35
CA LEU D 219 25.59 -6.93 21.05
C LEU D 219 26.99 -7.28 21.51
N ILE D 220 27.19 -8.49 22.03
CA ILE D 220 28.53 -8.86 22.46
C ILE D 220 29.50 -8.81 21.30
N VAL D 221 29.09 -9.32 20.14
CA VAL D 221 29.99 -9.29 18.98
C VAL D 221 30.27 -7.86 18.54
N MET D 222 29.23 -7.02 18.53
CA MET D 222 29.40 -5.63 18.11
C MET D 222 30.35 -4.87 19.04
N LEU D 223 30.22 -5.05 20.35
CA LEU D 223 31.10 -4.35 21.28
C LEU D 223 32.52 -4.89 21.21
N ALA D 224 32.68 -6.19 20.96
CA ALA D 224 34.03 -6.71 20.75
C ALA D 224 34.69 -6.05 19.54
N ILE D 225 33.93 -5.89 18.45
CA ILE D 225 34.46 -5.20 17.28
C ILE D 225 34.81 -3.75 17.59
N CYS D 226 33.97 -3.03 18.32
CA CYS D 226 34.29 -1.65 18.66
C CYS D 226 35.53 -1.51 19.52
N TYR D 227 35.71 -2.38 20.52
CA TYR D 227 36.94 -2.34 21.31
C TYR D 227 38.16 -2.65 20.44
N ALA D 228 38.09 -3.70 19.62
CA ALA D 228 39.24 -4.05 18.79
C ALA D 228 39.57 -2.95 17.80
N ARG D 229 38.57 -2.21 17.32
CA ARG D 229 38.82 -1.15 16.35
C ARG D 229 39.29 0.15 16.98
N MET D 230 38.89 0.43 18.23
CA MET D 230 39.45 1.55 18.97
C MET D 230 40.86 1.31 19.45
N TYR D 231 41.23 0.06 19.74
CA TYR D 231 42.58 -0.24 20.18
C TYR D 231 43.61 0.08 19.11
N PHE D 232 43.22 0.02 17.84
CA PHE D 232 44.14 0.14 16.72
C PHE D 232 44.08 1.50 16.04
N TYR D 233 43.51 2.50 16.72
CA TYR D 233 43.46 3.89 16.22
C TYR D 233 42.71 3.98 14.89
N HIS D 234 41.42 3.65 14.94
CA HIS D 234 40.54 3.85 13.79
C HIS D 234 39.53 4.97 14.01
N PHE D 235 39.27 5.37 15.25
CA PHE D 235 38.22 6.30 15.59
C PHE D 235 38.82 7.67 15.89
N THR D 236 38.25 8.70 15.31
CA THR D 236 38.63 10.07 15.58
C THR D 236 37.68 10.69 16.58
N SER D 237 38.02 11.89 17.03
CA SER D 237 37.22 12.59 18.02
C SER D 237 35.90 13.10 17.46
N ASN D 238 35.69 13.06 16.15
CA ASN D 238 34.46 13.52 15.55
C ASN D 238 33.93 12.62 14.44
N HIS D 239 34.51 11.45 14.21
CA HIS D 239 34.07 10.54 13.17
C HIS D 239 34.13 9.13 13.74
N HIS D 240 33.02 8.68 14.33
CA HIS D 240 32.91 7.34 14.88
C HIS D 240 31.46 6.92 14.72
N LEU D 241 31.15 6.20 13.63
CA LEU D 241 29.76 5.86 13.35
C LEU D 241 29.44 4.43 13.73
N GLY D 242 30.38 3.72 14.34
CA GLY D 242 30.08 2.44 14.93
C GLY D 242 29.58 2.59 16.35
N LEU D 243 30.19 3.52 17.08
CA LEU D 243 29.81 3.75 18.47
C LEU D 243 28.36 4.22 18.58
N GLU D 244 27.95 5.16 17.72
CA GLU D 244 26.58 5.67 17.80
C GLU D 244 25.57 4.58 17.50
N THR D 245 25.84 3.78 16.46
CA THR D 245 24.92 2.72 16.09
C THR D 245 24.87 1.63 17.16
N THR D 246 25.98 1.36 17.84
CA THR D 246 25.96 0.36 18.90
C THR D 246 25.41 0.91 20.20
N ILE D 247 25.31 2.23 20.35
CA ILE D 247 24.65 2.80 21.51
C ILE D 247 23.15 2.89 21.32
N LEU D 248 22.69 3.17 20.10
CA LEU D 248 21.25 3.22 19.86
C LEU D 248 20.59 1.85 19.97
N TYR D 249 21.36 0.77 19.88
CA TYR D 249 20.87 -0.58 19.94
C TYR D 249 20.71 -1.09 21.37
N LEU D 250 21.67 -0.76 22.24
CA LEU D 250 21.62 -1.16 23.63
C LEU D 250 20.43 -0.54 24.35
N HIS D 251 20.13 0.73 24.07
CA HIS D 251 19.01 1.38 24.73
C HIS D 251 17.69 0.77 24.28
N VAL D 252 17.57 0.42 22.99
CA VAL D 252 16.37 -0.25 22.51
C VAL D 252 16.20 -1.60 23.19
N LEU D 253 17.29 -2.36 23.33
CA LEU D 253 17.21 -3.65 23.98
C LEU D 253 16.81 -3.50 25.45
N ASP D 254 17.33 -2.49 26.14
CA ASP D 254 16.95 -2.26 27.54
C ASP D 254 15.47 -1.92 27.66
N ILE D 255 14.96 -1.06 26.77
CA ILE D 255 13.55 -0.69 26.85
C ILE D 255 12.67 -1.89 26.56
N ILE D 256 13.10 -2.77 25.64
CA ILE D 256 12.32 -3.97 25.38
C ILE D 256 12.33 -4.89 26.59
N TRP D 257 13.47 -5.00 27.26
CA TRP D 257 13.53 -5.85 28.45
C TRP D 257 12.61 -5.35 29.54
N LEU D 258 12.54 -4.02 29.71
CA LEU D 258 11.64 -3.51 30.74
C LEU D 258 10.17 -3.79 30.44
N PHE D 259 9.82 -4.14 29.20
CA PHE D 259 8.47 -4.62 28.91
C PHE D 259 8.35 -6.13 29.01
N LEU D 260 9.41 -6.88 28.73
CA LEU D 260 9.40 -8.32 28.94
C LEU D 260 9.44 -8.69 30.42
N TYR D 261 9.73 -7.73 31.30
CA TYR D 261 9.79 -7.99 32.72
C TYR D 261 8.55 -7.56 33.47
N ILE D 262 7.78 -6.61 32.92
CA ILE D 262 6.51 -6.21 33.50
C ILE D 262 5.35 -7.06 33.00
N VAL D 263 5.43 -7.59 31.79
CA VAL D 263 4.31 -8.30 31.18
C VAL D 263 4.42 -9.81 31.30
N PHE D 264 5.62 -10.36 31.34
CA PHE D 264 5.80 -11.81 31.38
C PHE D 264 6.05 -12.35 32.78
N TYR D 265 6.79 -11.63 33.62
CA TYR D 265 7.18 -12.13 34.93
C TYR D 265 6.23 -11.70 36.04
N TRP D 266 5.76 -10.45 36.04
CA TRP D 266 4.86 -10.00 37.09
C TRP D 266 3.42 -10.40 36.82
N TRP D 267 2.83 -9.89 35.75
CA TRP D 267 1.42 -10.13 35.50
C TRP D 267 1.17 -11.59 35.12
N GLY D 268 0.16 -12.18 35.73
CA GLY D 268 -0.18 -13.57 35.47
C GLY D 268 -1.52 -13.98 36.03
N GLN E 1 50.46 10.06 -0.15
CA GLN E 1 51.34 9.44 -1.14
C GLN E 1 52.36 10.46 -1.65
N PHE E 2 52.05 11.73 -1.44
CA PHE E 2 52.87 12.82 -1.94
C PHE E 2 52.72 13.99 -0.99
N LYS E 3 53.05 15.19 -1.46
CA LYS E 3 53.01 16.38 -0.61
C LYS E 3 51.61 16.61 -0.08
N THR E 4 51.53 16.98 1.20
CA THR E 4 50.26 17.20 1.88
C THR E 4 49.83 18.66 1.71
N ALA E 5 48.53 18.86 1.57
CA ALA E 5 47.99 20.18 1.34
C ALA E 5 47.72 20.92 2.66
N THR E 6 47.57 22.23 2.56
CA THR E 6 47.28 23.06 3.71
C THR E 6 46.06 23.96 3.51
N SER E 7 45.66 24.22 2.26
CA SER E 7 44.44 24.95 1.95
C SER E 7 44.03 24.56 0.54
N ILE E 8 42.81 24.91 0.16
CA ILE E 8 42.38 24.50 -1.17
C ILE E 8 42.86 25.55 -2.16
N ALA E 9 44.17 25.54 -2.39
CA ALA E 9 44.83 26.16 -3.52
C ALA E 9 45.99 25.32 -4.03
N GLU E 10 46.43 24.33 -3.26
CA GLU E 10 47.51 23.43 -3.62
C GLU E 10 47.05 21.98 -3.66
N VAL E 11 45.75 21.77 -3.83
CA VAL E 11 45.16 20.44 -3.88
C VAL E 11 44.84 20.14 -5.34
N GLU E 12 45.62 19.26 -5.94
CA GLU E 12 45.49 18.93 -7.35
C GLU E 12 44.93 17.54 -7.57
N GLY E 13 44.53 16.85 -6.51
CA GLY E 13 43.98 15.51 -6.67
C GLY E 13 43.96 14.79 -5.32
N LEU E 14 43.76 13.48 -5.41
CA LEU E 14 43.67 12.62 -4.24
C LEU E 14 45.03 12.24 -3.69
N GLU E 15 46.11 12.63 -4.37
CA GLU E 15 47.46 12.38 -3.90
C GLU E 15 47.93 13.38 -2.87
N ASN E 16 47.25 14.52 -2.74
CA ASN E 16 47.67 15.59 -1.85
C ASN E 16 46.80 15.67 -0.60
N LEU E 17 46.11 14.58 -0.26
CA LEU E 17 45.15 14.57 0.83
C LEU E 17 45.34 13.33 1.70
N VAL E 18 46.57 13.07 2.15
CA VAL E 18 46.80 11.94 3.03
C VAL E 18 46.90 12.42 4.48
N GLY E 19 47.86 13.28 4.77
CA GLY E 19 47.94 13.91 6.07
C GLY E 19 48.96 13.28 6.99
N PRO E 20 49.39 14.03 8.01
CA PRO E 20 50.34 13.50 8.98
C PRO E 20 49.71 12.46 9.89
N GLY E 21 50.47 11.94 10.84
CA GLY E 21 49.99 10.89 11.72
C GLY E 21 49.74 11.40 13.13
N ALA E 22 48.90 10.69 13.87
CA ALA E 22 48.66 10.99 15.27
C ALA E 22 49.83 10.48 16.11
N LYS E 23 49.77 10.76 17.40
CA LYS E 23 50.80 10.36 18.35
C LYS E 23 50.29 9.25 19.25
N THR E 24 51.18 8.35 19.63
CA THR E 24 50.80 7.18 20.40
C THR E 24 50.35 7.58 21.79
N GLY E 25 49.11 7.24 22.13
CA GLY E 25 48.53 7.61 23.39
C GLY E 25 47.50 8.73 23.35
N THR E 26 47.02 9.11 22.17
CA THR E 26 46.06 10.19 22.04
C THR E 26 44.97 9.78 21.06
N VAL E 27 43.80 10.38 21.22
CA VAL E 27 42.69 10.17 20.30
C VAL E 27 42.93 11.05 19.07
N PRO E 28 43.10 10.46 17.89
CA PRO E 28 43.49 11.27 16.73
C PRO E 28 42.39 12.22 16.28
N THR E 29 42.80 13.31 15.66
CA THR E 29 41.91 14.35 15.18
C THR E 29 41.65 14.14 13.69
N ASP E 30 40.52 14.67 13.22
CA ASP E 30 40.15 14.59 11.81
C ASP E 30 41.13 15.34 10.91
N LEU E 31 41.94 16.22 11.46
CA LEU E 31 42.97 16.92 10.70
C LEU E 31 44.25 16.12 10.59
N GLU E 32 44.30 14.93 11.19
CA GLU E 32 45.44 14.03 11.09
C GLU E 32 45.09 12.69 10.50
N GLN E 33 43.80 12.41 10.23
CA GLN E 33 43.40 11.15 9.59
C GLN E 33 42.17 11.47 8.73
N ALA E 34 42.43 11.78 7.47
CA ALA E 34 41.36 11.99 6.50
C ALA E 34 41.96 12.00 5.11
N THR E 35 41.45 11.17 4.20
CA THR E 35 42.15 10.93 2.94
C THR E 35 41.41 11.46 1.72
N GLY E 36 40.20 11.01 1.48
CA GLY E 36 39.62 11.22 0.17
C GLY E 36 38.77 12.46 0.07
N LEU E 37 37.49 12.26 -0.21
CA LEU E 37 36.55 13.36 -0.37
C LEU E 37 36.03 13.87 0.96
N GLU E 38 36.53 13.34 2.08
CA GLU E 38 36.26 13.89 3.40
C GLU E 38 37.17 15.06 3.74
N ARG E 39 38.48 14.89 3.54
CA ARG E 39 39.41 15.96 3.86
C ARG E 39 39.27 17.15 2.92
N TYR E 40 38.79 16.92 1.70
CA TYR E 40 38.48 18.02 0.80
C TYR E 40 37.39 18.92 1.39
N GLU E 41 36.29 18.30 1.82
CA GLU E 41 35.21 19.06 2.46
C GLU E 41 35.69 19.72 3.74
N LEU E 42 36.50 19.01 4.52
CA LEU E 42 37.01 19.55 5.77
C LEU E 42 37.88 20.78 5.54
N LEU E 43 38.74 20.74 4.52
CA LEU E 43 39.57 21.88 4.18
C LEU E 43 38.76 23.03 3.60
N GLY E 44 37.69 22.73 2.86
CA GLY E 44 36.85 23.79 2.35
C GLY E 44 36.06 24.50 3.43
N LYS E 45 35.60 23.77 4.44
CA LYS E 45 34.79 24.38 5.50
C LYS E 45 35.62 25.12 6.54
N LEU E 46 36.94 25.00 6.52
CA LEU E 46 37.79 25.74 7.42
C LEU E 46 38.23 27.09 6.85
N GLU E 47 37.76 27.45 5.66
CA GLU E 47 38.11 28.72 5.06
C GLU E 47 36.86 29.51 4.72
N GLY E 48 35.75 28.82 4.54
CA GLY E 48 34.52 29.43 4.08
C GLY E 48 34.09 28.99 2.70
N ILE E 49 34.81 28.08 2.06
CA ILE E 49 34.53 27.68 0.69
C ILE E 49 33.71 26.40 0.72
N GLU E 50 32.55 26.43 0.08
CA GLU E 50 31.70 25.25 -0.02
C GLU E 50 32.02 24.52 -1.30
N VAL E 51 32.56 23.30 -1.16
CA VAL E 51 32.97 22.51 -2.32
C VAL E 51 31.77 21.99 -3.11
N PHE E 52 30.65 21.73 -2.46
CA PHE E 52 29.46 21.17 -3.10
C PHE E 52 28.35 22.21 -3.01
N ASP E 53 28.09 22.91 -4.13
CA ASP E 53 27.11 23.98 -4.15
C ASP E 53 25.69 23.43 -4.14
N GLU E 54 24.79 24.18 -3.52
CA GLU E 54 23.37 23.82 -3.47
C GLU E 54 22.49 25.04 -3.66
N THR E 55 22.86 25.93 -4.60
CA THR E 55 22.09 27.14 -4.84
C THR E 55 21.24 26.98 -6.08
N PRO E 56 19.91 27.05 -5.96
CA PRO E 56 19.06 26.84 -7.14
C PRO E 56 19.26 27.88 -8.22
N LEU E 57 18.55 27.68 -9.33
CA LEU E 57 18.78 28.41 -10.56
C LEU E 57 18.32 29.87 -10.44
N GLU E 58 18.80 30.69 -11.38
CA GLU E 58 18.46 32.10 -11.39
C GLU E 58 17.03 32.32 -11.87
N ALA E 59 16.26 33.09 -11.11
CA ALA E 59 14.89 33.44 -11.44
C ALA E 59 14.69 34.94 -11.30
N VAL E 60 15.58 35.72 -11.90
CA VAL E 60 15.56 37.18 -11.80
C VAL E 60 15.12 37.81 -13.12
N ARG E 61 15.65 37.32 -14.24
CA ARG E 61 15.33 37.86 -15.55
C ARG E 61 15.09 36.75 -16.56
N LYS E 62 14.45 37.12 -17.66
CA LYS E 62 14.25 36.22 -18.79
C LYS E 62 15.49 36.27 -19.67
N GLY E 63 15.53 35.47 -20.72
CA GLY E 63 16.70 35.44 -21.57
C GLY E 63 16.42 35.56 -23.04
N THR E 64 16.96 36.58 -23.68
CA THR E 64 16.86 36.78 -25.12
C THR E 64 18.00 36.06 -25.82
N MET E 65 17.96 36.06 -27.15
CA MET E 65 19.02 35.44 -27.92
C MET E 65 20.28 36.29 -27.94
N LYS E 66 20.18 37.55 -27.50
CA LYS E 66 21.36 38.38 -27.38
C LYS E 66 21.98 38.31 -25.98
N ASP E 67 21.14 38.17 -24.94
CA ASP E 67 21.60 38.11 -23.55
C ASP E 67 21.01 36.86 -22.89
N PRO E 68 21.59 35.69 -23.13
CA PRO E 68 21.07 34.47 -22.52
C PRO E 68 21.66 34.19 -21.14
N ILE E 69 20.86 33.47 -20.34
CA ILE E 69 21.32 33.04 -19.03
C ILE E 69 22.42 32.01 -19.20
N LEU E 70 23.53 32.21 -18.49
CA LEU E 70 24.71 31.36 -18.64
C LEU E 70 24.72 30.28 -17.57
N ILE E 71 24.87 29.04 -17.99
CA ILE E 71 24.94 27.88 -17.10
C ILE E 71 26.30 27.24 -17.22
N ASP E 72 27.02 27.13 -16.10
CA ASP E 72 28.35 26.55 -16.09
C ASP E 72 28.28 25.04 -16.01
N SER E 73 29.04 24.36 -16.87
CA SER E 73 29.03 22.91 -16.88
C SER E 73 30.41 22.39 -17.23
N TYR E 74 30.84 21.34 -16.52
CA TYR E 74 32.09 20.67 -16.80
C TYR E 74 31.97 19.64 -17.91
N ASP E 75 30.78 19.51 -18.50
CA ASP E 75 30.50 18.60 -19.60
C ASP E 75 29.93 19.39 -20.77
N ASP E 76 29.72 18.70 -21.89
CA ASP E 76 29.16 19.35 -23.06
C ASP E 76 27.69 19.72 -22.90
N TYR E 77 27.01 19.17 -21.91
CA TYR E 77 25.57 19.35 -21.75
C TYR E 77 25.25 19.56 -20.28
N ARG E 78 24.07 20.14 -20.02
CA ARG E 78 23.59 20.16 -18.65
C ARG E 78 22.06 20.25 -18.66
N TYR E 79 21.43 19.58 -17.71
CA TYR E 79 19.98 19.60 -17.59
C TYR E 79 19.54 20.79 -16.75
N VAL E 80 18.59 21.55 -17.27
CA VAL E 80 18.12 22.78 -16.64
C VAL E 80 16.60 22.72 -16.53
N GLY E 81 16.07 23.02 -15.34
CA GLY E 81 14.64 22.99 -15.10
C GLY E 81 14.11 24.40 -14.90
N CYS E 82 13.22 24.82 -15.79
CA CYS E 82 12.68 26.17 -15.78
C CYS E 82 11.27 26.18 -15.20
N THR E 83 11.01 27.20 -14.39
CA THR E 83 9.75 27.37 -13.69
C THR E 83 9.21 28.79 -13.79
N GLY E 84 9.96 29.74 -14.36
CA GLY E 84 9.43 31.05 -14.68
C GLY E 84 10.33 32.15 -14.17
N VAL E 85 9.87 33.39 -14.41
CA VAL E 85 10.62 34.58 -14.03
C VAL E 85 10.41 34.91 -12.55
N PRO E 86 9.17 34.99 -12.06
CA PRO E 86 8.95 35.11 -10.61
C PRO E 86 9.13 33.81 -9.84
N ALA E 87 9.68 32.78 -10.47
CA ALA E 87 10.29 31.58 -9.91
C ALA E 87 9.30 30.47 -9.56
N ASP E 88 7.98 30.68 -9.63
CA ASP E 88 7.10 29.52 -9.49
C ASP E 88 5.83 29.69 -10.33
N SER E 89 5.89 30.46 -11.41
CA SER E 89 4.69 30.67 -12.21
C SER E 89 4.55 29.61 -13.31
N HIS E 90 5.51 29.57 -14.22
CA HIS E 90 5.60 28.51 -15.21
C HIS E 90 5.71 27.15 -14.52
N ASN E 91 4.99 26.16 -15.05
CA ASN E 91 5.21 24.79 -14.61
C ASN E 91 6.61 24.34 -15.00
N ILE E 92 6.99 23.15 -14.56
CA ILE E 92 8.38 22.71 -14.72
C ILE E 92 8.58 22.21 -16.13
N GLU E 93 9.54 22.79 -16.85
CA GLU E 93 9.95 22.28 -18.14
C GLU E 93 11.45 21.98 -18.10
N TRP E 94 11.83 20.81 -18.57
CA TRP E 94 13.22 20.38 -18.51
C TRP E 94 13.89 20.55 -19.86
N LEU E 95 15.15 20.97 -19.84
CA LEU E 95 15.87 21.31 -21.05
C LEU E 95 17.29 20.78 -20.96
N LYS E 96 17.93 20.62 -22.12
CA LYS E 96 19.32 20.18 -22.21
C LYS E 96 20.10 21.17 -23.05
N PRO E 97 20.57 22.27 -22.46
CA PRO E 97 21.52 23.13 -23.17
C PRO E 97 22.86 22.42 -23.35
N THR E 98 23.45 22.67 -24.52
CA THR E 98 24.71 22.06 -24.92
C THR E 98 25.56 23.09 -25.64
N THR E 99 26.71 22.66 -26.16
CA THR E 99 27.71 23.55 -26.71
C THR E 99 27.41 23.96 -28.15
N GLU E 100 26.48 23.28 -28.82
CA GLU E 100 26.16 23.58 -30.20
C GLU E 100 24.76 24.16 -30.40
N LYS E 101 23.94 24.21 -29.36
CA LYS E 101 22.58 24.72 -29.50
C LYS E 101 22.09 25.19 -28.14
N ASN E 102 21.11 26.10 -28.17
CA ASN E 102 20.57 26.73 -26.98
C ASN E 102 19.15 26.25 -26.72
N ALA E 103 18.76 26.26 -25.45
CA ALA E 103 17.39 25.93 -25.05
C ALA E 103 16.50 27.17 -25.11
N ARG E 104 15.19 26.95 -25.28
CA ARG E 104 14.30 28.10 -25.42
C ARG E 104 12.99 28.05 -24.65
N CYS E 105 12.62 26.94 -23.99
CA CYS E 105 11.49 26.96 -23.07
C CYS E 105 10.16 27.34 -23.71
N TRP E 106 9.52 26.40 -24.40
CA TRP E 106 8.33 26.62 -25.21
C TRP E 106 7.22 27.42 -24.53
N GLU E 107 7.19 27.53 -23.21
CA GLU E 107 6.14 28.32 -22.57
C GLU E 107 6.50 29.80 -22.39
N CYS E 108 7.55 30.09 -21.62
CA CYS E 108 7.84 31.49 -21.31
C CYS E 108 8.84 32.11 -22.27
N GLY E 109 9.86 31.35 -22.68
CA GLY E 109 10.74 31.84 -23.72
C GLY E 109 12.16 32.15 -23.29
N SER E 110 12.51 31.84 -22.05
CA SER E 110 13.85 32.12 -21.57
C SER E 110 14.86 31.21 -22.26
N VAL E 111 16.01 31.78 -22.60
CA VAL E 111 17.03 31.11 -23.39
C VAL E 111 18.24 30.86 -22.51
N TYR E 112 18.77 29.64 -22.57
CA TYR E 112 19.88 29.21 -21.72
C TYR E 112 21.06 28.82 -22.58
N LYS E 113 22.24 29.34 -22.25
CA LYS E 113 23.48 29.07 -22.94
C LYS E 113 24.43 28.34 -22.01
N LEU E 114 25.35 27.57 -22.59
CA LEU E 114 26.24 26.71 -21.83
C LEU E 114 27.66 27.28 -21.84
N ASN E 115 28.26 27.33 -20.66
CA ASN E 115 29.62 27.81 -20.47
C ASN E 115 30.48 26.64 -20.01
N PHE E 116 31.48 26.29 -20.81
CA PHE E 116 32.31 25.11 -20.56
C PHE E 116 33.49 25.49 -19.69
N LEU E 117 33.64 24.80 -18.56
CA LEU E 117 34.77 24.99 -17.68
C LEU E 117 35.66 23.76 -17.67
N ASN F 1 9.53 27.05 -61.84
CA ASN F 1 8.16 26.60 -61.57
C ASN F 1 8.12 25.11 -61.30
N ALA F 2 8.95 24.35 -62.00
CA ALA F 2 8.99 22.91 -61.82
C ALA F 2 9.49 22.53 -60.43
N THR F 3 10.37 23.35 -59.85
CA THR F 3 10.90 23.04 -58.53
C THR F 3 9.84 23.13 -57.44
N VAL F 4 8.84 24.00 -57.63
CA VAL F 4 7.85 24.24 -56.60
C VAL F 4 6.48 23.64 -56.94
N THR F 5 6.11 23.60 -58.21
CA THR F 5 4.80 23.09 -58.59
C THR F 5 4.68 21.61 -58.25
N ASN F 6 3.59 21.25 -57.57
CA ASN F 6 3.30 19.87 -57.21
C ASN F 6 4.38 19.29 -56.27
N LEU F 7 4.51 19.92 -55.10
CA LEU F 7 5.33 19.38 -54.03
C LEU F 7 4.60 18.31 -53.23
N GLU F 8 3.28 18.21 -53.36
CA GLU F 8 2.52 17.26 -52.56
C GLU F 8 2.76 15.82 -52.96
N LYS F 9 3.21 15.57 -54.19
CA LYS F 9 3.46 14.22 -54.65
C LYS F 9 4.93 13.89 -54.82
N ARG F 10 5.84 14.79 -54.45
CA ARG F 10 7.25 14.57 -54.65
C ARG F 10 8.13 14.91 -53.45
N TRP F 11 7.56 15.40 -52.35
CA TRP F 11 8.40 16.11 -51.41
C TRP F 11 9.22 15.14 -50.56
N GLU F 12 8.62 14.01 -50.19
CA GLU F 12 9.27 13.07 -49.28
C GLU F 12 10.29 12.16 -49.96
N ASP F 13 10.34 12.14 -51.29
CA ASP F 13 11.31 11.29 -51.98
C ASP F 13 12.65 11.97 -52.17
N LEU F 14 12.71 13.29 -52.05
CA LEU F 14 13.95 14.02 -52.22
C LEU F 14 14.88 13.76 -51.05
N PRO F 15 16.19 13.97 -51.23
CA PRO F 15 17.13 13.82 -50.12
C PRO F 15 16.96 14.96 -49.12
N GLU F 16 17.82 14.94 -48.10
CA GLU F 16 17.81 15.99 -47.09
C GLU F 16 18.66 17.19 -47.47
N THR F 17 19.30 17.17 -48.63
CA THR F 17 20.05 18.33 -49.12
C THR F 17 19.32 19.07 -50.25
N ASP F 18 18.26 18.50 -50.81
CA ASP F 18 17.43 19.20 -51.77
C ASP F 18 16.19 19.80 -51.14
N GLN F 19 16.01 19.66 -49.84
CA GLN F 19 14.92 20.33 -49.13
C GLN F 19 15.33 21.67 -48.56
N LYS F 20 16.53 21.76 -47.97
CA LYS F 20 17.01 23.05 -47.48
C LYS F 20 17.18 24.08 -48.58
N ASP F 21 17.52 23.68 -49.79
CA ASP F 21 17.58 24.63 -50.89
C ASP F 21 16.23 25.23 -51.21
N ILE F 22 15.17 24.43 -51.24
CA ILE F 22 13.84 24.97 -51.47
C ILE F 22 13.42 25.87 -50.32
N ILE F 23 13.71 25.45 -49.09
CA ILE F 23 13.31 26.25 -47.93
C ILE F 23 14.04 27.59 -47.91
N SER F 24 15.31 27.61 -48.31
CA SER F 24 16.08 28.84 -48.33
C SER F 24 15.89 29.64 -49.61
N GLN F 25 15.22 29.10 -50.62
CA GLN F 25 14.77 29.89 -51.75
C GLN F 25 13.40 30.50 -51.53
N LEU F 26 12.55 29.89 -50.71
CA LEU F 26 11.28 30.48 -50.35
C LEU F 26 11.38 31.43 -49.15
N SER F 27 12.52 31.45 -48.46
CA SER F 27 12.71 32.36 -47.34
C SER F 27 13.17 33.74 -47.78
N GLU F 28 13.80 33.85 -48.94
CA GLU F 28 14.17 35.14 -49.51
C GLU F 28 13.19 35.59 -50.59
N ARG F 29 12.15 34.83 -50.85
CA ARG F 29 11.06 35.24 -51.72
C ARG F 29 9.86 35.76 -50.93
N GLN F 30 9.78 35.43 -49.64
CA GLN F 30 8.73 35.95 -48.78
C GLN F 30 9.07 37.30 -48.18
N LYS F 31 10.33 37.70 -48.23
CA LYS F 31 10.71 39.03 -47.75
C LYS F 31 10.09 40.12 -48.61
N LEU F 32 9.82 39.82 -49.87
CA LEU F 32 9.16 40.76 -50.74
C LEU F 32 7.75 41.01 -50.25
N PRO F 33 7.15 42.15 -50.60
CA PRO F 33 5.76 42.38 -50.24
C PRO F 33 4.86 41.34 -50.90
N TRP F 34 4.05 40.68 -50.09
CA TRP F 34 3.14 39.68 -50.62
C TRP F 34 2.12 40.37 -51.52
N LYS F 35 1.55 39.59 -52.43
CA LYS F 35 0.86 39.86 -53.70
C LYS F 35 1.88 39.90 -54.82
N ASP F 36 3.17 39.66 -54.54
CA ASP F 36 4.17 39.39 -55.56
C ASP F 36 4.52 37.93 -55.64
N LEU F 37 3.86 37.08 -54.85
CA LEU F 37 4.12 35.66 -54.84
C LEU F 37 3.13 34.94 -55.75
N THR F 38 3.64 34.00 -56.54
CA THR F 38 2.77 33.18 -57.35
C THR F 38 1.92 32.27 -56.47
N LEU F 39 0.83 31.77 -57.04
CA LEU F 39 -0.06 30.89 -56.30
C LEU F 39 0.61 29.59 -55.90
N SER F 40 1.45 29.05 -56.79
CA SER F 40 2.16 27.81 -56.46
C SER F 40 3.11 28.00 -55.30
N GLU F 41 3.76 29.16 -55.21
CA GLU F 41 4.60 29.44 -54.05
C GLU F 41 3.80 29.47 -52.77
N LYS F 42 2.60 30.06 -52.80
CA LYS F 42 1.77 30.09 -51.61
C LYS F 42 1.38 28.68 -51.19
N LYS F 43 0.96 27.84 -52.15
CA LYS F 43 0.58 26.48 -51.81
C LYS F 43 1.77 25.68 -51.28
N ALA F 44 2.95 25.83 -51.89
CA ALA F 44 4.13 25.12 -51.42
C ALA F 44 4.54 25.56 -50.02
N ALA F 45 4.48 26.87 -49.76
CA ALA F 45 4.82 27.38 -48.44
C ALA F 45 3.86 26.85 -47.38
N TRP F 46 2.56 26.77 -47.73
CA TRP F 46 1.63 26.20 -46.77
C TRP F 46 1.91 24.71 -46.55
N TYR F 47 2.21 23.97 -47.61
CA TYR F 47 2.43 22.54 -47.48
C TYR F 47 3.65 22.23 -46.63
N ILE F 48 4.74 22.98 -46.82
CA ILE F 48 6.01 22.64 -46.17
C ILE F 48 5.90 22.72 -44.65
N SER F 49 5.19 23.72 -44.13
CA SER F 49 5.12 23.96 -42.70
C SER F 49 3.94 23.25 -42.05
N PHE F 50 2.74 23.38 -42.59
CA PHE F 50 1.55 22.75 -42.04
C PHE F 50 0.94 21.85 -43.10
N GLY F 51 1.39 20.61 -43.17
CA GLY F 51 0.89 19.64 -44.13
C GLY F 51 1.06 18.25 -43.56
N GLU F 52 0.60 17.27 -44.33
CA GLU F 52 0.58 15.89 -43.85
C GLU F 52 1.82 15.13 -44.28
N TRP F 53 2.98 15.58 -43.80
CA TRP F 53 4.22 14.85 -44.01
C TRP F 53 5.02 14.84 -42.72
N GLY F 54 5.65 13.71 -42.44
CA GLY F 54 6.52 13.58 -41.30
C GLY F 54 5.76 13.55 -39.99
N PRO F 55 6.04 14.51 -39.10
CA PRO F 55 5.45 14.49 -37.76
C PRO F 55 3.98 14.84 -37.70
N ARG F 56 3.28 14.97 -38.83
CA ARG F 56 1.84 15.20 -38.81
C ARG F 56 1.08 14.04 -39.44
N ARG F 57 1.75 12.91 -39.67
CA ARG F 57 1.06 11.74 -40.18
C ARG F 57 0.17 11.15 -39.08
N PRO F 58 -0.86 10.40 -39.45
CA PRO F 58 -1.74 9.80 -38.45
C PRO F 58 -1.18 8.50 -37.94
N VAL F 59 -1.56 8.17 -36.69
CA VAL F 59 -1.10 6.92 -36.09
C VAL F 59 -1.68 5.73 -36.84
N HIS F 60 -2.96 5.81 -37.20
CA HIS F 60 -3.67 4.72 -37.86
C HIS F 60 -4.13 5.18 -39.23
N THR F 61 -3.80 4.40 -40.26
CA THR F 61 -4.32 4.65 -41.60
C THR F 61 -5.53 3.76 -41.86
N LYS F 62 -6.18 3.99 -43.00
CA LYS F 62 -7.33 3.18 -43.37
C LYS F 62 -6.95 1.74 -43.61
N GLU F 63 -5.70 1.48 -43.99
CA GLU F 63 -5.22 0.14 -44.26
C GLU F 63 -4.60 -0.54 -43.05
N ASP F 64 -4.63 0.09 -41.88
CA ASP F 64 -4.16 -0.51 -40.64
C ASP F 64 -5.29 -1.00 -39.76
N LYS F 65 -6.44 -0.32 -39.78
CA LYS F 65 -7.58 -0.77 -39.01
C LYS F 65 -8.10 -2.11 -39.53
N LEU F 66 -8.11 -2.29 -40.85
CA LEU F 66 -8.48 -3.58 -41.42
C LEU F 66 -7.53 -4.68 -40.96
N TYR F 67 -6.23 -4.38 -40.94
CA TYR F 67 -5.25 -5.34 -40.47
C TYR F 67 -5.50 -5.74 -39.02
N ILE F 68 -5.77 -4.76 -38.16
CA ILE F 68 -6.01 -5.05 -36.75
C ILE F 68 -7.28 -5.90 -36.59
N PHE F 69 -8.34 -5.52 -37.29
CA PHE F 69 -9.61 -6.25 -37.17
C PHE F 69 -9.47 -7.69 -37.63
N TRP F 70 -8.86 -7.89 -38.79
CA TRP F 70 -8.68 -9.24 -39.32
C TRP F 70 -7.64 -10.03 -38.54
N GLY F 71 -6.80 -9.37 -37.75
CA GLY F 71 -5.93 -10.09 -36.85
C GLY F 71 -6.67 -10.59 -35.64
N THR F 72 -7.53 -9.76 -35.06
CA THR F 72 -8.28 -10.19 -33.88
C THR F 72 -9.26 -11.33 -34.23
N VAL F 73 -9.91 -11.25 -35.40
CA VAL F 73 -10.83 -12.32 -35.78
C VAL F 73 -10.09 -13.64 -35.93
N ILE F 74 -8.92 -13.61 -36.58
CA ILE F 74 -8.08 -14.80 -36.70
C ILE F 74 -7.62 -15.30 -35.35
N GLY F 75 -7.37 -14.42 -34.39
CA GLY F 75 -6.98 -14.85 -33.08
C GLY F 75 -8.10 -15.54 -32.34
N ILE F 76 -9.34 -15.09 -32.56
CA ILE F 76 -10.49 -15.75 -31.96
C ILE F 76 -10.77 -17.12 -32.57
N VAL F 77 -10.61 -17.27 -33.89
CA VAL F 77 -10.88 -18.56 -34.52
C VAL F 77 -9.98 -19.69 -34.02
N ILE F 78 -8.70 -19.42 -33.77
CA ILE F 78 -7.79 -20.44 -33.29
C ILE F 78 -8.22 -20.94 -31.91
N SER F 79 -8.56 -20.01 -31.01
CA SER F 79 -9.02 -20.41 -29.68
C SER F 79 -10.31 -21.20 -29.75
N ALA F 80 -11.22 -20.80 -30.63
CA ALA F 80 -12.46 -21.56 -30.81
C ALA F 80 -12.18 -22.99 -31.26
N THR F 81 -11.26 -23.14 -32.23
CA THR F 81 -10.94 -24.48 -32.72
C THR F 81 -10.32 -25.34 -31.63
N ILE F 82 -9.37 -24.80 -30.86
CA ILE F 82 -8.74 -25.59 -29.82
C ILE F 82 -9.74 -25.97 -28.73
N PHE F 83 -10.62 -25.03 -28.36
CA PHE F 83 -11.61 -25.35 -27.35
C PHE F 83 -12.59 -26.41 -27.83
N GLY F 84 -13.02 -26.35 -29.09
CA GLY F 84 -13.87 -27.40 -29.61
C GLY F 84 -13.18 -28.74 -29.63
N ALA F 85 -11.90 -28.77 -30.01
CA ALA F 85 -11.15 -30.01 -30.04
C ALA F 85 -11.04 -30.62 -28.65
N PHE F 86 -10.83 -29.79 -27.63
CA PHE F 86 -10.81 -30.29 -26.27
C PHE F 86 -12.21 -30.63 -25.75
N ARG F 87 -13.25 -30.07 -26.35
CA ARG F 87 -14.63 -30.28 -25.93
C ARG F 87 -15.24 -31.57 -26.45
N TYR F 88 -14.86 -32.01 -27.66
CA TYR F 88 -15.40 -33.28 -28.16
C TYR F 88 -14.94 -34.45 -27.29
N ASN F 89 -13.69 -34.41 -26.83
CA ASN F 89 -13.13 -35.47 -25.99
C ASN F 89 -13.33 -35.09 -24.54
N ARG F 90 -14.41 -35.62 -23.96
CA ARG F 90 -14.78 -35.33 -22.58
C ARG F 90 -15.19 -36.61 -21.87
N ASN F 91 -15.26 -36.51 -20.54
CA ASN F 91 -15.89 -37.55 -19.72
C ASN F 91 -17.30 -37.10 -19.40
N VAL F 92 -18.29 -37.78 -19.96
CA VAL F 92 -19.70 -37.46 -19.76
C VAL F 92 -20.24 -38.41 -18.71
N PRO F 93 -20.54 -37.95 -17.49
CA PRO F 93 -21.14 -38.82 -16.49
C PRO F 93 -22.57 -39.19 -16.86
N LYS F 94 -23.08 -40.20 -16.15
CA LYS F 94 -24.41 -40.74 -16.44
C LYS F 94 -25.52 -39.74 -16.18
N THR F 95 -25.28 -38.73 -15.35
CA THR F 95 -26.34 -37.78 -15.02
C THR F 95 -26.63 -36.80 -16.14
N MET F 96 -25.67 -36.55 -17.03
CA MET F 96 -25.88 -35.62 -18.13
C MET F 96 -26.59 -36.32 -19.29
N ASN F 97 -27.87 -36.58 -19.07
CA ASN F 97 -28.77 -37.14 -20.06
C ASN F 97 -30.15 -36.58 -19.82
N ARG F 98 -30.92 -36.40 -20.91
CA ARG F 98 -32.26 -35.84 -20.77
C ARG F 98 -33.20 -36.76 -20.03
N GLU F 99 -33.13 -38.07 -20.26
CA GLU F 99 -34.01 -39.00 -19.59
C GLU F 99 -33.79 -39.05 -18.09
N TRP F 100 -32.61 -38.65 -17.63
CA TRP F 100 -32.31 -38.50 -16.21
C TRP F 100 -32.73 -37.15 -15.67
N GLN F 101 -32.65 -36.10 -16.49
CA GLN F 101 -33.00 -34.76 -16.07
C GLN F 101 -34.50 -34.49 -16.19
N ALA F 102 -35.27 -35.46 -16.68
CA ALA F 102 -36.71 -35.38 -16.60
C ALA F 102 -37.26 -36.03 -15.33
N ALA F 103 -36.56 -37.01 -14.76
CA ALA F 103 -36.98 -37.60 -13.50
C ALA F 103 -36.69 -36.67 -12.33
N SER F 104 -35.54 -35.98 -12.38
CA SER F 104 -35.22 -35.02 -11.35
C SER F 104 -36.26 -33.91 -11.30
N ASP F 105 -36.84 -33.55 -12.44
CA ASP F 105 -37.92 -32.58 -12.45
C ASP F 105 -39.14 -33.10 -11.72
N GLU F 106 -39.49 -34.37 -11.91
CA GLU F 106 -40.63 -34.93 -11.19
C GLU F 106 -40.38 -34.94 -9.69
N TYR F 107 -39.17 -35.31 -9.26
CA TYR F 107 -38.86 -35.26 -7.84
C TYR F 107 -38.96 -33.84 -7.29
N LEU F 108 -38.40 -32.87 -8.01
CA LEU F 108 -38.44 -31.48 -7.56
C LEU F 108 -39.80 -30.84 -7.75
N LYS F 109 -40.72 -31.52 -8.41
CA LYS F 109 -42.10 -31.06 -8.55
C LYS F 109 -43.00 -31.61 -7.47
N SER F 110 -42.74 -32.85 -7.01
CA SER F 110 -43.51 -33.39 -5.89
C SER F 110 -43.28 -32.55 -4.64
N LYS F 111 -42.02 -32.34 -4.27
CA LYS F 111 -41.65 -31.34 -3.27
C LYS F 111 -41.57 -30.00 -3.98
N ASN F 112 -42.49 -29.10 -3.67
CA ASN F 112 -42.59 -27.84 -4.42
C ASN F 112 -41.31 -27.04 -4.29
N ALA F 113 -40.55 -26.97 -5.38
CA ALA F 113 -39.24 -26.34 -5.37
C ALA F 113 -39.22 -25.17 -6.33
N GLU F 114 -38.81 -24.01 -5.84
CA GLU F 114 -38.77 -22.79 -6.62
C GLU F 114 -40.16 -22.41 -7.11
N PRO F 115 -41.11 -22.13 -6.22
CA PRO F 115 -42.42 -21.66 -6.68
C PRO F 115 -42.34 -20.33 -7.41
N PHE F 116 -41.33 -19.54 -7.10
CA PHE F 116 -40.95 -18.35 -7.86
C PHE F 116 -40.19 -18.83 -9.09
N THR F 117 -39.31 -17.97 -9.63
CA THR F 117 -38.85 -17.97 -11.02
C THR F 117 -38.82 -19.32 -11.73
N GLY F 118 -38.24 -20.35 -11.13
CA GLY F 118 -38.41 -21.66 -11.75
C GLY F 118 -37.42 -22.76 -11.38
N TYR F 119 -37.87 -24.00 -11.52
CA TYR F 119 -37.03 -25.18 -11.42
C TYR F 119 -37.07 -25.89 -12.77
N SER F 120 -35.89 -26.27 -13.26
CA SER F 120 -35.81 -27.13 -14.44
C SER F 120 -34.37 -27.56 -14.62
N GLN F 121 -34.12 -28.87 -14.70
CA GLN F 121 -32.76 -29.38 -14.80
C GLN F 121 -32.44 -29.86 -16.21
N ILE F 122 -33.23 -29.48 -17.20
CA ILE F 122 -33.06 -29.99 -18.55
C ILE F 122 -32.14 -29.04 -19.32
N GLN F 123 -30.93 -29.51 -19.59
CA GLN F 123 -29.99 -28.81 -20.46
C GLN F 123 -29.31 -29.79 -21.40
N SER F 124 -29.66 -31.06 -21.28
CA SER F 124 -29.12 -32.13 -22.13
C SER F 124 -27.61 -32.18 -22.05
N GLU G 1 -9.40 34.58 -13.40
CA GLU G 1 -9.61 35.79 -12.62
C GLU G 1 -9.40 37.04 -13.47
N GLU G 2 -8.60 36.92 -14.52
CA GLU G 2 -8.30 38.03 -15.39
C GLU G 2 -9.51 38.38 -16.26
N THR G 3 -9.66 39.66 -16.54
CA THR G 3 -10.80 40.19 -17.28
C THR G 3 -10.50 40.22 -18.78
N TYR G 4 -11.55 40.45 -19.56
CA TYR G 4 -11.42 40.51 -21.02
C TYR G 4 -10.49 41.63 -21.44
N GLU G 5 -10.63 42.80 -20.83
CA GLU G 5 -9.88 43.98 -21.21
C GLU G 5 -8.47 44.01 -20.62
N GLU G 6 -8.11 43.07 -19.75
CA GLU G 6 -6.70 42.89 -19.39
C GLU G 6 -6.03 41.82 -20.24
N PHE G 7 -6.75 40.75 -20.57
CA PHE G 7 -6.28 39.76 -21.54
C PHE G 7 -5.93 40.44 -22.86
N SER G 8 -6.87 41.24 -23.37
CA SER G 8 -6.75 41.85 -24.67
C SER G 8 -5.77 43.02 -24.69
N GLN G 9 -5.14 43.35 -23.57
CA GLN G 9 -4.03 44.31 -23.55
C GLN G 9 -2.70 43.64 -23.32
N ARG G 10 -2.66 42.67 -22.42
CA ARG G 10 -1.44 41.89 -22.21
C ARG G 10 -1.01 41.23 -23.51
N TYR G 11 -1.95 40.75 -24.31
CA TYR G 11 -1.51 40.04 -25.50
C TYR G 11 -1.11 40.97 -26.64
N GLU G 12 -1.71 42.16 -26.75
CA GLU G 12 -1.16 43.14 -27.70
C GLU G 12 0.24 43.54 -27.31
N LYS G 13 0.49 43.78 -26.02
CA LYS G 13 1.83 44.12 -25.58
C LYS G 13 2.81 42.99 -25.88
N GLU G 14 2.40 41.73 -25.68
CA GLU G 14 3.28 40.63 -25.98
C GLU G 14 3.57 40.52 -27.48
N PHE G 15 2.56 40.73 -28.32
CA PHE G 15 2.78 40.61 -29.75
C PHE G 15 3.62 41.76 -30.29
N ASP G 16 3.65 42.90 -29.61
CA ASP G 16 4.42 44.03 -30.10
C ASP G 16 5.89 43.98 -29.70
N GLU G 17 6.39 42.88 -29.14
CA GLU G 17 7.79 42.81 -28.75
C GLU G 17 8.43 41.45 -29.06
N ALA G 18 7.84 40.66 -29.96
CA ALA G 18 8.46 39.42 -30.39
C ALA G 18 9.41 39.69 -31.55
N TYR G 19 10.54 38.97 -31.55
CA TYR G 19 11.62 39.25 -32.49
C TYR G 19 11.90 38.12 -33.48
N ASP G 20 11.35 36.93 -33.29
CA ASP G 20 11.66 35.81 -34.17
C ASP G 20 10.36 35.08 -34.50
N LEU G 21 10.44 34.11 -35.40
CA LEU G 21 9.27 33.30 -35.73
C LEU G 21 8.89 32.39 -34.57
N PHE G 22 9.89 31.87 -33.87
CA PHE G 22 9.65 31.03 -32.71
C PHE G 22 8.80 31.77 -31.69
N GLU G 23 9.11 33.04 -31.45
CA GLU G 23 8.37 33.82 -30.46
C GLU G 23 6.94 34.07 -30.89
N VAL G 24 6.72 34.38 -32.16
CA VAL G 24 5.37 34.64 -32.64
C VAL G 24 4.53 33.38 -32.54
N GLN G 25 5.08 32.23 -32.95
CA GLN G 25 4.34 30.98 -32.82
C GLN G 25 4.06 30.63 -31.36
N ARG G 26 5.03 30.89 -30.47
CA ARG G 26 4.82 30.61 -29.05
C ARG G 26 3.70 31.47 -28.48
N VAL G 27 3.69 32.76 -28.80
CA VAL G 27 2.67 33.64 -28.26
C VAL G 27 1.29 33.30 -28.84
N LEU G 28 1.24 32.92 -30.11
CA LEU G 28 -0.04 32.53 -30.70
C LEU G 28 -0.54 31.23 -30.10
N ASN G 29 0.37 30.32 -29.74
CA ASN G 29 -0.05 29.02 -29.26
C ASN G 29 -0.80 29.10 -27.94
N ASN G 30 -0.36 29.95 -27.01
CA ASN G 30 -1.06 30.10 -25.75
C ASN G 30 -2.02 31.28 -25.72
N CYS G 31 -2.18 31.98 -26.84
CA CYS G 31 -3.30 32.91 -26.97
C CYS G 31 -4.60 32.15 -27.23
N PHE G 32 -4.54 31.12 -28.07
CA PHE G 32 -5.67 30.25 -28.34
C PHE G 32 -5.71 29.06 -27.38
N SER G 33 -5.53 29.32 -26.08
CA SER G 33 -5.55 28.24 -25.11
C SER G 33 -6.27 28.65 -23.83
N TYR G 34 -7.14 29.64 -23.92
CA TYR G 34 -7.92 30.12 -22.80
C TYR G 34 -9.39 29.88 -23.09
N ASP G 35 -10.25 30.41 -22.24
CA ASP G 35 -11.69 30.36 -22.49
C ASP G 35 -12.16 31.49 -23.38
N ILE G 36 -11.32 32.51 -23.61
CA ILE G 36 -11.70 33.71 -24.33
C ILE G 36 -11.17 33.64 -25.75
N VAL G 37 -12.03 33.86 -26.73
CA VAL G 37 -11.54 34.01 -28.11
C VAL G 37 -10.94 35.39 -28.28
N PRO G 38 -9.76 35.51 -28.91
CA PRO G 38 -9.13 36.82 -29.03
C PRO G 38 -9.97 37.79 -29.84
N SER G 39 -9.93 39.06 -29.44
CA SER G 39 -10.64 40.10 -30.15
C SER G 39 -9.91 40.45 -31.44
N PRO G 40 -10.60 41.11 -32.38
CA PRO G 40 -9.97 41.46 -33.65
C PRO G 40 -8.76 42.36 -33.53
N ALA G 41 -8.64 43.15 -32.47
CA ALA G 41 -7.42 43.94 -32.28
C ALA G 41 -6.21 43.05 -32.04
N VAL G 42 -6.38 42.01 -31.23
CA VAL G 42 -5.27 41.11 -30.94
C VAL G 42 -4.82 40.39 -32.21
N ILE G 43 -5.77 39.92 -33.01
CA ILE G 43 -5.44 39.27 -34.27
C ILE G 43 -4.81 40.26 -35.23
N GLY G 44 -5.25 41.53 -35.18
CA GLY G 44 -4.66 42.54 -36.03
C GLY G 44 -3.20 42.79 -35.68
N LYS G 45 -2.87 42.75 -34.40
CA LYS G 45 -1.46 42.86 -34.01
C LYS G 45 -0.69 41.60 -34.36
N ALA G 46 -1.34 40.43 -34.28
CA ALA G 46 -0.68 39.17 -34.61
C ALA G 46 -0.29 39.13 -36.08
N LEU G 47 -1.17 39.61 -36.96
CA LEU G 47 -0.84 39.61 -38.38
C LEU G 47 0.35 40.53 -38.68
N ASN G 48 0.41 41.69 -38.02
CA ASN G 48 1.57 42.56 -38.20
C ASN G 48 2.84 41.90 -37.68
N ALA G 49 2.74 41.18 -36.56
CA ALA G 49 3.89 40.45 -36.05
C ALA G 49 4.37 39.40 -37.04
N CYS G 50 3.43 38.66 -37.63
CA CYS G 50 3.79 37.70 -38.66
C CYS G 50 4.38 38.38 -39.89
N ARG G 51 4.01 39.63 -40.14
CA ARG G 51 4.57 40.35 -41.27
C ARG G 51 6.01 40.78 -41.02
N ARG G 52 6.32 41.21 -39.80
CA ARG G 52 7.70 41.60 -39.50
C ARG G 52 8.66 40.42 -39.60
N VAL G 53 8.27 39.26 -39.06
CA VAL G 53 9.11 38.06 -39.13
C VAL G 53 9.12 37.43 -40.50
N ASN G 54 8.28 37.91 -41.42
CA ASN G 54 8.27 37.46 -42.81
C ASN G 54 7.88 35.99 -42.94
N ASP G 55 6.65 35.68 -42.52
CA ASP G 55 6.10 34.35 -42.66
C ASP G 55 4.69 34.44 -43.21
N TYR G 56 4.39 33.57 -44.17
CA TYR G 56 3.08 33.57 -44.83
C TYR G 56 2.17 32.47 -44.34
N ALA G 57 2.70 31.28 -44.03
CA ALA G 57 1.87 30.18 -43.60
C ALA G 57 1.18 30.50 -42.27
N THR G 58 1.88 31.20 -41.38
CA THR G 58 1.29 31.52 -40.08
C THR G 58 0.11 32.48 -40.24
N ALA G 59 0.20 33.45 -41.15
CA ALA G 59 -0.89 34.36 -41.37
C ALA G 59 -2.12 33.67 -41.93
N VAL G 60 -1.95 32.57 -42.66
CA VAL G 60 -3.09 31.81 -43.14
C VAL G 60 -3.64 30.87 -42.06
N ARG G 61 -2.77 30.33 -41.20
CA ARG G 61 -3.21 29.40 -40.17
C ARG G 61 -3.88 30.13 -38.99
N VAL G 62 -3.56 31.40 -38.78
CA VAL G 62 -4.23 32.16 -37.72
C VAL G 62 -5.73 32.23 -38.00
N PHE G 63 -6.10 32.36 -39.27
CA PHE G 63 -7.51 32.35 -39.64
C PHE G 63 -8.12 30.96 -39.60
N GLU G 64 -7.34 29.92 -39.87
CA GLU G 64 -7.85 28.56 -39.73
C GLU G 64 -8.07 28.17 -38.28
N GLY G 65 -7.41 28.85 -37.35
CA GLY G 65 -7.68 28.62 -35.94
C GLY G 65 -9.00 29.21 -35.48
N LEU G 66 -9.42 30.32 -36.09
CA LEU G 66 -10.67 30.95 -35.69
C LEU G 66 -11.87 30.09 -36.06
N LYS G 67 -11.79 29.34 -37.15
CA LYS G 67 -12.91 28.49 -37.55
C LYS G 67 -13.19 27.41 -36.52
N HIS G 68 -12.18 26.99 -35.77
CA HIS G 68 -12.37 26.00 -34.74
C HIS G 68 -12.63 26.62 -33.37
N LYS G 69 -12.07 27.79 -33.09
CA LYS G 69 -12.28 28.40 -31.78
C LYS G 69 -13.69 28.95 -31.64
N VAL G 70 -14.27 29.46 -32.73
CA VAL G 70 -15.58 30.08 -32.67
C VAL G 70 -16.66 29.01 -32.47
N GLU G 71 -17.72 29.38 -31.76
CA GLU G 71 -18.82 28.46 -31.49
C GLU G 71 -19.62 28.13 -32.75
N THR G 72 -20.02 29.16 -33.50
CA THR G 72 -20.89 28.96 -34.66
C THR G 72 -20.29 29.59 -35.90
N LYS G 73 -21.06 29.66 -37.00
CA LYS G 73 -20.53 30.15 -38.26
C LYS G 73 -20.80 31.63 -38.49
N GLU G 74 -21.87 32.16 -37.92
CA GLU G 74 -22.14 33.58 -38.05
C GLU G 74 -21.03 34.40 -37.40
N GLN G 75 -20.50 33.92 -36.28
CA GLN G 75 -19.37 34.59 -35.64
C GLN G 75 -18.13 34.55 -36.51
N TYR G 76 -17.88 33.40 -37.16
CA TYR G 76 -16.74 33.29 -38.07
C TYR G 76 -16.86 34.25 -39.23
N ASP G 77 -18.07 34.41 -39.78
CA ASP G 77 -18.25 35.39 -40.83
C ASP G 77 -18.18 36.82 -40.31
N ALA G 78 -18.51 37.05 -39.04
CA ALA G 78 -18.40 38.39 -38.47
C ALA G 78 -16.95 38.79 -38.26
N TYR G 79 -16.08 37.83 -37.90
CA TYR G 79 -14.64 38.14 -37.86
C TYR G 79 -14.13 38.55 -39.23
N LEU G 80 -14.52 37.85 -40.29
CA LEU G 80 -13.98 38.13 -41.61
C LEU G 80 -14.46 39.45 -42.19
N GLU G 81 -15.48 40.08 -41.60
CA GLU G 81 -15.98 41.37 -42.09
C GLU G 81 -15.44 42.55 -41.32
N GLU G 82 -14.67 42.34 -40.25
CA GLU G 82 -13.91 43.40 -39.61
C GLU G 82 -12.44 43.36 -39.97
N LEU G 83 -11.89 42.17 -40.17
CA LEU G 83 -10.52 41.98 -40.62
C LEU G 83 -10.46 41.83 -42.14
N LYS G 84 -11.01 42.81 -42.86
CA LYS G 84 -11.03 42.75 -44.32
C LYS G 84 -10.10 43.73 -44.98
N ASP G 85 -9.96 44.94 -44.45
CA ASP G 85 -8.96 45.86 -44.97
C ASP G 85 -7.55 45.36 -44.68
N VAL G 86 -7.33 44.79 -43.50
CA VAL G 86 -6.00 44.30 -43.14
C VAL G 86 -5.58 43.18 -44.07
N ARG G 87 -6.48 42.24 -44.35
CA ARG G 87 -6.14 41.13 -45.24
C ARG G 87 -5.86 41.62 -46.66
N GLU G 88 -6.70 42.50 -47.19
CA GLU G 88 -6.52 42.99 -48.55
C GLU G 88 -5.36 43.95 -48.69
N GLU G 89 -4.82 44.47 -47.59
CA GLU G 89 -3.61 45.28 -47.63
C GLU G 89 -2.35 44.45 -47.46
N LEU G 90 -2.33 43.53 -46.50
CA LEU G 90 -1.17 42.67 -46.33
C LEU G 90 -1.04 41.67 -47.46
N GLY G 91 -2.16 41.13 -47.93
CA GLY G 91 -2.16 40.14 -48.98
C GLY G 91 -2.50 38.73 -48.55
N ILE G 92 -3.01 38.55 -47.33
CA ILE G 92 -3.27 37.21 -46.80
C ILE G 92 -4.44 36.58 -47.52
N ASP G 93 -4.28 35.30 -47.86
CA ASP G 93 -5.32 34.52 -48.52
C ASP G 93 -5.72 33.35 -47.63
N LEU G 94 -7.03 33.17 -47.46
CA LEU G 94 -7.52 32.09 -46.62
C LEU G 94 -7.25 30.74 -47.28
N LYS G 95 -7.32 29.68 -46.48
CA LYS G 95 -7.06 28.35 -47.01
C LYS G 95 -8.12 27.93 -48.02
N GLU G 96 -9.37 28.26 -47.78
CA GLU G 96 -10.44 27.83 -48.69
C GLU G 96 -10.45 28.60 -50.00
N GLU G 97 -9.62 29.64 -50.14
CA GLU G 97 -9.40 30.26 -51.45
C GLU G 97 -8.15 29.72 -52.14
N LEU G 98 -7.34 28.92 -51.45
CA LEU G 98 -6.18 28.28 -52.05
C LEU G 98 -6.45 26.83 -52.42
N PHE G 99 -7.17 26.11 -51.55
CA PHE G 99 -7.43 24.70 -51.72
C PHE G 99 -6.13 23.90 -51.74
N PRO G 100 -5.21 24.10 -50.79
CA PRO G 100 -3.92 23.44 -50.96
C PRO G 100 -3.97 21.95 -50.65
N THR H 1 55.88 -0.08 11.53
CA THR H 1 56.44 0.92 12.42
C THR H 1 55.63 1.03 13.70
N ALA H 2 55.34 2.26 14.11
CA ALA H 2 54.54 2.49 15.30
C ALA H 2 53.10 2.05 15.06
N THR H 3 52.25 2.24 16.06
CA THR H 3 50.87 1.79 15.96
C THR H 3 50.08 2.54 14.90
N GLU H 4 50.57 3.69 14.44
CA GLU H 4 49.94 4.41 13.34
C GLU H 4 50.52 3.98 12.00
N LYS H 5 50.05 2.81 11.56
CA LYS H 5 50.15 2.38 10.17
C LYS H 5 49.03 2.94 9.33
N ILE H 6 48.14 3.74 9.92
CA ILE H 6 47.03 4.31 9.19
C ILE H 6 47.50 5.16 8.03
N ILE H 7 48.58 5.92 8.20
CA ILE H 7 49.10 6.76 7.13
C ILE H 7 49.97 5.97 6.16
N GLU H 8 50.08 4.66 6.36
CA GLU H 8 50.79 3.79 5.45
C GLU H 8 49.88 2.81 4.73
N LEU H 9 48.81 2.34 5.37
CA LEU H 9 47.81 1.54 4.68
C LEU H 9 46.87 2.39 3.83
N GLN H 10 46.83 3.70 4.08
CA GLN H 10 46.06 4.61 3.24
C GLN H 10 46.78 4.93 1.94
N LYS H 11 48.09 4.72 1.87
CA LYS H 11 48.84 4.87 0.64
C LYS H 11 48.97 3.58 -0.14
N PHE H 12 48.48 2.46 0.41
CA PHE H 12 48.50 1.17 -0.26
C PHE H 12 47.15 0.81 -0.85
N TYR H 13 46.06 1.08 -0.12
CA TYR H 13 44.73 0.83 -0.66
C TYR H 13 44.41 1.77 -1.81
N GLN H 14 45.10 2.89 -1.92
CA GLN H 14 45.01 3.75 -3.08
C GLN H 14 46.17 3.44 -4.01
N SER H 15 45.88 3.30 -5.29
CA SER H 15 46.87 2.85 -6.28
C SER H 15 47.33 1.42 -5.97
N THR H 16 46.39 0.49 -6.05
CA THR H 16 46.64 -0.91 -5.76
C THR H 16 46.51 -1.82 -6.96
N ASN H 17 45.58 -1.54 -7.87
CA ASN H 17 45.31 -2.28 -9.10
C ASN H 17 44.57 -3.59 -8.85
N LYS H 18 44.17 -3.87 -7.62
CA LYS H 18 43.40 -5.07 -7.32
C LYS H 18 42.11 -4.71 -6.59
N PRO H 19 41.13 -5.59 -6.58
CA PRO H 19 39.93 -5.33 -5.78
C PRO H 19 40.27 -5.23 -4.30
N ILE H 20 39.50 -4.41 -3.58
CA ILE H 20 39.84 -4.11 -2.20
C ILE H 20 39.69 -5.30 -1.27
N TYR H 21 39.05 -6.39 -1.69
CA TYR H 21 38.93 -7.58 -0.87
C TYR H 21 40.05 -8.58 -1.13
N ALA H 22 40.93 -8.33 -2.10
CA ALA H 22 42.03 -9.23 -2.41
C ALA H 22 43.32 -8.45 -2.62
N ALA H 23 43.50 -7.34 -1.92
CA ALA H 23 44.67 -6.51 -2.10
C ALA H 23 45.75 -6.78 -1.05
N HIS H 24 45.38 -6.76 0.22
CA HIS H 24 46.33 -7.02 1.28
C HIS H 24 46.84 -8.46 1.17
N PRO H 25 48.10 -8.72 1.53
CA PRO H 25 48.65 -10.07 1.49
C PRO H 25 48.26 -10.93 2.68
N ARG H 26 46.99 -10.85 3.07
CA ARG H 26 46.39 -11.69 4.09
C ARG H 26 45.03 -12.22 3.68
N SER H 27 44.43 -11.69 2.60
CA SER H 27 43.11 -12.09 2.15
C SER H 27 43.07 -13.54 1.68
N LYS H 28 44.21 -14.18 1.43
CA LYS H 28 44.21 -15.58 1.03
C LYS H 28 43.58 -16.45 2.11
N TYR H 29 43.94 -16.21 3.36
CA TYR H 29 43.46 -17.04 4.47
C TYR H 29 41.97 -16.91 4.69
N TYR H 30 41.39 -15.75 4.37
CA TYR H 30 39.95 -15.56 4.45
C TYR H 30 39.22 -16.08 3.22
N LEU H 31 39.84 -15.99 2.05
CA LEU H 31 39.13 -16.22 0.80
C LEU H 31 39.26 -17.64 0.25
N ILE H 32 40.30 -18.39 0.62
CA ILE H 32 40.42 -19.76 0.13
C ILE H 32 39.47 -20.68 0.88
N PRO H 33 39.49 -20.71 2.22
CA PRO H 33 38.55 -21.57 2.94
C PRO H 33 37.08 -21.25 2.65
N TYR H 34 36.74 -19.97 2.52
CA TYR H 34 35.35 -19.59 2.33
C TYR H 34 34.80 -20.13 1.02
N PHE H 35 35.51 -19.86 -0.08
CA PHE H 35 35.06 -20.34 -1.38
C PHE H 35 35.22 -21.84 -1.52
N GLY H 36 36.17 -22.44 -0.80
CA GLY H 36 36.27 -23.90 -0.81
C GLY H 36 35.07 -24.56 -0.15
N LEU H 37 34.65 -24.05 1.00
CA LEU H 37 33.54 -24.66 1.71
C LEU H 37 32.19 -24.32 1.09
N LEU H 38 32.07 -23.15 0.45
CA LEU H 38 30.82 -22.79 -0.18
C LEU H 38 30.47 -23.76 -1.30
N GLY H 39 31.47 -24.19 -2.06
CA GLY H 39 31.24 -25.19 -3.09
C GLY H 39 30.70 -26.50 -2.57
N VAL H 40 31.27 -27.03 -1.48
CA VAL H 40 30.76 -28.25 -0.88
C VAL H 40 29.36 -28.08 -0.34
N SER H 41 29.09 -26.95 0.34
CA SER H 41 27.75 -26.72 0.88
C SER H 41 26.72 -26.65 -0.24
N VAL H 42 27.04 -25.97 -1.33
CA VAL H 42 26.08 -25.89 -2.44
C VAL H 42 25.95 -27.20 -3.20
N ALA H 43 27.01 -28.01 -3.26
CA ALA H 43 26.93 -29.29 -3.95
C ALA H 43 26.36 -30.39 -3.08
N ALA H 44 26.12 -30.14 -1.80
CA ALA H 44 25.43 -31.11 -0.95
C ALA H 44 23.95 -30.81 -0.80
N THR H 45 23.51 -29.57 -1.01
CA THR H 45 22.09 -29.25 -1.00
C THR H 45 21.40 -29.52 -2.32
N LEU H 46 22.16 -29.77 -3.38
CA LEU H 46 21.61 -30.19 -4.66
C LEU H 46 21.66 -31.70 -4.86
N PHE H 47 22.50 -32.40 -4.10
CA PHE H 47 22.53 -33.85 -4.12
C PHE H 47 21.37 -34.45 -3.34
N TYR H 48 20.87 -33.72 -2.34
CA TYR H 48 19.79 -34.22 -1.50
C TYR H 48 18.42 -33.70 -1.90
N THR H 49 18.34 -32.64 -2.71
CA THR H 49 17.07 -32.16 -3.21
C THR H 49 16.69 -32.79 -4.54
N GLY H 50 17.58 -33.57 -5.14
CA GLY H 50 17.24 -34.35 -6.31
C GLY H 50 17.15 -35.79 -5.92
N ARG H 51 17.80 -36.11 -4.80
CA ARG H 51 17.67 -37.41 -4.16
C ARG H 51 16.39 -37.54 -3.35
N ALA H 52 15.75 -36.43 -3.01
CA ALA H 52 14.48 -36.46 -2.29
C ALA H 52 13.28 -36.48 -3.22
N CYS H 53 13.42 -35.96 -4.43
CA CYS H 53 12.33 -36.03 -5.40
C CYS H 53 12.08 -37.46 -5.84
N PHE H 54 13.07 -38.34 -5.71
CA PHE H 54 12.93 -39.73 -6.05
C PHE H 54 12.53 -40.60 -4.88
N GLY H 55 12.32 -40.02 -3.70
CA GLY H 55 11.81 -40.76 -2.57
C GLY H 55 12.84 -41.51 -1.75
N ILE H 56 14.13 -41.27 -1.98
CA ILE H 56 15.17 -41.99 -1.24
C ILE H 56 15.44 -41.27 0.07
N LYS H 57 15.39 -42.00 1.17
CA LYS H 57 15.66 -41.49 2.50
C LYS H 57 17.01 -42.01 2.99
N ASP H 58 17.38 -41.58 4.19
CA ASP H 58 18.61 -42.04 4.82
C ASP H 58 18.35 -42.63 6.18
N ASP I 1 31.44 1.66 -25.63
CA ASP I 1 30.59 0.74 -26.37
C ASP I 1 29.12 0.96 -26.06
N VAL I 2 28.78 2.17 -25.60
CA VAL I 2 27.39 2.50 -25.33
C VAL I 2 26.61 2.50 -26.64
N GLY I 3 25.41 1.94 -26.61
CA GLY I 3 24.58 1.85 -27.79
C GLY I 3 23.28 1.13 -27.54
N PRO I 4 22.53 0.87 -28.60
CA PRO I 4 21.20 0.25 -28.45
C PRO I 4 21.21 -1.25 -28.21
N TYR I 5 22.37 -1.90 -28.19
CA TYR I 5 22.46 -3.34 -27.93
C TYR I 5 23.47 -3.63 -26.84
N SER I 6 23.86 -2.61 -26.08
CA SER I 6 24.94 -2.75 -25.12
C SER I 6 24.48 -2.90 -23.68
N ASN I 7 23.18 -2.80 -23.40
CA ASN I 7 22.66 -2.97 -22.06
C ASN I 7 21.93 -4.29 -21.86
N LEU I 8 22.02 -5.21 -22.81
CA LEU I 8 21.25 -6.43 -22.62
C LEU I 8 22.16 -7.58 -22.23
N PRO I 9 21.71 -8.47 -21.33
CA PRO I 9 22.59 -9.56 -20.90
C PRO I 9 22.86 -10.61 -21.95
N PHE I 10 22.25 -10.53 -23.12
CA PHE I 10 22.38 -11.54 -24.16
C PHE I 10 22.72 -10.88 -25.49
N LYS I 11 23.36 -11.64 -26.36
CA LYS I 11 23.77 -11.16 -27.67
C LYS I 11 22.66 -11.40 -28.68
N VAL I 12 22.39 -10.40 -29.51
CA VAL I 12 21.28 -10.47 -30.46
C VAL I 12 21.71 -10.47 -31.92
N LYS I 13 22.86 -9.91 -32.26
CA LYS I 13 23.29 -9.83 -33.65
C LYS I 13 24.75 -10.21 -33.76
N ASN I 14 25.14 -10.66 -34.96
CA ASN I 14 26.46 -11.22 -35.19
C ASN I 14 26.69 -12.43 -34.29
N ARG I 15 25.86 -13.45 -34.51
CA ARG I 15 25.75 -14.60 -33.63
C ARG I 15 25.71 -15.87 -34.45
N ARG I 16 26.37 -16.93 -33.96
CA ARG I 16 26.44 -18.17 -34.72
C ARG I 16 25.08 -18.84 -34.81
N VAL I 17 24.51 -19.23 -33.68
CA VAL I 17 23.16 -19.78 -33.63
C VAL I 17 22.17 -18.61 -33.68
N PRO I 18 21.21 -18.62 -34.58
CA PRO I 18 20.30 -17.46 -34.69
C PRO I 18 19.48 -17.28 -33.43
N TYR I 19 19.10 -16.02 -33.18
CA TYR I 19 18.48 -15.65 -31.91
C TYR I 19 17.15 -16.36 -31.68
N ALA I 20 16.49 -16.83 -32.74
CA ALA I 20 15.17 -17.43 -32.60
C ALA I 20 15.22 -18.66 -31.70
N VAL I 21 16.28 -19.45 -31.80
CA VAL I 21 16.42 -20.62 -30.94
C VAL I 21 16.49 -20.25 -29.46
N PRO I 22 17.40 -19.38 -29.02
CA PRO I 22 17.41 -18.99 -27.61
C PRO I 22 16.13 -18.32 -27.16
N HIS I 23 15.52 -17.50 -28.02
CA HIS I 23 14.27 -16.84 -27.64
C HIS I 23 13.15 -17.86 -27.43
N PHE I 24 13.04 -18.84 -28.33
CA PHE I 24 11.92 -19.77 -28.27
C PHE I 24 12.11 -20.79 -27.16
N LEU I 25 13.35 -21.24 -26.92
CA LEU I 25 13.55 -22.25 -25.89
C LEU I 25 13.20 -21.71 -24.52
N PHE I 26 13.44 -20.43 -24.28
CA PHE I 26 13.08 -19.80 -23.02
C PHE I 26 11.58 -19.94 -22.74
N PHE I 27 10.76 -19.53 -23.72
CA PHE I 27 9.32 -19.61 -23.53
C PHE I 27 8.84 -21.06 -23.47
N ALA I 28 9.45 -21.95 -24.27
CA ALA I 28 9.03 -23.34 -24.25
C ALA I 28 9.27 -23.97 -22.89
N ILE I 29 10.46 -23.75 -22.31
CA ILE I 29 10.74 -24.28 -20.99
C ILE I 29 9.82 -23.66 -19.95
N GLY I 30 9.60 -22.34 -20.03
CA GLY I 30 8.76 -21.68 -19.06
C GLY I 30 7.33 -22.20 -19.06
N MET I 31 6.79 -22.48 -20.23
CA MET I 31 5.43 -22.98 -20.32
C MET I 31 5.32 -24.50 -20.24
N GLY I 32 6.44 -25.21 -20.27
CA GLY I 32 6.39 -26.65 -20.16
C GLY I 32 6.74 -27.18 -18.79
N ILE I 33 7.38 -26.37 -17.94
CA ILE I 33 7.66 -26.80 -16.58
C ILE I 33 6.42 -27.19 -15.80
N PRO I 34 5.31 -26.43 -15.82
CA PRO I 34 4.14 -26.81 -15.01
C PRO I 34 3.50 -28.13 -15.40
N PHE I 35 3.77 -28.68 -16.59
CA PHE I 35 3.23 -29.98 -16.95
C PHE I 35 4.08 -31.13 -16.43
N PHE I 36 5.39 -30.91 -16.30
CA PHE I 36 6.27 -31.94 -15.76
C PHE I 36 5.92 -32.26 -14.32
N ALA I 37 5.60 -31.24 -13.52
CA ALA I 37 5.22 -31.47 -12.13
C ALA I 37 3.94 -32.30 -12.05
N CYS I 38 2.96 -31.98 -12.91
CA CYS I 38 1.73 -32.75 -12.92
C CYS I 38 1.98 -34.20 -13.33
N TYR I 39 2.85 -34.42 -14.31
CA TYR I 39 3.19 -35.78 -14.70
C TYR I 39 3.86 -36.53 -13.55
N VAL I 40 4.79 -35.87 -12.86
CA VAL I 40 5.52 -36.51 -11.76
C VAL I 40 4.56 -36.89 -10.65
N GLN I 41 3.61 -36.02 -10.34
CA GLN I 41 2.69 -36.33 -9.25
C GLN I 41 1.62 -37.33 -9.66
N LEU I 42 1.24 -37.37 -10.94
CA LEU I 42 0.25 -38.33 -11.39
C LEU I 42 0.85 -39.73 -11.48
N LYS I 43 2.11 -39.85 -11.90
CA LYS I 43 2.74 -41.14 -11.98
C LYS I 43 3.16 -41.69 -10.62
N ARG I 44 3.27 -40.83 -9.61
CA ARG I 44 3.61 -41.26 -8.26
C ARG I 44 2.40 -41.77 -7.49
N SER I 45 1.19 -41.62 -8.03
CA SER I 45 -0.04 -41.97 -7.33
C SER I 45 -0.88 -42.92 -8.15
N GLY I 46 -0.24 -43.67 -9.03
CA GLY I 46 -0.96 -44.70 -9.79
C GLY I 46 -1.65 -44.29 -11.06
N SER I 47 -2.42 -43.21 -11.04
CA SER I 47 -3.26 -42.87 -12.18
C SER I 47 -2.43 -42.41 -13.37
N ILE I 48 -2.20 -43.31 -14.32
CA ILE I 48 -1.58 -43.00 -15.61
C ILE I 48 -0.23 -42.34 -15.45
N SER J 1 -21.75 42.02 -28.87
CA SER J 1 -22.08 41.68 -30.24
C SER J 1 -21.60 40.29 -30.59
N LEU J 2 -21.44 40.02 -31.88
CA LEU J 2 -20.99 38.71 -32.34
C LEU J 2 -19.48 38.59 -32.35
N THR J 3 -18.77 39.62 -31.93
CA THR J 3 -17.31 39.65 -31.88
C THR J 3 -16.83 39.72 -30.42
N ARG J 4 -17.57 39.08 -29.52
CA ARG J 4 -17.21 39.08 -28.11
C ARG J 4 -17.71 37.75 -27.51
N ILE J 5 -16.83 36.76 -27.47
CA ILE J 5 -17.11 35.45 -26.90
C ILE J 5 -16.21 35.27 -25.70
N GLN J 6 -16.79 34.91 -24.55
CA GLN J 6 -16.03 34.85 -23.31
C GLN J 6 -15.98 33.45 -22.70
N GLY J 7 -17.12 32.83 -22.44
CA GLY J 7 -17.10 31.55 -21.76
C GLY J 7 -17.96 30.50 -22.44
N SER J 8 -17.32 29.43 -22.92
CA SER J 8 -18.05 28.36 -23.59
C SER J 8 -17.67 26.96 -23.11
N VAL J 9 -16.62 26.81 -22.31
CA VAL J 9 -16.31 25.49 -21.77
C VAL J 9 -17.07 25.25 -20.47
N LYS J 10 -17.34 26.30 -19.69
CA LYS J 10 -18.10 26.12 -18.47
C LYS J 10 -19.51 25.63 -18.75
N ARG J 11 -20.14 26.19 -19.78
CA ARG J 11 -21.48 25.73 -20.15
C ARG J 11 -21.45 24.29 -20.62
N ARG J 12 -20.41 23.90 -21.36
CA ARG J 12 -20.26 22.52 -21.78
C ARG J 12 -20.14 21.60 -20.58
N ILE J 13 -19.36 22.00 -19.58
CA ILE J 13 -19.20 21.16 -18.39
C ILE J 13 -20.52 21.03 -17.65
N LEU J 14 -21.26 22.12 -17.51
CA LEU J 14 -22.55 22.06 -16.82
C LEU J 14 -23.53 21.18 -17.57
N THR J 15 -23.53 21.23 -18.91
CA THR J 15 -24.46 20.41 -19.66
C THR J 15 -24.05 18.95 -19.69
N ASP J 16 -22.75 18.67 -19.59
CA ASP J 16 -22.28 17.29 -19.54
C ASP J 16 -22.36 16.68 -18.15
N ILE J 17 -22.55 17.49 -17.11
CA ILE J 17 -22.87 16.92 -15.80
C ILE J 17 -24.37 16.83 -15.56
N SER J 18 -25.17 17.63 -16.26
CA SER J 18 -26.61 17.57 -16.14
C SER J 18 -27.24 16.53 -17.05
N VAL J 19 -26.44 15.84 -17.87
CA VAL J 19 -26.93 14.73 -18.67
C VAL J 19 -26.40 13.39 -18.20
N GLY J 20 -25.23 13.35 -17.57
CA GLY J 20 -24.73 12.12 -17.00
C GLY J 20 -25.37 11.72 -15.70
N LEU J 21 -26.10 12.63 -15.07
CA LEU J 21 -26.84 12.32 -13.85
C LEU J 21 -28.31 12.01 -14.12
N THR J 22 -28.94 12.71 -15.07
CA THR J 22 -30.30 12.35 -15.46
C THR J 22 -30.33 10.98 -16.10
N LEU J 23 -29.35 10.68 -16.95
CA LEU J 23 -29.29 9.37 -17.60
C LEU J 23 -29.08 8.27 -16.57
N GLY J 24 -28.19 8.50 -15.60
CA GLY J 24 -27.98 7.51 -14.57
C GLY J 24 -29.20 7.30 -13.70
N PHE J 25 -29.90 8.38 -13.35
CA PHE J 25 -31.11 8.24 -12.57
C PHE J 25 -32.20 7.52 -13.34
N GLY J 26 -32.25 7.70 -14.66
CA GLY J 26 -33.18 6.93 -15.47
C GLY J 26 -32.83 5.47 -15.49
N PHE J 27 -31.54 5.15 -15.64
CA PHE J 27 -31.10 3.76 -15.66
C PHE J 27 -31.20 3.09 -14.29
N ALA J 28 -31.27 3.87 -13.22
CA ALA J 28 -31.39 3.32 -11.88
C ALA J 28 -32.82 3.31 -11.37
N SER J 29 -33.70 4.15 -11.92
CA SER J 29 -35.11 4.10 -11.59
C SER J 29 -35.84 3.01 -12.37
N TYR J 30 -35.16 2.32 -13.28
CA TYR J 30 -35.69 1.11 -13.87
C TYR J 30 -35.34 -0.13 -13.07
N TRP J 31 -34.20 -0.12 -12.39
CA TRP J 31 -33.81 -1.24 -11.55
C TRP J 31 -34.71 -1.39 -10.32
N TRP J 32 -35.32 -0.31 -9.87
CA TRP J 32 -36.08 -0.31 -8.63
C TRP J 32 -37.59 -0.33 -8.83
N TRP J 33 -38.08 0.01 -10.02
CA TRP J 33 -39.51 -0.05 -10.31
C TRP J 33 -39.83 -0.96 -11.49
N GLY J 34 -38.87 -1.74 -11.97
CA GLY J 34 -39.17 -2.69 -13.03
C GLY J 34 -38.50 -4.04 -12.90
N VAL J 35 -37.62 -4.19 -11.92
CA VAL J 35 -36.90 -5.44 -11.73
C VAL J 35 -37.00 -5.88 -10.28
N HIS J 36 -37.28 -4.95 -9.38
CA HIS J 36 -37.34 -5.22 -7.95
C HIS J 36 -38.75 -5.28 -7.40
N LYS J 37 -39.54 -4.22 -7.59
CA LYS J 37 -40.86 -4.17 -6.97
C LYS J 37 -41.80 -5.26 -7.45
N PRO J 38 -41.92 -5.53 -8.75
CA PRO J 38 -42.79 -6.64 -9.18
C PRO J 38 -42.38 -7.99 -8.63
N THR J 39 -41.09 -8.24 -8.42
CA THR J 39 -40.68 -9.51 -7.81
C THR J 39 -41.22 -9.64 -6.40
N VAL J 40 -41.12 -8.57 -5.61
CA VAL J 40 -41.63 -8.60 -4.24
C VAL J 40 -43.14 -8.76 -4.25
N ALA J 41 -43.83 -8.10 -5.18
CA ALA J 41 -45.28 -8.25 -5.28
C ALA J 41 -45.65 -9.68 -5.61
N HIS J 42 -44.94 -10.30 -6.55
CA HIS J 42 -45.21 -11.69 -6.90
C HIS J 42 -44.99 -12.61 -5.71
N ARG J 43 -43.91 -12.41 -4.98
CA ARG J 43 -43.63 -13.24 -3.80
C ARG J 43 -44.74 -13.10 -2.75
N GLU J 44 -45.14 -11.88 -2.46
CA GLU J 44 -46.15 -11.67 -1.43
C GLU J 44 -47.51 -12.19 -1.87
N ASN J 45 -47.84 -12.09 -3.17
CA ASN J 45 -49.07 -12.71 -3.65
C ASN J 45 -49.00 -14.23 -3.53
N TYR J 46 -47.81 -14.81 -3.75
CA TYR J 46 -47.67 -16.25 -3.56
C TYR J 46 -47.93 -16.65 -2.12
N TYR J 47 -47.40 -15.90 -1.16
CA TYR J 47 -47.52 -16.34 0.22
C TYR J 47 -48.92 -16.16 0.79
N ILE J 48 -49.78 -15.36 0.16
CA ILE J 48 -51.14 -15.13 0.64
C ILE J 48 -52.15 -15.99 -0.11
N GLU J 49 -51.68 -16.94 -0.93
CA GLU J 49 -52.56 -17.94 -1.51
C GLU J 49 -52.21 -19.29 -0.91
N LEU J 50 -50.98 -19.42 -0.42
CA LEU J 50 -50.59 -20.63 0.30
C LEU J 50 -51.26 -20.72 1.67
N ALA J 51 -51.55 -19.59 2.30
CA ALA J 51 -52.21 -19.59 3.60
C ALA J 51 -53.70 -19.88 3.49
N LYS J 52 -54.32 -19.47 2.37
CA LYS J 52 -55.73 -19.76 2.18
C LYS J 52 -55.98 -21.24 1.98
N LYS J 53 -55.08 -21.94 1.29
CA LYS J 53 -55.21 -23.38 1.15
C LYS J 53 -55.11 -24.08 2.49
N LYS J 54 -54.17 -23.67 3.33
CA LYS J 54 -54.05 -24.27 4.66
C LYS J 54 -55.26 -23.95 5.53
N LYS J 55 -55.80 -22.73 5.42
CA LYS J 55 -56.98 -22.38 6.19
C LYS J 55 -58.17 -23.25 5.81
N ALA J 56 -58.33 -23.52 4.51
CA ALA J 56 -59.41 -24.39 4.05
C ALA J 56 -58.99 -25.86 4.12
N 1WE K . -2.17 14.11 30.41
CA 1WE K . -2.14 15.12 29.39
C 1WE K . -0.78 15.78 29.40
CB 1WE K . -2.52 14.48 28.07
CG 1WE K . -1.37 14.11 27.13
CD1 1WE K . -0.43 13.18 27.51
CD2 1WE K . -1.25 14.73 25.91
CE1 1WE K . 0.61 12.86 26.67
CE2 1WE K . -0.21 14.41 25.07
CZ 1WE K . 0.72 13.47 25.44
H1 1WE K . -1.37 14.25 31.02
H2 1WE K . -2.08 13.19 30.01
H4 1WE K . -2.88 15.87 29.63
H5 1WE K . -0.61 16.29 28.46
H6 1WE K . -0.01 15.03 29.56
H7 1WE K . -0.75 16.51 30.21
H8 1WE K . -3.17 15.16 27.54
H9 1WE K . -3.05 13.56 28.29
H10 1WE K . -0.53 12.69 28.47
H11 1WE K . -1.99 15.47 25.61
H12 1WE K . 1.33 12.11 26.97
H13 1WE K . -0.13 14.89 24.10
H14 1WE K . 1.54 13.21 24.78
CU CU L . -9.08 -6.94 1.96
FE HEA M . -6.47 -15.85 -10.70
CHA HEA M . -6.49 -18.32 -8.44
CHB HEA M . -8.40 -17.44 -12.66
CHC HEA M . -4.40 -14.92 -13.16
CHD HEA M . -5.27 -13.78 -8.68
NA HEA M . -7.29 -17.58 -10.58
C1A HEA M . -7.24 -18.51 -9.55
C2A HEA M . -8.03 -19.59 -9.86
C3A HEA M . -8.61 -19.37 -11.09
C4A HEA M . -8.17 -18.10 -11.52
CMA HEA M . -9.51 -20.27 -11.79
OMA HEA M . -10.37 -19.82 -12.51
CAA HEA M . -8.24 -20.81 -9.01
CBA HEA M . -9.32 -20.48 -7.98
CGA HEA M . -9.83 -21.75 -7.34
O1A HEA M . -9.79 -21.89 -6.15
O2A HEA M . -10.35 -22.71 -8.12
NB HEA M . -6.36 -16.17 -12.59
C1B HEA M . -7.32 -16.83 -13.28
C2B HEA M . -7.00 -16.87 -14.69
C3B HEA M . -5.86 -16.17 -14.85
C4B HEA M . -5.48 -15.70 -13.52
CMB HEA M . -7.78 -17.57 -15.77
NC HEA M . -5.05 -14.56 -10.89
C1C HEA M . -4.27 -14.24 -11.99
C2C HEA M . -3.40 -13.22 -11.64
C3C HEA M . -3.64 -12.87 -10.33
C4C HEA M . -4.67 -13.68 -9.88
CMC HEA M . -2.38 -12.55 -12.50
CAC HEA M . -2.94 -11.84 -9.55
CBC HEA M . -2.92 -10.58 -9.98
ND HEA M . -5.92 -16.08 -8.88
C1D HEA M . -5.47 -15.03 -8.15
C2D HEA M . -5.17 -15.45 -6.79
C3D HEA M . -5.51 -16.75 -6.70
C4D HEA M . -6.02 -17.12 -8.02
CMD HEA M . -4.60 -14.58 -5.70
CAD HEA M . -5.36 -17.52 -5.41
CBD HEA M . -5.67 -19.01 -5.41
CGD HEA M . -6.37 -19.35 -4.13
O1D HEA M . -5.82 -20.02 -3.30
O2D HEA M . -7.55 -18.81 -3.85
C11 HEA M . -5.24 -15.99 -16.22
O11 HEA M . -6.18 -15.27 -17.04
C12 HEA M . -3.92 -15.22 -16.31
C13 HEA M . -3.90 -14.43 -17.62
C14 HEA M . -3.03 -13.20 -17.45
C15 HEA M . -2.03 -12.99 -18.24
C16 HEA M . -1.21 -11.73 -18.07
C17 HEA M . 0.13 -12.06 -17.39
C18 HEA M . 1.19 -12.29 -18.44
C19 HEA M . 2.33 -11.66 -18.40
C20 HEA M . 2.51 -10.41 -17.57
C21 HEA M . 3.93 -9.89 -17.77
C22 HEA M . 3.90 -8.42 -18.11
C23 HEA M . 5.02 -7.75 -18.15
C24 HEA M . 6.30 -8.36 -17.65
C25 HEA M . 5.02 -6.31 -18.57
C26 HEA M . -1.90 -13.79 -19.51
C27 HEA M . 3.55 -12.28 -19.01
FE HEA N . -9.98 -6.11 -1.53
CHA HEA N . -10.38 -8.85 -0.05
CHB HEA N . -13.23 -5.25 -1.05
CHC HEA N . -9.18 -3.19 -2.33
CHD HEA N . -8.21 -7.51 -4.01
NA HEA N . -11.53 -6.91 -0.72
C1A HEA N . -11.51 -8.13 -0.05
C2A HEA N . -12.74 -8.44 0.47
C3A HEA N . -13.56 -7.37 0.17
C4A HEA N . -12.82 -6.43 -0.55
CMA HEA N . -14.96 -7.24 0.53
OMA HEA N . -15.42 -7.90 1.44
CAA HEA N . -13.08 -9.69 1.22
CBA HEA N . -14.20 -10.48 0.55
CGA HEA N . -14.47 -11.70 1.36
O1A HEA N . -15.55 -11.83 1.90
O2A HEA N . -13.71 -12.79 1.19
NB HEA N . -11.05 -4.52 -1.71
C1B HEA N . -12.35 -4.27 -1.45
C2B HEA N . -12.68 -2.88 -1.68
C3B HEA N . -11.55 -2.28 -2.04
C4B HEA N . -10.52 -3.30 -2.02
CMB HEA N . -14.03 -2.23 -1.53
NC HEA N . -8.89 -5.46 -2.97
C1C HEA N . -8.61 -4.10 -3.15
C2C HEA N . -7.79 -3.95 -4.24
C3C HEA N . -7.50 -5.20 -4.73
C4C HEA N . -8.17 -6.15 -3.95
CMC HEA N . -7.28 -2.65 -4.78
CAC HEA N . -6.63 -5.46 -5.89
CBC HEA N . -5.35 -5.74 -5.71
ND HEA N . -9.45 -7.88 -1.99
C1D HEA N . -8.67 -8.33 -3.01
C2D HEA N . -8.47 -9.77 -2.89
C3D HEA N . -9.08 -10.17 -1.75
C4D HEA N . -9.65 -8.96 -1.19
CMD HEA N . -7.68 -10.63 -3.84
CAD HEA N . -9.23 -11.53 -1.11
CBD HEA N . -8.08 -12.52 -1.29
CGD HEA N . -8.44 -13.79 -0.58
O1D HEA N . -9.50 -13.88 0.00
O2D HEA N . -7.61 -14.84 -0.61
C11 HEA N . -11.43 -0.81 -2.37
O11 HEA N . -10.09 -0.34 -2.12
C12 HEA N . -11.80 -0.55 -3.83
C13 HEA N . -12.70 0.67 -3.89
C14 HEA N . -12.98 1.06 -5.32
C15 HEA N . -13.83 2.02 -5.57
C16 HEA N . -14.16 2.38 -7.00
C17 HEA N . -13.91 3.87 -7.28
C18 HEA N . -15.06 4.72 -6.78
C19 HEA N . -15.60 5.61 -7.56
C20 HEA N . -16.49 6.70 -7.01
C21 HEA N . -16.66 6.55 -5.50
C22 HEA N . -17.84 5.68 -5.20
C23 HEA N . -18.47 5.78 -4.07
C24 HEA N . -17.93 6.72 -3.02
C25 HEA N . -19.54 4.79 -3.70
C26 HEA N . -14.75 2.46 -4.48
C27 HEA N . -15.27 5.61 -9.03
CU1 CUA O . -15.04 -29.23 3.95
CU2 CUA O . -14.30 -30.67 4.55
C1 PTY P . -28.85 -16.35 -21.26
C2 PTY P . -30.31 -23.15 -23.63
C3 PTY P . -29.69 -21.86 -24.16
O4 PTY P . -29.47 -15.06 -20.98
C5 PTY P . -29.96 -18.53 -21.78
C6 PTY P . -29.74 -17.46 -20.70
O7 PTY P . -31.01 -16.92 -20.27
C8 PTY P . -31.18 -16.43 -19.02
O10 PTY P . -31.11 -15.24 -18.85
C11 PTY P . -31.47 -17.35 -17.87
C12 PTY P . -31.99 -16.53 -16.69
C13 PTY P . -33.35 -15.93 -17.07
C14 PTY P . -33.51 -14.57 -16.37
C15 PTY P . -32.99 -13.46 -17.30
C16 PTY P . -31.94 -12.62 -16.55
C17 PTY P . -32.61 -11.79 -15.46
C18 PTY P . -31.53 -11.07 -14.65
C19 PTY P . -32.17 -10.17 -13.58
C20 PTY P . -31.11 -9.79 -12.55
C21 PTY P . -29.72 -9.76 -13.20
C22 PTY P . -28.67 -9.38 -12.17
C23 PTY P . -27.27 -9.45 -12.81
C24 PTY P . -26.21 -9.08 -11.77
C30 PTY P . -28.71 -13.96 -20.93
C31 PTY P . -29.35 -12.63 -20.63
O30 PTY P . -27.52 -14.03 -21.11
C32 PTY P . -28.28 -11.59 -20.28
C33 PTY P . -28.91 -10.20 -20.26
C34 PTY P . -28.13 -9.30 -19.29
C35 PTY P . -28.43 -9.73 -17.85
C36 PTY P . -27.85 -8.69 -16.89
C37 PTY P . -28.43 -7.31 -17.21
C38 PTY P . -27.98 -6.30 -16.16
C39 PTY P . -28.41 -4.90 -16.56
C40 PTY P . -29.93 -4.88 -16.80
P1 PTY P . -28.62 -19.86 -23.36
O11 PTY P . -29.95 -20.77 -23.28
O12 PTY P . -27.44 -20.56 -22.52
O13 PTY P . -28.20 -19.74 -24.76
O14 PTY P . -28.90 -18.40 -22.74
N1 PTY P . -29.46 -24.29 -23.98
C1 PTY Q . 25.69 -2.50 5.45
C2 PTY Q . 28.89 1.95 2.11
C3 PTY Q . 27.96 1.07 1.28
O4 PTY Q . 25.03 -3.78 5.62
C5 PTY Q . 25.40 -0.69 3.79
C6 PTY Q . 24.71 -1.47 4.90
O7 PTY Q . 24.33 -0.58 5.98
C8 PTY Q . 23.07 -0.19 6.18
O10 PTY Q . 22.80 0.99 6.19
C11 PTY Q . 21.95 -1.19 6.39
C12 PTY Q . 21.75 -1.48 7.87
C13 PTY Q . 21.22 -2.89 8.03
C14 PTY Q . 22.21 -3.88 7.38
C15 PTY Q . 21.46 -5.09 6.82
C16 PTY Q . 21.09 -6.06 7.95
C17 PTY Q . 20.16 -7.15 7.41
C18 PTY Q . 19.12 -7.49 8.48
C19 PTY Q . 18.02 -8.36 7.88
C30 PTY Q . 25.75 -4.91 5.61
C31 PTY Q . 25.08 -6.25 5.78
O30 PTY Q . 26.94 -4.85 5.47
C32 PTY Q . 23.92 -6.37 4.79
C33 PTY Q . 23.68 -7.84 4.47
C34 PTY Q . 23.15 -8.53 5.72
C35 PTY Q . 22.76 -9.98 5.39
C36 PTY Q . 21.41 -9.99 4.67
C37 PTY Q . 20.72 -11.33 4.94
C38 PTY Q . 19.41 -11.40 4.15
P1 PTY Q . 26.36 -0.76 1.53
O11 PTY Q . 26.90 0.63 2.14
O12 PTY Q . 25.47 -0.48 0.23
O13 PTY Q . 27.50 -1.60 1.17
O14 PTY Q . 25.47 -1.52 2.64
N1 PTY Q . 29.09 3.23 1.44
C1 PTY R . 31.50 0.45 9.97
C2 PTY R . 36.50 5.79 11.28
C3 PTY R . 35.20 5.54 10.51
O4 PTY R . 30.70 -0.30 10.92
C5 PTY R . 31.28 2.94 9.77
C6 PTY R . 30.65 1.59 9.41
O7 PTY R . 29.31 1.51 9.98
C8 PTY R . 28.23 1.79 9.23
O10 PTY R . 28.34 2.47 8.26
C11 PTY R . 26.90 1.21 9.62
C12 PTY R . 27.04 -0.30 9.73
C13 PTY R . 25.70 -0.97 10.02
C14 PTY R . 25.94 -2.48 10.00
C15 PTY R . 24.67 -3.24 10.39
C16 PTY R . 24.98 -4.74 10.35
C17 PTY R . 23.73 -5.55 10.73
C18 PTY R . 24.09 -7.03 10.74
C19 PTY R . 22.88 -7.86 11.17
C20 PTY R . 22.29 -8.57 9.94
C21 PTY R . 21.26 -9.60 10.40
C22 PTY R . 20.20 -8.92 11.27
C30 PTY R . 30.98 -1.58 11.18
C31 PTY R . 30.20 -2.31 12.24
O30 PTY R . 31.84 -2.16 10.56
C32 PTY R . 30.38 -3.82 12.12
C33 PTY R . 29.18 -4.52 12.77
C34 PTY R . 29.29 -6.03 12.57
C35 PTY R . 28.10 -6.73 13.23
C36 PTY R . 28.09 -8.19 12.82
C37 PTY R . 26.99 -8.95 13.57
C38 PTY R . 26.76 -10.29 12.89
C39 PTY R . 25.93 -11.20 13.81
C40 PTY R . 26.86 -11.85 14.84
C41 PTY R . 26.09 -12.93 15.61
P1 PTY R . 33.21 4.19 10.54
O11 PTY R . 34.80 4.18 10.66
O12 PTY R . 32.57 4.56 11.97
O13 PTY R . 32.82 5.21 9.55
O14 PTY R . 32.66 2.76 10.06
N1 PTY R . 37.31 6.79 10.57
ZN ZN S . 10.08 28.63 -18.63
C1 PTY T . -10.49 3.87 -32.16
C2 PTY T . -8.40 9.03 -38.20
C3 PTY T . -8.15 8.63 -36.74
O4 PTY T . -10.66 4.94 -31.21
C5 PTY T . -8.77 5.35 -33.20
C6 PTY T . -9.08 3.92 -32.75
O7 PTY T . -8.99 3.00 -33.86
C8 PTY T . -8.45 1.79 -33.66
O10 PTY T . -7.95 1.52 -32.59
C11 PTY T . -8.47 0.75 -34.75
C12 PTY T . -9.84 0.07 -34.79
C13 PTY T . -9.67 -1.44 -34.70
C14 PTY T . -11.00 -2.08 -34.30
C15 PTY T . -10.75 -3.54 -33.92
C16 PTY T . -11.94 -4.06 -33.13
C17 PTY T . -11.75 -5.54 -32.83
C18 PTY T . -13.07 -6.13 -32.31
C19 PTY T . -14.11 -6.11 -33.42
C30 PTY T . -11.22 4.70 -30.02
C31 PTY T . -10.62 3.68 -29.10
O30 PTY T . -12.21 5.31 -29.67
C32 PTY T . -11.31 3.71 -27.74
C33 PTY T . -10.58 2.76 -26.80
C34 PTY T . -11.52 2.33 -25.67
C35 PTY T . -10.90 1.14 -24.94
C36 PTY T . -11.96 0.51 -24.03
C37 PTY T . -12.73 1.61 -23.30
P1 PTY T . -8.46 7.01 -34.95
O11 PTY T . -8.64 7.30 -36.52
O12 PTY T . -6.90 7.19 -34.57
O13 PTY T . -9.26 7.97 -34.17
O14 PTY T . -8.94 5.51 -34.61
N1 PTY T . -7.11 9.37 -38.84
C1 PTY U . -15.14 24.94 -13.98
C2 PTY U . -8.81 28.45 -14.22
C3 PTY U . -10.13 28.38 -14.97
O4 PTY U . -15.97 24.56 -12.86
C5 PTY U . -12.75 25.59 -14.01
C6 PTY U . -13.71 24.46 -13.71
O7 PTY U . -13.42 23.33 -14.57
C8 PTY U . -12.72 22.29 -14.10
O10 PTY U . -12.21 22.37 -13.01
C11 PTY U . -12.54 21.05 -14.93
C12 PTY U . -13.84 20.25 -14.94
C13 PTY U . -13.66 19.03 -15.84
C14 PTY U . -15.01 18.33 -16.03
C15 PTY U . -15.32 17.48 -14.80
C16 PTY U . -15.63 16.05 -15.23
C17 PTY U . -15.69 15.16 -13.99
C18 PTY U . -17.08 15.28 -13.37
C19 PTY U . -17.02 14.98 -11.88
C20 PTY U . -18.44 14.99 -11.30
C21 PTY U . -18.39 14.86 -9.78
C22 PTY U . -19.77 14.44 -9.27
C30 PTY U . -17.27 24.30 -13.06
C31 PTY U . -18.11 23.72 -11.94
O30 PTY U . -17.78 24.52 -14.13
C32 PTY U . -19.44 23.23 -12.49
C33 PTY U . -20.52 23.36 -11.42
C34 PTY U . -20.52 22.13 -10.51
C35 PTY U . -21.77 22.17 -9.63
C36 PTY U . -21.95 20.81 -8.94
C37 PTY U . -23.37 20.71 -8.38
C38 PTY U . -23.63 19.29 -7.89
C39 PTY U . -25.14 19.09 -7.71
C40 PTY U . -25.42 17.62 -7.37
C41 PTY U . -26.92 17.38 -7.35
P1 PTY U . -12.25 27.96 -13.81
O11 PTY U . -10.92 27.31 -14.46
O12 PTY U . -11.87 28.70 -12.43
O13 PTY U . -12.81 28.95 -14.76
O14 PTY U . -13.33 26.80 -13.54
N1 PTY U . -8.02 29.58 -14.72
#